data_3CR6
# 
_entry.id   3CR6 
# 
_audit_conform.dict_name       mmcif_pdbx.dic 
_audit_conform.dict_version    5.398 
_audit_conform.dict_location   http://mmcif.pdb.org/dictionaries/ascii/mmcif_pdbx.dic 
# 
loop_
_database_2.database_id 
_database_2.database_code 
_database_2.pdbx_database_accession 
_database_2.pdbx_DOI 
PDB   3CR6         pdb_00003cr6 10.2210/pdb3cr6/pdb 
RCSB  RCSB047114   ?            ?                   
WWPDB D_1000047114 ?            ?                   
# 
loop_
_pdbx_audit_revision_history.ordinal 
_pdbx_audit_revision_history.data_content_type 
_pdbx_audit_revision_history.major_revision 
_pdbx_audit_revision_history.minor_revision 
_pdbx_audit_revision_history.revision_date 
1 'Structure model' 1 0 2009-03-17 
2 'Structure model' 1 1 2011-07-13 
3 'Structure model' 1 2 2016-12-28 
4 'Structure model' 1 3 2017-10-25 
5 'Structure model' 1 4 2021-10-20 
6 'Structure model' 1 5 2023-08-30 
7 'Structure model' 1 6 2024-11-13 
# 
_pdbx_audit_revision_details.ordinal             1 
_pdbx_audit_revision_details.revision_ordinal    1 
_pdbx_audit_revision_details.data_content_type   'Structure model' 
_pdbx_audit_revision_details.provider            repository 
_pdbx_audit_revision_details.type                'Initial release' 
_pdbx_audit_revision_details.description         ? 
_pdbx_audit_revision_details.details             ? 
# 
loop_
_pdbx_audit_revision_group.ordinal 
_pdbx_audit_revision_group.revision_ordinal 
_pdbx_audit_revision_group.data_content_type 
_pdbx_audit_revision_group.group 
1 2 'Structure model' 'Version format compliance' 
2 3 'Structure model' 'Structure summary'         
3 4 'Structure model' 'Refinement description'    
4 5 'Structure model' 'Database references'       
5 5 'Structure model' 'Derived calculations'      
6 6 'Structure model' 'Data collection'           
7 6 'Structure model' 'Refinement description'    
8 7 'Structure model' 'Structure summary'         
# 
loop_
_pdbx_audit_revision_category.ordinal 
_pdbx_audit_revision_category.revision_ordinal 
_pdbx_audit_revision_category.data_content_type 
_pdbx_audit_revision_category.category 
1  4 'Structure model' software                      
2  5 'Structure model' database_2                    
3  5 'Structure model' struct_conn                   
4  5 'Structure model' struct_ref_seq_dif            
5  5 'Structure model' struct_site                   
6  6 'Structure model' chem_comp_atom                
7  6 'Structure model' chem_comp_bond                
8  6 'Structure model' pdbx_initial_refinement_model 
9  7 'Structure model' pdbx_entry_details            
10 7 'Structure model' pdbx_modification_feature     
# 
loop_
_pdbx_audit_revision_item.ordinal 
_pdbx_audit_revision_item.revision_ordinal 
_pdbx_audit_revision_item.data_content_type 
_pdbx_audit_revision_item.item 
1 5 'Structure model' '_database_2.pdbx_DOI'                
2 5 'Structure model' '_database_2.pdbx_database_accession' 
3 5 'Structure model' '_struct_conn.pdbx_leaving_atom_flag' 
4 5 'Structure model' '_struct_ref_seq_dif.details'         
5 5 'Structure model' '_struct_site.pdbx_auth_asym_id'      
6 5 'Structure model' '_struct_site.pdbx_auth_comp_id'      
7 5 'Structure model' '_struct_site.pdbx_auth_seq_id'       
# 
_pdbx_database_status.entry_id                        3CR6 
_pdbx_database_status.deposit_site                    RCSB 
_pdbx_database_status.process_site                    RCSB 
_pdbx_database_status.recvd_initial_deposition_date   2008-04-04 
_pdbx_database_status.status_code                     REL 
_pdbx_database_status.status_code_sf                  REL 
_pdbx_database_status.status_code_mr                  ? 
_pdbx_database_status.SG_entry                        ? 
_pdbx_database_status.status_code_cs                  ? 
_pdbx_database_status.methods_development_category    ? 
_pdbx_database_status.pdb_format_compatible           Y 
_pdbx_database_status.status_code_nmr_data            ? 
# 
loop_
_audit_author.name 
_audit_author.pdbx_ordinal 
'Jia, X.'      1 
'Geiger, J.H.' 2 
# 
loop_
_citation.id 
_citation.title 
_citation.journal_abbrev 
_citation.journal_volume 
_citation.page_first 
_citation.page_last 
_citation.year 
_citation.journal_id_ASTM 
_citation.country 
_citation.journal_id_ISSN 
_citation.journal_id_CSD 
_citation.book_publisher 
_citation.pdbx_database_id_PubMed 
_citation.pdbx_database_id_DOI 
primary 
;Two distinctive orientations of binding determined by a 
single mutation in the CRABPII mutant-C15-aldehyde complexes
;
'To be Published' ? ? ? ? ? ? ? 0353 ? ? ? 
1       
;Protein engineering: wavelength regulation 
mechanism investigated in a rhodopsin mimic
;
'To be Published' ? ? ? ? ? ? ? 0353 ? ? ? 
# 
loop_
_citation_author.citation_id 
_citation_author.name 
_citation_author.ordinal 
_citation_author.identifier_ORCID 
primary 'Jia, X.'       1  ? 
primary 'Lee, K.S.'     2  ? 
primary 'Vasileiou, C.' 3  ? 
primary 'Borhan, B.'    4  ? 
primary 'Geiger, J.H.'  5  ? 
1       'Lee, K.S.'     6  ? 
1       'Jia, X.'       7  ? 
1       'Vasileiou, C.' 8  ? 
1       'Geiger, J.H.'  9  ? 
1       'Borhan, B.'    10 ? 
# 
loop_
_entity.id 
_entity.type 
_entity.src_method 
_entity.pdbx_description 
_entity.formula_weight 
_entity.pdbx_number_of_molecules 
_entity.pdbx_ec 
_entity.pdbx_mutation 
_entity.pdbx_fragment 
_entity.details 
1 polymer     man 'Cellular retinoic acid-binding protein 2'                           15567.790 1   ? 'R132K, R111L, A32E' ? ? 
2 non-polymer syn '1,3,3-trimethyl-2-[(1E,3E)-3-methylpenta-1,3-dien-1-yl]cyclohexene' 204.351   1   ? ?                    ? ? 
3 water       nat water                                                                18.015    310 ? ?                    ? ? 
# 
_entity_name_com.entity_id   1 
_entity_name_com.name        'Cellular retinoic acid- binding protein II, CRABP-II, Retinoic acid-binding protein II, cellular' 
# 
_entity_poly.entity_id                      1 
_entity_poly.type                           'polypeptide(L)' 
_entity_poly.nstd_linkage                   no 
_entity_poly.nstd_monomer                   no 
_entity_poly.pdbx_seq_one_letter_code       
;PNFSGNWKIIRSENFEELLKVLGVNVMLRKIEVAAASKPAVEIKQEGDTFYIKTSTTVRTTEINFKVGEEFEEQTVDGRP
CKSLVKWESENKMVCEQKLLKGEGPKTSWTLELTNDGELILTMTADDVVCTKVYVRE
;
_entity_poly.pdbx_seq_one_letter_code_can   
;PNFSGNWKIIRSENFEELLKVLGVNVMLRKIEVAAASKPAVEIKQEGDTFYIKTSTTVRTTEINFKVGEEFEEQTVDGRP
CKSLVKWESENKMVCEQKLLKGEGPKTSWTLELTNDGELILTMTADDVVCTKVYVRE
;
_entity_poly.pdbx_strand_id                 A 
_entity_poly.pdbx_target_identifier         ? 
# 
loop_
_pdbx_entity_nonpoly.entity_id 
_pdbx_entity_nonpoly.name 
_pdbx_entity_nonpoly.comp_id 
2 '1,3,3-trimethyl-2-[(1E,3E)-3-methylpenta-1,3-dien-1-yl]cyclohexene' LSR 
3 water                                                                HOH 
# 
loop_
_entity_poly_seq.entity_id 
_entity_poly_seq.num 
_entity_poly_seq.mon_id 
_entity_poly_seq.hetero 
1 1   PRO n 
1 2   ASN n 
1 3   PHE n 
1 4   SER n 
1 5   GLY n 
1 6   ASN n 
1 7   TRP n 
1 8   LYS n 
1 9   ILE n 
1 10  ILE n 
1 11  ARG n 
1 12  SER n 
1 13  GLU n 
1 14  ASN n 
1 15  PHE n 
1 16  GLU n 
1 17  GLU n 
1 18  LEU n 
1 19  LEU n 
1 20  LYS n 
1 21  VAL n 
1 22  LEU n 
1 23  GLY n 
1 24  VAL n 
1 25  ASN n 
1 26  VAL n 
1 27  MET n 
1 28  LEU n 
1 29  ARG n 
1 30  LYS n 
1 31  ILE n 
1 32  GLU n 
1 33  VAL n 
1 34  ALA n 
1 35  ALA n 
1 36  ALA n 
1 37  SER n 
1 38  LYS n 
1 39  PRO n 
1 40  ALA n 
1 41  VAL n 
1 42  GLU n 
1 43  ILE n 
1 44  LYS n 
1 45  GLN n 
1 46  GLU n 
1 47  GLY n 
1 48  ASP n 
1 49  THR n 
1 50  PHE n 
1 51  TYR n 
1 52  ILE n 
1 53  LYS n 
1 54  THR n 
1 55  SER n 
1 56  THR n 
1 57  THR n 
1 58  VAL n 
1 59  ARG n 
1 60  THR n 
1 61  THR n 
1 62  GLU n 
1 63  ILE n 
1 64  ASN n 
1 65  PHE n 
1 66  LYS n 
1 67  VAL n 
1 68  GLY n 
1 69  GLU n 
1 70  GLU n 
1 71  PHE n 
1 72  GLU n 
1 73  GLU n 
1 74  GLN n 
1 75  THR n 
1 76  VAL n 
1 77  ASP n 
1 78  GLY n 
1 79  ARG n 
1 80  PRO n 
1 81  CYS n 
1 82  LYS n 
1 83  SER n 
1 84  LEU n 
1 85  VAL n 
1 86  LYS n 
1 87  TRP n 
1 88  GLU n 
1 89  SER n 
1 90  GLU n 
1 91  ASN n 
1 92  LYS n 
1 93  MET n 
1 94  VAL n 
1 95  CYS n 
1 96  GLU n 
1 97  GLN n 
1 98  LYS n 
1 99  LEU n 
1 100 LEU n 
1 101 LYS n 
1 102 GLY n 
1 103 GLU n 
1 104 GLY n 
1 105 PRO n 
1 106 LYS n 
1 107 THR n 
1 108 SER n 
1 109 TRP n 
1 110 THR n 
1 111 LEU n 
1 112 GLU n 
1 113 LEU n 
1 114 THR n 
1 115 ASN n 
1 116 ASP n 
1 117 GLY n 
1 118 GLU n 
1 119 LEU n 
1 120 ILE n 
1 121 LEU n 
1 122 THR n 
1 123 MET n 
1 124 THR n 
1 125 ALA n 
1 126 ASP n 
1 127 ASP n 
1 128 VAL n 
1 129 VAL n 
1 130 CYS n 
1 131 THR n 
1 132 LYS n 
1 133 VAL n 
1 134 TYR n 
1 135 VAL n 
1 136 ARG n 
1 137 GLU n 
# 
_entity_src_gen.entity_id                          1 
_entity_src_gen.pdbx_src_id                        1 
_entity_src_gen.pdbx_alt_source_flag               sample 
_entity_src_gen.pdbx_seq_type                      ? 
_entity_src_gen.pdbx_beg_seq_num                   ? 
_entity_src_gen.pdbx_end_seq_num                   ? 
_entity_src_gen.gene_src_common_name               Human 
_entity_src_gen.gene_src_genus                     ? 
_entity_src_gen.pdbx_gene_src_gene                 CRABP2 
_entity_src_gen.gene_src_species                   ? 
_entity_src_gen.gene_src_strain                    ? 
_entity_src_gen.gene_src_tissue                    ? 
_entity_src_gen.gene_src_tissue_fraction           ? 
_entity_src_gen.gene_src_details                   ? 
_entity_src_gen.pdbx_gene_src_fragment             ? 
_entity_src_gen.pdbx_gene_src_scientific_name      'Homo sapiens' 
_entity_src_gen.pdbx_gene_src_ncbi_taxonomy_id     9606 
_entity_src_gen.pdbx_gene_src_variant              ? 
_entity_src_gen.pdbx_gene_src_cell_line            ? 
_entity_src_gen.pdbx_gene_src_atcc                 ? 
_entity_src_gen.pdbx_gene_src_organ                ? 
_entity_src_gen.pdbx_gene_src_organelle            ? 
_entity_src_gen.pdbx_gene_src_cell                 ? 
_entity_src_gen.pdbx_gene_src_cellular_location    ? 
_entity_src_gen.host_org_common_name               ? 
_entity_src_gen.pdbx_host_org_scientific_name      'Escherichia coli' 
_entity_src_gen.pdbx_host_org_ncbi_taxonomy_id     562 
_entity_src_gen.host_org_genus                     ? 
_entity_src_gen.pdbx_host_org_gene                 ? 
_entity_src_gen.pdbx_host_org_organ                ? 
_entity_src_gen.host_org_species                   ? 
_entity_src_gen.pdbx_host_org_tissue               ? 
_entity_src_gen.pdbx_host_org_tissue_fraction      ? 
_entity_src_gen.pdbx_host_org_strain               'BL21(DE3)pLysS' 
_entity_src_gen.pdbx_host_org_variant              ? 
_entity_src_gen.pdbx_host_org_cell_line            ? 
_entity_src_gen.pdbx_host_org_atcc                 ? 
_entity_src_gen.pdbx_host_org_culture_collection   ? 
_entity_src_gen.pdbx_host_org_cell                 ? 
_entity_src_gen.pdbx_host_org_organelle            ? 
_entity_src_gen.pdbx_host_org_cellular_location    ? 
_entity_src_gen.pdbx_host_org_vector_type          plasmid 
_entity_src_gen.pdbx_host_org_vector               ? 
_entity_src_gen.host_org_details                   ? 
_entity_src_gen.expression_system_id               ? 
_entity_src_gen.plasmid_name                       CRABPII-pET17b-KL-A32E 
_entity_src_gen.plasmid_details                    ? 
_entity_src_gen.pdbx_description                   ? 
# 
loop_
_chem_comp.id 
_chem_comp.type 
_chem_comp.mon_nstd_flag 
_chem_comp.name 
_chem_comp.pdbx_synonyms 
_chem_comp.formula 
_chem_comp.formula_weight 
ALA 'L-peptide linking' y ALANINE                                                              ? 'C3 H7 N O2'     89.093  
ARG 'L-peptide linking' y ARGININE                                                             ? 'C6 H15 N4 O2 1' 175.209 
ASN 'L-peptide linking' y ASPARAGINE                                                           ? 'C4 H8 N2 O3'    132.118 
ASP 'L-peptide linking' y 'ASPARTIC ACID'                                                      ? 'C4 H7 N O4'     133.103 
CYS 'L-peptide linking' y CYSTEINE                                                             ? 'C3 H7 N O2 S'   121.158 
GLN 'L-peptide linking' y GLUTAMINE                                                            ? 'C5 H10 N2 O3'   146.144 
GLU 'L-peptide linking' y 'GLUTAMIC ACID'                                                      ? 'C5 H9 N O4'     147.129 
GLY 'peptide linking'   y GLYCINE                                                              ? 'C2 H5 N O2'     75.067  
HOH non-polymer         . WATER                                                                ? 'H2 O'           18.015  
ILE 'L-peptide linking' y ISOLEUCINE                                                           ? 'C6 H13 N O2'    131.173 
LEU 'L-peptide linking' y LEUCINE                                                              ? 'C6 H13 N O2'    131.173 
LSR non-polymer         . '1,3,3-trimethyl-2-[(1E,3E)-3-methylpenta-1,3-dien-1-yl]cyclohexene' ? 'C15 H24'        204.351 
LYS 'L-peptide linking' y LYSINE                                                               ? 'C6 H15 N2 O2 1' 147.195 
MET 'L-peptide linking' y METHIONINE                                                           ? 'C5 H11 N O2 S'  149.211 
PHE 'L-peptide linking' y PHENYLALANINE                                                        ? 'C9 H11 N O2'    165.189 
PRO 'L-peptide linking' y PROLINE                                                              ? 'C5 H9 N O2'     115.130 
SER 'L-peptide linking' y SERINE                                                               ? 'C3 H7 N O3'     105.093 
THR 'L-peptide linking' y THREONINE                                                            ? 'C4 H9 N O3'     119.119 
TRP 'L-peptide linking' y TRYPTOPHAN                                                           ? 'C11 H12 N2 O2'  204.225 
TYR 'L-peptide linking' y TYROSINE                                                             ? 'C9 H11 N O3'    181.189 
VAL 'L-peptide linking' y VALINE                                                               ? 'C5 H11 N O2'    117.146 
# 
loop_
_pdbx_poly_seq_scheme.asym_id 
_pdbx_poly_seq_scheme.entity_id 
_pdbx_poly_seq_scheme.seq_id 
_pdbx_poly_seq_scheme.mon_id 
_pdbx_poly_seq_scheme.ndb_seq_num 
_pdbx_poly_seq_scheme.pdb_seq_num 
_pdbx_poly_seq_scheme.auth_seq_num 
_pdbx_poly_seq_scheme.pdb_mon_id 
_pdbx_poly_seq_scheme.auth_mon_id 
_pdbx_poly_seq_scheme.pdb_strand_id 
_pdbx_poly_seq_scheme.pdb_ins_code 
_pdbx_poly_seq_scheme.hetero 
A 1 1   PRO 1   1   1   PRO PRO A . n 
A 1 2   ASN 2   2   2   ASN ASN A . n 
A 1 3   PHE 3   3   3   PHE PHE A . n 
A 1 4   SER 4   4   4   SER SER A . n 
A 1 5   GLY 5   5   5   GLY GLY A . n 
A 1 6   ASN 6   6   6   ASN ASN A . n 
A 1 7   TRP 7   7   7   TRP TRP A . n 
A 1 8   LYS 8   8   8   LYS LYS A . n 
A 1 9   ILE 9   9   9   ILE ILE A . n 
A 1 10  ILE 10  10  10  ILE ILE A . n 
A 1 11  ARG 11  11  11  ARG ARG A . n 
A 1 12  SER 12  12  12  SER SER A . n 
A 1 13  GLU 13  13  13  GLU GLU A . n 
A 1 14  ASN 14  14  14  ASN ASN A . n 
A 1 15  PHE 15  15  15  PHE PHE A . n 
A 1 16  GLU 16  16  16  GLU GLU A . n 
A 1 17  GLU 17  17  17  GLU GLU A . n 
A 1 18  LEU 18  18  18  LEU LEU A . n 
A 1 19  LEU 19  19  19  LEU LEU A . n 
A 1 20  LYS 20  20  20  LYS LYS A . n 
A 1 21  VAL 21  21  21  VAL VAL A . n 
A 1 22  LEU 22  22  22  LEU LEU A . n 
A 1 23  GLY 23  23  23  GLY GLY A . n 
A 1 24  VAL 24  24  24  VAL VAL A . n 
A 1 25  ASN 25  25  25  ASN ASN A . n 
A 1 26  VAL 26  26  26  VAL VAL A . n 
A 1 27  MET 27  27  27  MET MET A . n 
A 1 28  LEU 28  28  28  LEU LEU A . n 
A 1 29  ARG 29  29  29  ARG ARG A . n 
A 1 30  LYS 30  30  30  LYS LYS A . n 
A 1 31  ILE 31  31  31  ILE ILE A . n 
A 1 32  GLU 32  32  32  GLU GLU A . n 
A 1 33  VAL 33  33  33  VAL VAL A . n 
A 1 34  ALA 34  34  34  ALA ALA A . n 
A 1 35  ALA 35  35  35  ALA ALA A . n 
A 1 36  ALA 36  36  36  ALA ALA A . n 
A 1 37  SER 37  37  37  SER SER A . n 
A 1 38  LYS 38  38  38  LYS LYS A . n 
A 1 39  PRO 39  39  39  PRO PRO A . n 
A 1 40  ALA 40  40  40  ALA ALA A . n 
A 1 41  VAL 41  41  41  VAL VAL A . n 
A 1 42  GLU 42  42  42  GLU GLU A . n 
A 1 43  ILE 43  43  43  ILE ILE A . n 
A 1 44  LYS 44  44  44  LYS LYS A . n 
A 1 45  GLN 45  45  45  GLN GLN A . n 
A 1 46  GLU 46  46  46  GLU GLU A . n 
A 1 47  GLY 47  47  47  GLY GLY A . n 
A 1 48  ASP 48  48  48  ASP ASP A . n 
A 1 49  THR 49  49  49  THR THR A . n 
A 1 50  PHE 50  50  50  PHE PHE A . n 
A 1 51  TYR 51  51  51  TYR TYR A . n 
A 1 52  ILE 52  52  52  ILE ILE A . n 
A 1 53  LYS 53  53  53  LYS LYS A . n 
A 1 54  THR 54  54  54  THR THR A . n 
A 1 55  SER 55  55  55  SER SER A . n 
A 1 56  THR 56  56  56  THR THR A . n 
A 1 57  THR 57  57  57  THR THR A . n 
A 1 58  VAL 58  58  58  VAL VAL A . n 
A 1 59  ARG 59  59  59  ARG ARG A . n 
A 1 60  THR 60  60  60  THR THR A . n 
A 1 61  THR 61  61  61  THR THR A . n 
A 1 62  GLU 62  62  62  GLU GLU A . n 
A 1 63  ILE 63  63  63  ILE ILE A . n 
A 1 64  ASN 64  64  64  ASN ASN A . n 
A 1 65  PHE 65  65  65  PHE PHE A . n 
A 1 66  LYS 66  66  66  LYS LYS A . n 
A 1 67  VAL 67  67  67  VAL VAL A . n 
A 1 68  GLY 68  68  68  GLY GLY A . n 
A 1 69  GLU 69  69  69  GLU GLU A . n 
A 1 70  GLU 70  70  70  GLU GLU A . n 
A 1 71  PHE 71  71  71  PHE PHE A . n 
A 1 72  GLU 72  72  72  GLU GLU A . n 
A 1 73  GLU 73  73  73  GLU GLU A . n 
A 1 74  GLN 74  74  74  GLN GLN A . n 
A 1 75  THR 75  75  75  THR THR A . n 
A 1 76  VAL 76  76  76  VAL VAL A . n 
A 1 77  ASP 77  77  77  ASP ASP A . n 
A 1 78  GLY 78  78  78  GLY GLY A . n 
A 1 79  ARG 79  79  79  ARG ARG A . n 
A 1 80  PRO 80  80  80  PRO PRO A . n 
A 1 81  CYS 81  81  81  CYS CYS A . n 
A 1 82  LYS 82  82  82  LYS LYS A . n 
A 1 83  SER 83  83  83  SER SER A . n 
A 1 84  LEU 84  84  84  LEU LEU A . n 
A 1 85  VAL 85  85  85  VAL VAL A . n 
A 1 86  LYS 86  86  86  LYS LYS A . n 
A 1 87  TRP 87  87  87  TRP TRP A . n 
A 1 88  GLU 88  88  88  GLU GLU A . n 
A 1 89  SER 89  89  89  SER SER A . n 
A 1 90  GLU 90  90  90  GLU GLU A . n 
A 1 91  ASN 91  91  91  ASN ASN A . n 
A 1 92  LYS 92  92  92  LYS LYS A . n 
A 1 93  MET 93  93  93  MET MET A . n 
A 1 94  VAL 94  94  94  VAL VAL A . n 
A 1 95  CYS 95  95  95  CYS CYS A . n 
A 1 96  GLU 96  96  96  GLU GLU A . n 
A 1 97  GLN 97  97  97  GLN GLN A . n 
A 1 98  LYS 98  98  98  LYS LYS A . n 
A 1 99  LEU 99  99  99  LEU LEU A . n 
A 1 100 LEU 100 100 100 LEU LEU A . n 
A 1 101 LYS 101 101 101 LYS LYS A . n 
A 1 102 GLY 102 102 102 GLY GLY A . n 
A 1 103 GLU 103 103 103 GLU GLU A . n 
A 1 104 GLY 104 104 104 GLY GLY A . n 
A 1 105 PRO 105 105 105 PRO PRO A . n 
A 1 106 LYS 106 106 106 LYS LYS A . n 
A 1 107 THR 107 107 107 THR THR A . n 
A 1 108 SER 108 108 108 SER SER A . n 
A 1 109 TRP 109 109 109 TRP TRP A . n 
A 1 110 THR 110 110 110 THR THR A . n 
A 1 111 LEU 111 111 111 LEU LEU A . n 
A 1 112 GLU 112 112 112 GLU GLU A . n 
A 1 113 LEU 113 113 113 LEU LEU A . n 
A 1 114 THR 114 114 114 THR THR A . n 
A 1 115 ASN 115 115 115 ASN ASN A . n 
A 1 116 ASP 116 116 116 ASP ASP A . n 
A 1 117 GLY 117 117 117 GLY GLY A . n 
A 1 118 GLU 118 118 118 GLU GLU A . n 
A 1 119 LEU 119 119 119 LEU LEU A . n 
A 1 120 ILE 120 120 120 ILE ILE A . n 
A 1 121 LEU 121 121 121 LEU LEU A . n 
A 1 122 THR 122 122 122 THR THR A . n 
A 1 123 MET 123 123 123 MET MET A . n 
A 1 124 THR 124 124 124 THR THR A . n 
A 1 125 ALA 125 125 125 ALA ALA A . n 
A 1 126 ASP 126 126 126 ASP ASP A . n 
A 1 127 ASP 127 127 127 ASP ASP A . n 
A 1 128 VAL 128 128 128 VAL VAL A . n 
A 1 129 VAL 129 129 129 VAL VAL A . n 
A 1 130 CYS 130 130 130 CYS CYS A . n 
A 1 131 THR 131 131 131 THR THR A . n 
A 1 132 LYS 132 132 132 LYS LYS A . n 
A 1 133 VAL 133 133 133 VAL VAL A . n 
A 1 134 TYR 134 134 134 TYR TYR A . n 
A 1 135 VAL 135 135 135 VAL VAL A . n 
A 1 136 ARG 136 136 136 ARG ARG A . n 
A 1 137 GLU 137 137 137 GLU GLU A . n 
# 
loop_
_pdbx_nonpoly_scheme.asym_id 
_pdbx_nonpoly_scheme.entity_id 
_pdbx_nonpoly_scheme.mon_id 
_pdbx_nonpoly_scheme.ndb_seq_num 
_pdbx_nonpoly_scheme.pdb_seq_num 
_pdbx_nonpoly_scheme.auth_seq_num 
_pdbx_nonpoly_scheme.pdb_mon_id 
_pdbx_nonpoly_scheme.auth_mon_id 
_pdbx_nonpoly_scheme.pdb_strand_id 
_pdbx_nonpoly_scheme.pdb_ins_code 
B 2 LSR 1   138 138 LSR LSR A . 
C 3 HOH 1   139 1   HOH HOH A . 
C 3 HOH 2   140 2   HOH HOH A . 
C 3 HOH 3   141 3   HOH HOH A . 
C 3 HOH 4   142 4   HOH HOH A . 
C 3 HOH 5   143 5   HOH HOH A . 
C 3 HOH 6   144 6   HOH HOH A . 
C 3 HOH 7   145 7   HOH HOH A . 
C 3 HOH 8   146 8   HOH HOH A . 
C 3 HOH 9   147 9   HOH HOH A . 
C 3 HOH 10  148 10  HOH HOH A . 
C 3 HOH 11  149 11  HOH HOH A . 
C 3 HOH 12  150 12  HOH HOH A . 
C 3 HOH 13  151 13  HOH HOH A . 
C 3 HOH 14  152 14  HOH HOH A . 
C 3 HOH 15  153 15  HOH HOH A . 
C 3 HOH 16  154 16  HOH HOH A . 
C 3 HOH 17  155 17  HOH HOH A . 
C 3 HOH 18  156 18  HOH HOH A . 
C 3 HOH 19  157 19  HOH HOH A . 
C 3 HOH 20  158 20  HOH HOH A . 
C 3 HOH 21  159 21  HOH HOH A . 
C 3 HOH 22  160 22  HOH HOH A . 
C 3 HOH 23  161 23  HOH HOH A . 
C 3 HOH 24  162 24  HOH HOH A . 
C 3 HOH 25  163 25  HOH HOH A . 
C 3 HOH 26  164 26  HOH HOH A . 
C 3 HOH 27  165 27  HOH HOH A . 
C 3 HOH 28  166 28  HOH HOH A . 
C 3 HOH 29  167 29  HOH HOH A . 
C 3 HOH 30  168 30  HOH HOH A . 
C 3 HOH 31  169 31  HOH HOH A . 
C 3 HOH 32  170 32  HOH HOH A . 
C 3 HOH 33  171 33  HOH HOH A . 
C 3 HOH 34  172 34  HOH HOH A . 
C 3 HOH 35  173 35  HOH HOH A . 
C 3 HOH 36  174 36  HOH HOH A . 
C 3 HOH 37  175 37  HOH HOH A . 
C 3 HOH 38  176 38  HOH HOH A . 
C 3 HOH 39  177 39  HOH HOH A . 
C 3 HOH 40  178 40  HOH HOH A . 
C 3 HOH 41  179 41  HOH HOH A . 
C 3 HOH 42  180 42  HOH HOH A . 
C 3 HOH 43  181 43  HOH HOH A . 
C 3 HOH 44  182 44  HOH HOH A . 
C 3 HOH 45  183 45  HOH HOH A . 
C 3 HOH 46  184 46  HOH HOH A . 
C 3 HOH 47  185 47  HOH HOH A . 
C 3 HOH 48  186 48  HOH HOH A . 
C 3 HOH 49  187 49  HOH HOH A . 
C 3 HOH 50  188 50  HOH HOH A . 
C 3 HOH 51  189 51  HOH HOH A . 
C 3 HOH 52  190 52  HOH HOH A . 
C 3 HOH 53  191 53  HOH HOH A . 
C 3 HOH 54  192 54  HOH HOH A . 
C 3 HOH 55  193 55  HOH HOH A . 
C 3 HOH 56  194 56  HOH HOH A . 
C 3 HOH 57  195 57  HOH HOH A . 
C 3 HOH 58  196 58  HOH HOH A . 
C 3 HOH 59  197 59  HOH HOH A . 
C 3 HOH 60  198 60  HOH HOH A . 
C 3 HOH 61  199 61  HOH HOH A . 
C 3 HOH 62  200 62  HOH HOH A . 
C 3 HOH 63  201 63  HOH HOH A . 
C 3 HOH 64  202 64  HOH HOH A . 
C 3 HOH 65  203 65  HOH HOH A . 
C 3 HOH 66  204 66  HOH HOH A . 
C 3 HOH 67  205 67  HOH HOH A . 
C 3 HOH 68  206 68  HOH HOH A . 
C 3 HOH 69  207 69  HOH HOH A . 
C 3 HOH 70  208 70  HOH HOH A . 
C 3 HOH 71  209 71  HOH HOH A . 
C 3 HOH 72  210 72  HOH HOH A . 
C 3 HOH 73  211 73  HOH HOH A . 
C 3 HOH 74  212 74  HOH HOH A . 
C 3 HOH 75  213 75  HOH HOH A . 
C 3 HOH 76  214 76  HOH HOH A . 
C 3 HOH 77  215 77  HOH HOH A . 
C 3 HOH 78  216 78  HOH HOH A . 
C 3 HOH 79  217 79  HOH HOH A . 
C 3 HOH 80  218 80  HOH HOH A . 
C 3 HOH 81  219 81  HOH HOH A . 
C 3 HOH 82  220 82  HOH HOH A . 
C 3 HOH 83  221 83  HOH HOH A . 
C 3 HOH 84  222 84  HOH HOH A . 
C 3 HOH 85  223 85  HOH HOH A . 
C 3 HOH 86  224 86  HOH HOH A . 
C 3 HOH 87  225 87  HOH HOH A . 
C 3 HOH 88  226 88  HOH HOH A . 
C 3 HOH 89  227 89  HOH HOH A . 
C 3 HOH 90  228 90  HOH HOH A . 
C 3 HOH 91  229 91  HOH HOH A . 
C 3 HOH 92  230 92  HOH HOH A . 
C 3 HOH 93  231 93  HOH HOH A . 
C 3 HOH 94  232 94  HOH HOH A . 
C 3 HOH 95  233 95  HOH HOH A . 
C 3 HOH 96  234 96  HOH HOH A . 
C 3 HOH 97  235 97  HOH HOH A . 
C 3 HOH 98  236 98  HOH HOH A . 
C 3 HOH 99  237 99  HOH HOH A . 
C 3 HOH 100 238 100 HOH HOH A . 
C 3 HOH 101 239 101 HOH HOH A . 
C 3 HOH 102 240 102 HOH HOH A . 
C 3 HOH 103 241 103 HOH HOH A . 
C 3 HOH 104 242 104 HOH HOH A . 
C 3 HOH 105 243 105 HOH HOH A . 
C 3 HOH 106 244 106 HOH HOH A . 
C 3 HOH 107 245 107 HOH HOH A . 
C 3 HOH 108 246 108 HOH HOH A . 
C 3 HOH 109 247 109 HOH HOH A . 
C 3 HOH 110 248 110 HOH HOH A . 
C 3 HOH 111 249 111 HOH HOH A . 
C 3 HOH 112 250 112 HOH HOH A . 
C 3 HOH 113 251 113 HOH HOH A . 
C 3 HOH 114 252 114 HOH HOH A . 
C 3 HOH 115 253 115 HOH HOH A . 
C 3 HOH 116 254 116 HOH HOH A . 
C 3 HOH 117 255 117 HOH HOH A . 
C 3 HOH 118 256 118 HOH HOH A . 
C 3 HOH 119 257 119 HOH HOH A . 
C 3 HOH 120 258 120 HOH HOH A . 
C 3 HOH 121 259 121 HOH HOH A . 
C 3 HOH 122 260 122 HOH HOH A . 
C 3 HOH 123 261 123 HOH HOH A . 
C 3 HOH 124 262 124 HOH HOH A . 
C 3 HOH 125 263 125 HOH HOH A . 
C 3 HOH 126 264 126 HOH HOH A . 
C 3 HOH 127 265 127 HOH HOH A . 
C 3 HOH 128 266 128 HOH HOH A . 
C 3 HOH 129 267 129 HOH HOH A . 
C 3 HOH 130 268 130 HOH HOH A . 
C 3 HOH 131 269 131 HOH HOH A . 
C 3 HOH 132 270 132 HOH HOH A . 
C 3 HOH 133 271 133 HOH HOH A . 
C 3 HOH 134 272 134 HOH HOH A . 
C 3 HOH 135 273 135 HOH HOH A . 
C 3 HOH 136 274 136 HOH HOH A . 
C 3 HOH 137 275 137 HOH HOH A . 
C 3 HOH 138 276 138 HOH HOH A . 
C 3 HOH 139 277 139 HOH HOH A . 
C 3 HOH 140 278 140 HOH HOH A . 
C 3 HOH 141 279 141 HOH HOH A . 
C 3 HOH 142 280 142 HOH HOH A . 
C 3 HOH 143 281 143 HOH HOH A . 
C 3 HOH 144 282 144 HOH HOH A . 
C 3 HOH 145 283 145 HOH HOH A . 
C 3 HOH 146 284 146 HOH HOH A . 
C 3 HOH 147 285 147 HOH HOH A . 
C 3 HOH 148 286 148 HOH HOH A . 
C 3 HOH 149 287 149 HOH HOH A . 
C 3 HOH 150 288 150 HOH HOH A . 
C 3 HOH 151 289 151 HOH HOH A . 
C 3 HOH 152 290 152 HOH HOH A . 
C 3 HOH 153 291 153 HOH HOH A . 
C 3 HOH 154 292 154 HOH HOH A . 
C 3 HOH 155 293 155 HOH HOH A . 
C 3 HOH 156 294 156 HOH HOH A . 
C 3 HOH 157 295 157 HOH HOH A . 
C 3 HOH 158 296 158 HOH HOH A . 
C 3 HOH 159 297 159 HOH HOH A . 
C 3 HOH 160 298 160 HOH HOH A . 
C 3 HOH 161 299 161 HOH HOH A . 
C 3 HOH 162 300 162 HOH HOH A . 
C 3 HOH 163 301 163 HOH HOH A . 
C 3 HOH 164 302 164 HOH HOH A . 
C 3 HOH 165 303 165 HOH HOH A . 
C 3 HOH 166 304 166 HOH HOH A . 
C 3 HOH 167 305 167 HOH HOH A . 
C 3 HOH 168 306 168 HOH HOH A . 
C 3 HOH 169 307 169 HOH HOH A . 
C 3 HOH 170 308 170 HOH HOH A . 
C 3 HOH 171 309 171 HOH HOH A . 
C 3 HOH 172 310 172 HOH HOH A . 
C 3 HOH 173 311 173 HOH HOH A . 
C 3 HOH 174 312 174 HOH HOH A . 
C 3 HOH 175 313 175 HOH HOH A . 
C 3 HOH 176 314 176 HOH HOH A . 
C 3 HOH 177 315 177 HOH HOH A . 
C 3 HOH 178 316 178 HOH HOH A . 
C 3 HOH 179 317 179 HOH HOH A . 
C 3 HOH 180 318 180 HOH HOH A . 
C 3 HOH 181 319 181 HOH HOH A . 
C 3 HOH 182 320 182 HOH HOH A . 
C 3 HOH 183 321 183 HOH HOH A . 
C 3 HOH 184 322 184 HOH HOH A . 
C 3 HOH 185 323 185 HOH HOH A . 
C 3 HOH 186 324 186 HOH HOH A . 
C 3 HOH 187 325 187 HOH HOH A . 
C 3 HOH 188 326 188 HOH HOH A . 
C 3 HOH 189 327 189 HOH HOH A . 
C 3 HOH 190 328 190 HOH HOH A . 
C 3 HOH 191 329 191 HOH HOH A . 
C 3 HOH 192 330 192 HOH HOH A . 
C 3 HOH 193 331 193 HOH HOH A . 
C 3 HOH 194 332 194 HOH HOH A . 
C 3 HOH 195 333 195 HOH HOH A . 
C 3 HOH 196 334 196 HOH HOH A . 
C 3 HOH 197 335 197 HOH HOH A . 
C 3 HOH 198 336 198 HOH HOH A . 
C 3 HOH 199 337 199 HOH HOH A . 
C 3 HOH 200 338 200 HOH HOH A . 
C 3 HOH 201 339 201 HOH HOH A . 
C 3 HOH 202 340 202 HOH HOH A . 
C 3 HOH 203 341 203 HOH HOH A . 
C 3 HOH 204 342 204 HOH HOH A . 
C 3 HOH 205 343 205 HOH HOH A . 
C 3 HOH 206 344 206 HOH HOH A . 
C 3 HOH 207 345 207 HOH HOH A . 
C 3 HOH 208 346 208 HOH HOH A . 
C 3 HOH 209 347 209 HOH HOH A . 
C 3 HOH 210 348 210 HOH HOH A . 
C 3 HOH 211 349 211 HOH HOH A . 
C 3 HOH 212 350 212 HOH HOH A . 
C 3 HOH 213 351 213 HOH HOH A . 
C 3 HOH 214 352 214 HOH HOH A . 
C 3 HOH 215 353 215 HOH HOH A . 
C 3 HOH 216 354 216 HOH HOH A . 
C 3 HOH 217 355 217 HOH HOH A . 
C 3 HOH 218 356 218 HOH HOH A . 
C 3 HOH 219 357 219 HOH HOH A . 
C 3 HOH 220 358 220 HOH HOH A . 
C 3 HOH 221 359 221 HOH HOH A . 
C 3 HOH 222 360 222 HOH HOH A . 
C 3 HOH 223 361 223 HOH HOH A . 
C 3 HOH 224 362 224 HOH HOH A . 
C 3 HOH 225 363 225 HOH HOH A . 
C 3 HOH 226 364 226 HOH HOH A . 
C 3 HOH 227 365 227 HOH HOH A . 
C 3 HOH 228 366 228 HOH HOH A . 
C 3 HOH 229 367 229 HOH HOH A . 
C 3 HOH 230 368 230 HOH HOH A . 
C 3 HOH 231 369 231 HOH HOH A . 
C 3 HOH 232 370 232 HOH HOH A . 
C 3 HOH 233 371 233 HOH HOH A . 
C 3 HOH 234 372 234 HOH HOH A . 
C 3 HOH 235 373 235 HOH HOH A . 
C 3 HOH 236 374 236 HOH HOH A . 
C 3 HOH 237 375 237 HOH HOH A . 
C 3 HOH 238 376 238 HOH HOH A . 
C 3 HOH 239 377 239 HOH HOH A . 
C 3 HOH 240 378 240 HOH HOH A . 
C 3 HOH 241 379 241 HOH HOH A . 
C 3 HOH 242 380 242 HOH HOH A . 
C 3 HOH 243 381 243 HOH HOH A . 
C 3 HOH 244 382 244 HOH HOH A . 
C 3 HOH 245 383 245 HOH HOH A . 
C 3 HOH 246 384 246 HOH HOH A . 
C 3 HOH 247 385 247 HOH HOH A . 
C 3 HOH 248 386 248 HOH HOH A . 
C 3 HOH 249 387 249 HOH HOH A . 
C 3 HOH 250 388 250 HOH HOH A . 
C 3 HOH 251 389 251 HOH HOH A . 
C 3 HOH 252 390 252 HOH HOH A . 
C 3 HOH 253 391 253 HOH HOH A . 
C 3 HOH 254 392 254 HOH HOH A . 
C 3 HOH 255 393 255 HOH HOH A . 
C 3 HOH 256 394 256 HOH HOH A . 
C 3 HOH 257 395 257 HOH HOH A . 
C 3 HOH 258 396 258 HOH HOH A . 
C 3 HOH 259 397 259 HOH HOH A . 
C 3 HOH 260 398 260 HOH HOH A . 
C 3 HOH 261 399 261 HOH HOH A . 
C 3 HOH 262 400 262 HOH HOH A . 
C 3 HOH 263 401 263 HOH HOH A . 
C 3 HOH 264 402 264 HOH HOH A . 
C 3 HOH 265 403 265 HOH HOH A . 
C 3 HOH 266 404 266 HOH HOH A . 
C 3 HOH 267 405 267 HOH HOH A . 
C 3 HOH 268 406 268 HOH HOH A . 
C 3 HOH 269 407 269 HOH HOH A . 
C 3 HOH 270 408 270 HOH HOH A . 
C 3 HOH 271 409 271 HOH HOH A . 
C 3 HOH 272 410 272 HOH HOH A . 
C 3 HOH 273 411 273 HOH HOH A . 
C 3 HOH 274 412 274 HOH HOH A . 
C 3 HOH 275 413 275 HOH HOH A . 
C 3 HOH 276 414 276 HOH HOH A . 
C 3 HOH 277 415 277 HOH HOH A . 
C 3 HOH 278 416 278 HOH HOH A . 
C 3 HOH 279 417 279 HOH HOH A . 
C 3 HOH 280 418 280 HOH HOH A . 
C 3 HOH 281 419 281 HOH HOH A . 
C 3 HOH 282 420 282 HOH HOH A . 
C 3 HOH 283 421 283 HOH HOH A . 
C 3 HOH 284 422 284 HOH HOH A . 
C 3 HOH 285 423 285 HOH HOH A . 
C 3 HOH 286 424 286 HOH HOH A . 
C 3 HOH 287 425 287 HOH HOH A . 
C 3 HOH 288 426 288 HOH HOH A . 
C 3 HOH 289 427 289 HOH HOH A . 
C 3 HOH 290 428 290 HOH HOH A . 
C 3 HOH 291 429 291 HOH HOH A . 
C 3 HOH 292 430 292 HOH HOH A . 
C 3 HOH 293 431 293 HOH HOH A . 
C 3 HOH 294 432 294 HOH HOH A . 
C 3 HOH 295 433 295 HOH HOH A . 
C 3 HOH 296 434 296 HOH HOH A . 
C 3 HOH 297 435 297 HOH HOH A . 
C 3 HOH 298 436 298 HOH HOH A . 
C 3 HOH 299 437 299 HOH HOH A . 
C 3 HOH 300 438 300 HOH HOH A . 
C 3 HOH 301 439 301 HOH HOH A . 
C 3 HOH 302 440 302 HOH HOH A . 
C 3 HOH 303 441 303 HOH HOH A . 
C 3 HOH 304 442 304 HOH HOH A . 
C 3 HOH 305 443 305 HOH HOH A . 
C 3 HOH 306 444 306 HOH HOH A . 
C 3 HOH 307 445 307 HOH HOH A . 
C 3 HOH 308 446 308 HOH HOH A . 
C 3 HOH 309 447 309 HOH HOH A . 
C 3 HOH 310 448 310 HOH HOH A . 
# 
loop_
_software.name 
_software.version 
_software.date 
_software.type 
_software.contact_author 
_software.contact_author_email 
_software.classification 
_software.location 
_software.language 
_software.citation_id 
_software.pdbx_ordinal 
DENZO       .     ?                    package 'Zbyszek Otwinowski' zbyszek@mix.swmed.edu        'data reduction'  
http://www.lnls.br/infra/linhasluz/denzo-hkl.htm ?          ? 1 
SCALEPACK   .     ?                    package 'Zbyszek Otwinowski' zbyszek@mix.swmed.edu        'data scaling'    
http://www.lnls.br/infra/linhasluz/denzo-hkl.htm ?          ? 2 
MOLREP      .     ?                    other   'A. Vagin'           alexei@ysbl.york.ac.uk       phasing           
http://www.ccp4.ac.uk/dist/html/molrep.html      Fortran_77 ? 3 
SHELX       .     ?                    package 'George Sheldrick'   gsheldr@shelx.uni-ac.gwdg.de refinement        
http://shelx.uni-ac.gwdg.de/SHELX/               Fortran_77 ? 4 
PDB_EXTRACT 3.005 'September 10, 2007' package PDB                  sw-help@rcsb.rutgers.edu     'data extraction' 
http://pdb.rutgers.edu/software/                 C++        ? 5 
EMBL        .     ?                    ?       ?                    ?                            'data collection' ? ?          ? 
6 
HKL-2000    .     ?                    ?       ?                    ?                            'data reduction'  ? ?          ? 
7 
HKL-2000    .     ?                    ?       ?                    ?                            'data scaling'    ? ?          ? 
8 
SHELXL      .     ?                    ?       ?                    ?                            refinement        ? ?          ? 
9 
# 
_cell.length_a           34.852 
_cell.length_b           46.347 
_cell.length_c           37.324 
_cell.angle_alpha        90.000 
_cell.angle_beta         92.530 
_cell.angle_gamma        90.000 
_cell.entry_id           3CR6 
_cell.pdbx_unique_axis   ? 
_cell.Z_PDB              2 
_cell.length_a_esd       ? 
_cell.length_b_esd       ? 
_cell.length_c_esd       ? 
_cell.angle_alpha_esd    ? 
_cell.angle_beta_esd     ? 
_cell.angle_gamma_esd    ? 
# 
_symmetry.space_group_name_H-M             'P 1 21 1' 
_symmetry.entry_id                         3CR6 
_symmetry.Int_Tables_number                4 
_symmetry.pdbx_full_space_group_name_H-M   ? 
_symmetry.cell_setting                     ? 
_symmetry.space_group_name_Hall            ? 
# 
_exptl.crystals_number   1 
_exptl.entry_id          3CR6 
_exptl.method            'X-RAY DIFFRACTION' 
# 
_exptl_crystal.id                    1 
_exptl_crystal.density_Matthews      1.93 
_exptl_crystal.density_meas          ? 
_exptl_crystal.density_percent_sol   36.42 
_exptl_crystal.description           ? 
_exptl_crystal.F_000                 ? 
_exptl_crystal.preparation           ? 
# 
_exptl_crystal_grow.crystal_id      1 
_exptl_crystal_grow.method          'VAPOR DIFFUSION, HANGING DROP' 
_exptl_crystal_grow.pH              7.5 
_exptl_crystal_grow.temp            277 
_exptl_crystal_grow.temp_details    ? 
_exptl_crystal_grow.pdbx_details    
'0.1M sodium citrate, 0.2M ammonium acetate, 26% PEG 4000, pH 7.5, VAPOR DIFFUSION, HANGING DROP, temperature 277K' 
_exptl_crystal_grow.pdbx_pH_range   . 
# 
_diffrn.id                     1 
_diffrn.ambient_temp           100 
_diffrn.ambient_temp_details   ? 
_diffrn.crystal_id             1 
# 
_diffrn_detector.diffrn_id              1 
_diffrn_detector.detector               CCD 
_diffrn_detector.type                   'MARMOSAIC 300 mm CCD' 
_diffrn_detector.pdbx_collection_date   2007-04-08 
_diffrn_detector.details                ? 
# 
_diffrn_radiation.diffrn_id                        1 
_diffrn_radiation.wavelength_id                    1 
_diffrn_radiation.pdbx_diffrn_protocol             'SINGLE WAVELENGTH' 
_diffrn_radiation.monochromator                    'C(111)' 
_diffrn_radiation.pdbx_monochromatic_or_laue_m_l   M 
_diffrn_radiation.pdbx_scattering_type             x-ray 
# 
_diffrn_radiation_wavelength.id           1 
_diffrn_radiation_wavelength.wavelength   0.97869 
_diffrn_radiation_wavelength.wt           1.0 
# 
_diffrn_source.diffrn_id                   1 
_diffrn_source.source                      SYNCHROTRON 
_diffrn_source.type                        'APS BEAMLINE 21-ID-D' 
_diffrn_source.pdbx_wavelength             ? 
_diffrn_source.pdbx_wavelength_list        0.97869 
_diffrn_source.pdbx_synchrotron_site       APS 
_diffrn_source.pdbx_synchrotron_beamline   21-ID-D 
# 
_reflns.entry_id                     3CR6 
_reflns.d_resolution_high            1.030 
_reflns.d_resolution_low             50.000 
_reflns.number_obs                   42691 
_reflns.pdbx_Rmerge_I_obs            0.046 
_reflns.pdbx_netI_over_sigmaI        9.500 
_reflns.pdbx_chi_squared             0.982 
_reflns.pdbx_redundancy              3.800 
_reflns.percent_possible_obs         72.400 
_reflns.observed_criterion_sigma_F   ? 
_reflns.observed_criterion_sigma_I   1.0 
_reflns.number_all                   ? 
_reflns.pdbx_Rsym_value              ? 
_reflns.B_iso_Wilson_estimate        14.5 
_reflns.R_free_details               ? 
_reflns.limit_h_max                  ? 
_reflns.limit_h_min                  ? 
_reflns.limit_k_max                  ? 
_reflns.limit_k_min                  ? 
_reflns.limit_l_max                  ? 
_reflns.limit_l_min                  ? 
_reflns.observed_criterion_F_max     ? 
_reflns.observed_criterion_F_min     ? 
_reflns.pdbx_scaling_rejects         ? 
_reflns.pdbx_ordinal                 1 
_reflns.pdbx_diffrn_id               1 
# 
_reflns_shell.d_res_high             1.03 
_reflns_shell.d_res_low              1.07 
_reflns_shell.number_measured_obs    ? 
_reflns_shell.number_measured_all    ? 
_reflns_shell.number_unique_obs      ? 
_reflns_shell.Rmerge_I_obs           0.806 
_reflns_shell.meanI_over_sigI_obs    0.759 
_reflns_shell.pdbx_Rsym_value        ? 
_reflns_shell.pdbx_chi_squared       0.687 
_reflns_shell.pdbx_redundancy        1.40 
_reflns_shell.percent_possible_obs   ? 
_reflns_shell.number_unique_all      284 
_reflns_shell.percent_possible_all   4.80 
_reflns_shell.pdbx_ordinal           1 
_reflns_shell.pdbx_diffrn_id         1 
# 
_refine.entry_id                                 3CR6 
_refine.B_iso_mean                               20.928 
_refine.pdbx_method_to_determine_struct          'MOLECULAR REPLACEMENT' 
_refine.ls_d_res_high                            1.22 
_refine.ls_d_res_low                             10 
_refine.pdbx_ls_sigma_F                          4.0 
_refine.pdbx_ls_sigma_I                          ? 
_refine.ls_number_reflns_all                     32033 
_refine.ls_number_reflns_obs                     26990 
_refine.ls_number_reflns_R_free                  1417 
_refine.ls_percent_reflns_obs                    84.2 
_refine.ls_R_factor_all                          0.188 
_refine.ls_R_factor_obs                          0.1240 
_refine.ls_R_factor_R_work                       0.1137 
_refine.ls_R_factor_R_free                       0.1848 
_refine.ls_redundancy_reflns_obs                 ? 
_refine.pdbx_data_cutoff_high_absF               ? 
_refine.pdbx_data_cutoff_low_absF                ? 
_refine.ls_number_parameters                     ? 
_refine.ls_number_restraints                     ? 
_refine.ls_percent_reflns_R_free                 ? 
_refine.ls_R_factor_R_free_error                 ? 
_refine.ls_R_factor_R_free_error_details         ? 
_refine.pdbx_starting_model                      'PDB entry 2G7B' 
_refine.pdbx_ls_cross_valid_method               ? 
_refine.pdbx_R_Free_selection_details            Random 
_refine.pdbx_stereochem_target_val_spec_case     ? 
_refine.pdbx_stereochemistry_target_values       ? 
_refine.solvent_model_details                    ? 
_refine.solvent_model_param_bsol                 ? 
_refine.solvent_model_param_ksol                 ? 
_refine.occupancy_max                            ? 
_refine.occupancy_min                            ? 
_refine.pdbx_isotropic_thermal_model             ? 
_refine.aniso_B[1][1]                            ? 
_refine.aniso_B[1][2]                            ? 
_refine.aniso_B[1][3]                            ? 
_refine.aniso_B[2][2]                            ? 
_refine.aniso_B[2][3]                            ? 
_refine.aniso_B[3][3]                            ? 
_refine.details                                  ? 
_refine.B_iso_min                                ? 
_refine.B_iso_max                                ? 
_refine.correlation_coeff_Fo_to_Fc               ? 
_refine.correlation_coeff_Fo_to_Fc_free          ? 
_refine.pdbx_solvent_vdw_probe_radii             ? 
_refine.pdbx_solvent_ion_probe_radii             ? 
_refine.pdbx_solvent_shrinkage_radii             ? 
_refine.overall_SU_R_Cruickshank_DPI             ? 
_refine.overall_SU_R_free                        ? 
_refine.overall_SU_ML                            ? 
_refine.overall_SU_B                             ? 
_refine.pdbx_overall_ESU_R_Free                  ? 
_refine.pdbx_data_cutoff_high_rms_absF           ? 
_refine.pdbx_overall_ESU_R                       ? 
_refine.ls_wR_factor_R_free                      ? 
_refine.ls_wR_factor_R_work                      ? 
_refine.overall_FOM_free_R_set                   ? 
_refine.overall_FOM_work_R_set                   ? 
_refine.pdbx_overall_phase_error                 ? 
_refine.pdbx_refine_id                           'X-RAY DIFFRACTION' 
_refine.pdbx_diffrn_id                           1 
_refine.pdbx_TLS_residual_ADP_flag               ? 
_refine.pdbx_overall_SU_R_free_Cruickshank_DPI   ? 
_refine.pdbx_overall_SU_R_Blow_DPI               ? 
_refine.pdbx_overall_SU_R_free_Blow_DPI          ? 
# 
_refine_hist.pdbx_refine_id                   'X-RAY DIFFRACTION' 
_refine_hist.cycle_id                         LAST 
_refine_hist.pdbx_number_atoms_protein        1090 
_refine_hist.pdbx_number_atoms_nucleic_acid   0 
_refine_hist.pdbx_number_atoms_ligand         15 
_refine_hist.number_atoms_solvent             310 
_refine_hist.number_atoms_total               1415 
_refine_hist.d_res_high                       1.22 
_refine_hist.d_res_low                        10 
# 
loop_
_refine_ls_restr.type 
_refine_ls_restr.dev_ideal 
_refine_ls_restr.dev_ideal_target 
_refine_ls_restr.number 
_refine_ls_restr.weight 
_refine_ls_restr.pdbx_refine_id 
_refine_ls_restr.pdbx_restraint_function 
s_anti_bump_dis_restr 0.017 ? ? ? 'X-RAY DIFFRACTION' ? 
s_non_zero_chiral_vol 0.093 ? ? ? 'X-RAY DIFFRACTION' ? 
s_bond_d              0.013 ? ? ? 'X-RAY DIFFRACTION' ? 
s_angle_d             0.031 ? ? ? 'X-RAY DIFFRACTION' ? 
s_from_restr_planes   0.425 ? ? ? 'X-RAY DIFFRACTION' ? 
# 
_refine_ls_shell.d_res_high                       1.220 
_refine_ls_shell.d_res_low                        1.252 
_refine_ls_shell.number_reflns_obs                1986 
_refine_ls_shell.number_reflns_R_free             ? 
_refine_ls_shell.R_factor_R_work                  0.236 
_refine_ls_shell.R_factor_R_free                  0.259 
_refine_ls_shell.R_factor_R_free_error            ? 
_refine_ls_shell.percent_reflns_obs               79.82 
_refine_ls_shell.percent_reflns_R_free            ? 
_refine_ls_shell.pdbx_total_number_of_bins_used   ? 
_refine_ls_shell.number_reflns_R_work             ? 
_refine_ls_shell.redundancy_reflns_obs            ? 
_refine_ls_shell.number_reflns_all                ? 
_refine_ls_shell.R_factor_all                     ? 
_refine_ls_shell.pdbx_refine_id                   'X-RAY DIFFRACTION' 
# 
_struct.entry_id                  3CR6 
_struct.title                     
;Crystal Structure of the R132K:R111L:A32E Mutant of Cellular Retinoic Acid Binding Protein Type II Complexed with C15-aldehyde (a retinal analog) at 1.22 Angstrom resolution.
;
_struct.pdbx_model_details        ? 
_struct.pdbx_CASP_flag            ? 
_struct.pdbx_model_type_details   ? 
# 
_struct_keywords.entry_id        3CR6 
_struct_keywords.pdbx_keywords   'TRANSPORT PROTEIN' 
_struct_keywords.text            
;CRABPII, retinal, schiff base, protonated schiff base, PSB, C15-aldehyde, retinoic acid, retinoid, Nucleus, Retinol-binding, Transport, Vitamin A, TRANSPORT PROTEIN
;
# 
loop_
_struct_asym.id 
_struct_asym.pdbx_blank_PDB_chainid_flag 
_struct_asym.pdbx_modified 
_struct_asym.entity_id 
_struct_asym.details 
A N N 1 ? 
B N N 2 ? 
C N N 3 ? 
# 
_struct_ref.id                         1 
_struct_ref.db_name                    UNP 
_struct_ref.db_code                    RABP2_HUMAN 
_struct_ref.pdbx_db_accession          P29373 
_struct_ref.entity_id                  1 
_struct_ref.pdbx_seq_one_letter_code   
;PNFSGNWKIIRSENFEELLKVLGVNVMLRKIAVAAASKPAVEIKQEGDTFYIKTSTTVRTTEINFKVGEEFEEQTVDGRP
CKSLVKWESENKMVCEQKLLKGEGPKTSWTRELTNDGELILTMTADDVVCTRVYVRE
;
_struct_ref.pdbx_align_begin           2 
_struct_ref.pdbx_db_isoform            ? 
# 
_struct_ref_seq.align_id                      1 
_struct_ref_seq.ref_id                        1 
_struct_ref_seq.pdbx_PDB_id_code              3CR6 
_struct_ref_seq.pdbx_strand_id                A 
_struct_ref_seq.seq_align_beg                 1 
_struct_ref_seq.pdbx_seq_align_beg_ins_code   ? 
_struct_ref_seq.seq_align_end                 137 
_struct_ref_seq.pdbx_seq_align_end_ins_code   ? 
_struct_ref_seq.pdbx_db_accession             P29373 
_struct_ref_seq.db_align_beg                  2 
_struct_ref_seq.pdbx_db_align_beg_ins_code    ? 
_struct_ref_seq.db_align_end                  138 
_struct_ref_seq.pdbx_db_align_end_ins_code    ? 
_struct_ref_seq.pdbx_auth_seq_align_beg       1 
_struct_ref_seq.pdbx_auth_seq_align_end       137 
# 
loop_
_struct_ref_seq_dif.align_id 
_struct_ref_seq_dif.pdbx_pdb_id_code 
_struct_ref_seq_dif.mon_id 
_struct_ref_seq_dif.pdbx_pdb_strand_id 
_struct_ref_seq_dif.seq_num 
_struct_ref_seq_dif.pdbx_pdb_ins_code 
_struct_ref_seq_dif.pdbx_seq_db_name 
_struct_ref_seq_dif.pdbx_seq_db_accession_code 
_struct_ref_seq_dif.db_mon_id 
_struct_ref_seq_dif.pdbx_seq_db_seq_num 
_struct_ref_seq_dif.details 
_struct_ref_seq_dif.pdbx_auth_seq_num 
_struct_ref_seq_dif.pdbx_ordinal 
1 3CR6 GLU A 32  ? UNP P29373 ALA 33  'engineered mutation' 32  1 
1 3CR6 LEU A 111 ? UNP P29373 ARG 112 'engineered mutation' 111 2 
1 3CR6 LYS A 132 ? UNP P29373 ARG 133 'engineered mutation' 132 3 
# 
_pdbx_struct_assembly.id                   1 
_pdbx_struct_assembly.details              software_defined_assembly 
_pdbx_struct_assembly.method_details       PISA 
_pdbx_struct_assembly.oligomeric_details   monomeric 
_pdbx_struct_assembly.oligomeric_count     1 
# 
_pdbx_struct_assembly_gen.assembly_id       1 
_pdbx_struct_assembly_gen.oper_expression   1 
_pdbx_struct_assembly_gen.asym_id_list      A,B,C 
# 
_pdbx_struct_oper_list.id                   1 
_pdbx_struct_oper_list.type                 'identity operation' 
_pdbx_struct_oper_list.name                 1_555 
_pdbx_struct_oper_list.symmetry_operation   x,y,z 
_pdbx_struct_oper_list.matrix[1][1]         1.0000000000 
_pdbx_struct_oper_list.matrix[1][2]         0.0000000000 
_pdbx_struct_oper_list.matrix[1][3]         0.0000000000 
_pdbx_struct_oper_list.vector[1]            0.0000000000 
_pdbx_struct_oper_list.matrix[2][1]         0.0000000000 
_pdbx_struct_oper_list.matrix[2][2]         1.0000000000 
_pdbx_struct_oper_list.matrix[2][3]         0.0000000000 
_pdbx_struct_oper_list.vector[2]            0.0000000000 
_pdbx_struct_oper_list.matrix[3][1]         0.0000000000 
_pdbx_struct_oper_list.matrix[3][2]         0.0000000000 
_pdbx_struct_oper_list.matrix[3][3]         1.0000000000 
_pdbx_struct_oper_list.vector[3]            0.0000000000 
# 
_struct_biol.id        1 
_struct_biol.details   ? 
# 
loop_
_struct_conf.conf_type_id 
_struct_conf.id 
_struct_conf.pdbx_PDB_helix_id 
_struct_conf.beg_label_comp_id 
_struct_conf.beg_label_asym_id 
_struct_conf.beg_label_seq_id 
_struct_conf.pdbx_beg_PDB_ins_code 
_struct_conf.end_label_comp_id 
_struct_conf.end_label_asym_id 
_struct_conf.end_label_seq_id 
_struct_conf.pdbx_end_PDB_ins_code 
_struct_conf.beg_auth_comp_id 
_struct_conf.beg_auth_asym_id 
_struct_conf.beg_auth_seq_id 
_struct_conf.end_auth_comp_id 
_struct_conf.end_auth_asym_id 
_struct_conf.end_auth_seq_id 
_struct_conf.pdbx_PDB_helix_class 
_struct_conf.details 
_struct_conf.pdbx_PDB_helix_length 
HELX_P HELX_P1 1 ASN A 14 ? LEU A 22 ? ASN A 14 LEU A 22 1 ? 9  
HELX_P HELX_P2 2 ASN A 25 ? SER A 37 ? ASN A 25 SER A 37 1 ? 13 
# 
_struct_conf_type.id          HELX_P 
_struct_conf_type.criteria    ? 
_struct_conf_type.reference   ? 
# 
_struct_conn.id                            covale1 
_struct_conn.conn_type_id                  covale 
_struct_conn.pdbx_leaving_atom_flag        none 
_struct_conn.pdbx_PDB_id                   ? 
_struct_conn.ptnr1_label_asym_id           A 
_struct_conn.ptnr1_label_comp_id           LYS 
_struct_conn.ptnr1_label_seq_id            132 
_struct_conn.ptnr1_label_atom_id           NZ 
_struct_conn.pdbx_ptnr1_label_alt_id       ? 
_struct_conn.pdbx_ptnr1_PDB_ins_code       ? 
_struct_conn.pdbx_ptnr1_standard_comp_id   ? 
_struct_conn.ptnr1_symmetry                1_555 
_struct_conn.ptnr2_label_asym_id           B 
_struct_conn.ptnr2_label_comp_id           LSR 
_struct_conn.ptnr2_label_seq_id            . 
_struct_conn.ptnr2_label_atom_id           CAF 
_struct_conn.pdbx_ptnr2_label_alt_id       ? 
_struct_conn.pdbx_ptnr2_PDB_ins_code       ? 
_struct_conn.ptnr1_auth_asym_id            A 
_struct_conn.ptnr1_auth_comp_id            LYS 
_struct_conn.ptnr1_auth_seq_id             132 
_struct_conn.ptnr2_auth_asym_id            A 
_struct_conn.ptnr2_auth_comp_id            LSR 
_struct_conn.ptnr2_auth_seq_id             138 
_struct_conn.ptnr2_symmetry                1_555 
_struct_conn.pdbx_ptnr3_label_atom_id      ? 
_struct_conn.pdbx_ptnr3_label_seq_id       ? 
_struct_conn.pdbx_ptnr3_label_comp_id      ? 
_struct_conn.pdbx_ptnr3_label_asym_id      ? 
_struct_conn.pdbx_ptnr3_label_alt_id       ? 
_struct_conn.pdbx_ptnr3_PDB_ins_code       ? 
_struct_conn.details                       ? 
_struct_conn.pdbx_dist_value               1.271 
_struct_conn.pdbx_value_order              ? 
_struct_conn.pdbx_role                     ? 
# 
_struct_conn_type.id          covale 
_struct_conn_type.criteria    ? 
_struct_conn_type.reference   ? 
# 
_pdbx_modification_feature.ordinal                            1 
_pdbx_modification_feature.label_comp_id                      LSR 
_pdbx_modification_feature.label_asym_id                      B 
_pdbx_modification_feature.label_seq_id                       . 
_pdbx_modification_feature.label_alt_id                       ? 
_pdbx_modification_feature.modified_residue_label_comp_id     LYS 
_pdbx_modification_feature.modified_residue_label_asym_id     A 
_pdbx_modification_feature.modified_residue_label_seq_id      132 
_pdbx_modification_feature.modified_residue_label_alt_id      ? 
_pdbx_modification_feature.auth_comp_id                       LSR 
_pdbx_modification_feature.auth_asym_id                       A 
_pdbx_modification_feature.auth_seq_id                        138 
_pdbx_modification_feature.PDB_ins_code                       ? 
_pdbx_modification_feature.symmetry                           1_555 
_pdbx_modification_feature.modified_residue_auth_comp_id      LYS 
_pdbx_modification_feature.modified_residue_auth_asym_id      A 
_pdbx_modification_feature.modified_residue_auth_seq_id       132 
_pdbx_modification_feature.modified_residue_PDB_ins_code      ? 
_pdbx_modification_feature.modified_residue_symmetry          1_555 
_pdbx_modification_feature.comp_id_linking_atom               CAF 
_pdbx_modification_feature.modified_residue_id_linking_atom   NZ 
_pdbx_modification_feature.modified_residue_id                LYS 
_pdbx_modification_feature.ref_pcm_id                         1 
_pdbx_modification_feature.ref_comp_id                        LSR 
_pdbx_modification_feature.type                               None 
_pdbx_modification_feature.category                           Lipid/lipid-like 
# 
_struct_sheet.id               A 
_struct_sheet.type             ? 
_struct_sheet.number_strands   10 
_struct_sheet.details          ? 
# 
loop_
_struct_sheet_order.sheet_id 
_struct_sheet_order.range_id_1 
_struct_sheet_order.range_id_2 
_struct_sheet_order.offset 
_struct_sheet_order.sense 
A 1 2  ? anti-parallel 
A 2 3  ? anti-parallel 
A 3 4  ? anti-parallel 
A 4 5  ? anti-parallel 
A 5 6  ? anti-parallel 
A 6 7  ? anti-parallel 
A 7 8  ? anti-parallel 
A 8 9  ? anti-parallel 
A 9 10 ? anti-parallel 
# 
loop_
_struct_sheet_range.sheet_id 
_struct_sheet_range.id 
_struct_sheet_range.beg_label_comp_id 
_struct_sheet_range.beg_label_asym_id 
_struct_sheet_range.beg_label_seq_id 
_struct_sheet_range.pdbx_beg_PDB_ins_code 
_struct_sheet_range.end_label_comp_id 
_struct_sheet_range.end_label_asym_id 
_struct_sheet_range.end_label_seq_id 
_struct_sheet_range.pdbx_end_PDB_ins_code 
_struct_sheet_range.beg_auth_comp_id 
_struct_sheet_range.beg_auth_asym_id 
_struct_sheet_range.beg_auth_seq_id 
_struct_sheet_range.end_auth_comp_id 
_struct_sheet_range.end_auth_asym_id 
_struct_sheet_range.end_auth_seq_id 
A 1  THR A 60  ? LYS A 66  ? THR A 60  LYS A 66  
A 2  THR A 49  ? SER A 55  ? THR A 49  SER A 55  
A 3  ALA A 40  ? GLU A 46  ? ALA A 40  GLU A 46  
A 4  GLY A 5   ? GLU A 13  ? GLY A 5   GLU A 13  
A 5  VAL A 128 ? ARG A 136 ? VAL A 128 ARG A 136 
A 6  LEU A 119 ? ALA A 125 ? LEU A 119 ALA A 125 
A 7  THR A 107 ? LEU A 113 ? THR A 107 LEU A 113 
A 8  LYS A 92  ? LEU A 99  ? LYS A 92  LEU A 99  
A 9  PRO A 80  ? SER A 89  ? PRO A 80  SER A 89  
A 10 PHE A 71  ? GLN A 74  ? PHE A 71  GLN A 74  
# 
loop_
_pdbx_struct_sheet_hbond.sheet_id 
_pdbx_struct_sheet_hbond.range_id_1 
_pdbx_struct_sheet_hbond.range_id_2 
_pdbx_struct_sheet_hbond.range_1_label_atom_id 
_pdbx_struct_sheet_hbond.range_1_label_comp_id 
_pdbx_struct_sheet_hbond.range_1_label_asym_id 
_pdbx_struct_sheet_hbond.range_1_label_seq_id 
_pdbx_struct_sheet_hbond.range_1_PDB_ins_code 
_pdbx_struct_sheet_hbond.range_1_auth_atom_id 
_pdbx_struct_sheet_hbond.range_1_auth_comp_id 
_pdbx_struct_sheet_hbond.range_1_auth_asym_id 
_pdbx_struct_sheet_hbond.range_1_auth_seq_id 
_pdbx_struct_sheet_hbond.range_2_label_atom_id 
_pdbx_struct_sheet_hbond.range_2_label_comp_id 
_pdbx_struct_sheet_hbond.range_2_label_asym_id 
_pdbx_struct_sheet_hbond.range_2_label_seq_id 
_pdbx_struct_sheet_hbond.range_2_PDB_ins_code 
_pdbx_struct_sheet_hbond.range_2_auth_atom_id 
_pdbx_struct_sheet_hbond.range_2_auth_comp_id 
_pdbx_struct_sheet_hbond.range_2_auth_asym_id 
_pdbx_struct_sheet_hbond.range_2_auth_seq_id 
A 1 2  O PHE A 65  ? O PHE A 65  N PHE A 50  ? N PHE A 50  
A 2 3  O LYS A 53  ? O LYS A 53  N GLU A 42  ? N GLU A 42  
A 3 4  O VAL A 41  ? O VAL A 41  N TRP A 7   ? N TRP A 7   
A 4 5  N ILE A 10  ? N ILE A 10  O VAL A 133 ? O VAL A 133 
A 5 6  O LYS A 132 ? O LYS A 132 N LEU A 121 ? N LEU A 121 
A 6 7  O ILE A 120 ? O ILE A 120 N GLU A 112 ? N GLU A 112 
A 7 8  O TRP A 109 ? O TRP A 109 N CYS A 95  ? N CYS A 95  
A 8 9  O LYS A 98  ? O LYS A 98  N LYS A 82  ? N LYS A 82  
A 9 10 O SER A 83  ? O SER A 83  N PHE A 71  ? N PHE A 71  
# 
_struct_site.id                   AC1 
_struct_site.pdbx_evidence_code   Software 
_struct_site.pdbx_auth_asym_id    A 
_struct_site.pdbx_auth_comp_id    LSR 
_struct_site.pdbx_auth_seq_id     138 
_struct_site.pdbx_auth_ins_code   ? 
_struct_site.pdbx_num_residues    11 
_struct_site.details              'BINDING SITE FOR RESIDUE LSR A 138' 
# 
loop_
_struct_site_gen.id 
_struct_site_gen.site_id 
_struct_site_gen.pdbx_num_res 
_struct_site_gen.label_comp_id 
_struct_site_gen.label_asym_id 
_struct_site_gen.label_seq_id 
_struct_site_gen.pdbx_auth_ins_code 
_struct_site_gen.auth_comp_id 
_struct_site_gen.auth_asym_id 
_struct_site_gen.auth_seq_id 
_struct_site_gen.label_atom_id 
_struct_site_gen.label_alt_id 
_struct_site_gen.symmetry 
_struct_site_gen.details 
1  AC1 11 PHE A 15  ? PHE A 15  . ? 1_555 ? 
2  AC1 11 ALA A 36  ? ALA A 36  . ? 1_555 ? 
3  AC1 11 PRO A 39  ? PRO A 39  . ? 1_555 ? 
4  AC1 11 ILE A 52  ? ILE A 52  . ? 1_555 ? 
5  AC1 11 THR A 54  ? THR A 54  . ? 1_555 ? 
6  AC1 11 THR A 61  ? THR A 61  . ? 1_555 ? 
7  AC1 11 ILE A 63  ? ILE A 63  . ? 1_555 ? 
8  AC1 11 LEU A 121 ? LEU A 121 . ? 1_555 ? 
9  AC1 11 MET A 123 ? MET A 123 . ? 1_555 ? 
10 AC1 11 LYS A 132 ? LYS A 132 . ? 1_555 ? 
11 AC1 11 HOH C .   ? HOH A 350 . ? 1_555 ? 
# 
_pdbx_entry_details.entry_id                   3CR6 
_pdbx_entry_details.compound_details           ? 
_pdbx_entry_details.source_details             ? 
_pdbx_entry_details.nonpolymer_details         ? 
_pdbx_entry_details.sequence_details           ? 
_pdbx_entry_details.has_ligand_of_interest     ? 
_pdbx_entry_details.has_protein_modification   Y 
# 
loop_
_pdbx_validate_rmsd_angle.id 
_pdbx_validate_rmsd_angle.PDB_model_num 
_pdbx_validate_rmsd_angle.auth_atom_id_1 
_pdbx_validate_rmsd_angle.auth_asym_id_1 
_pdbx_validate_rmsd_angle.auth_comp_id_1 
_pdbx_validate_rmsd_angle.auth_seq_id_1 
_pdbx_validate_rmsd_angle.PDB_ins_code_1 
_pdbx_validate_rmsd_angle.label_alt_id_1 
_pdbx_validate_rmsd_angle.auth_atom_id_2 
_pdbx_validate_rmsd_angle.auth_asym_id_2 
_pdbx_validate_rmsd_angle.auth_comp_id_2 
_pdbx_validate_rmsd_angle.auth_seq_id_2 
_pdbx_validate_rmsd_angle.PDB_ins_code_2 
_pdbx_validate_rmsd_angle.label_alt_id_2 
_pdbx_validate_rmsd_angle.auth_atom_id_3 
_pdbx_validate_rmsd_angle.auth_asym_id_3 
_pdbx_validate_rmsd_angle.auth_comp_id_3 
_pdbx_validate_rmsd_angle.auth_seq_id_3 
_pdbx_validate_rmsd_angle.PDB_ins_code_3 
_pdbx_validate_rmsd_angle.label_alt_id_3 
_pdbx_validate_rmsd_angle.angle_value 
_pdbx_validate_rmsd_angle.angle_target_value 
_pdbx_validate_rmsd_angle.angle_deviation 
_pdbx_validate_rmsd_angle.angle_standard_deviation 
_pdbx_validate_rmsd_angle.linker_flag 
1 1 NE A ARG 11  ? ? CZ A ARG 11  ? ? NH1 A ARG 11  ? ? 126.32 120.30 6.02  0.50 N 
2 1 NE A ARG 11  ? ? CZ A ARG 11  ? ? NH2 A ARG 11  ? ? 114.07 120.30 -6.23 0.50 N 
3 1 CG A MET 27  ? B SD A MET 27  ? B CE  A MET 27  ? B 113.42 100.20 13.22 1.60 N 
4 1 NE A ARG 29  ? ? CZ A ARG 29  ? ? NH2 A ARG 29  ? ? 116.96 120.30 -3.34 0.50 N 
5 1 NE A ARG 136 ? A CZ A ARG 136 ? A NH1 A ARG 136 ? A 123.35 120.30 3.05  0.50 N 
# 
loop_
_pdbx_validate_torsion.id 
_pdbx_validate_torsion.PDB_model_num 
_pdbx_validate_torsion.auth_comp_id 
_pdbx_validate_torsion.auth_asym_id 
_pdbx_validate_torsion.auth_seq_id 
_pdbx_validate_torsion.PDB_ins_code 
_pdbx_validate_torsion.label_alt_id 
_pdbx_validate_torsion.phi 
_pdbx_validate_torsion.psi 
1 1 GLU A 73  ? ? -150.09 -153.91 
2 1 ASP A 126 ? ? 52.62   -128.05 
# 
_pdbx_phasing_MR.entry_id                     3CR6 
_pdbx_phasing_MR.method_rotation              ? 
_pdbx_phasing_MR.method_translation           ? 
_pdbx_phasing_MR.model_details                ? 
_pdbx_phasing_MR.R_factor                     0.533 
_pdbx_phasing_MR.R_rigid_body                 ? 
_pdbx_phasing_MR.correlation_coeff_Fo_to_Fc   0.457 
_pdbx_phasing_MR.correlation_coeff_Io_to_Ic   ? 
_pdbx_phasing_MR.d_res_high_rotation          1.800 
_pdbx_phasing_MR.d_res_low_rotation           23.170 
_pdbx_phasing_MR.d_res_high_translation       1.800 
_pdbx_phasing_MR.d_res_low_translation        23.170 
_pdbx_phasing_MR.packing                      ? 
_pdbx_phasing_MR.reflns_percent_rotation      ? 
_pdbx_phasing_MR.reflns_percent_translation   ? 
_pdbx_phasing_MR.sigma_F_rotation             ? 
_pdbx_phasing_MR.sigma_F_translation          ? 
_pdbx_phasing_MR.sigma_I_rotation             ? 
_pdbx_phasing_MR.sigma_I_translation          ? 
# 
_phasing.method   MR 
# 
loop_
_chem_comp_atom.comp_id 
_chem_comp_atom.atom_id 
_chem_comp_atom.type_symbol 
_chem_comp_atom.pdbx_aromatic_flag 
_chem_comp_atom.pdbx_stereo_config 
_chem_comp_atom.pdbx_ordinal 
ALA N    N N N 1   
ALA CA   C N S 2   
ALA C    C N N 3   
ALA O    O N N 4   
ALA CB   C N N 5   
ALA OXT  O N N 6   
ALA H    H N N 7   
ALA H2   H N N 8   
ALA HA   H N N 9   
ALA HB1  H N N 10  
ALA HB2  H N N 11  
ALA HB3  H N N 12  
ALA HXT  H N N 13  
ARG N    N N N 14  
ARG CA   C N S 15  
ARG C    C N N 16  
ARG O    O N N 17  
ARG CB   C N N 18  
ARG CG   C N N 19  
ARG CD   C N N 20  
ARG NE   N N N 21  
ARG CZ   C N N 22  
ARG NH1  N N N 23  
ARG NH2  N N N 24  
ARG OXT  O N N 25  
ARG H    H N N 26  
ARG H2   H N N 27  
ARG HA   H N N 28  
ARG HB2  H N N 29  
ARG HB3  H N N 30  
ARG HG2  H N N 31  
ARG HG3  H N N 32  
ARG HD2  H N N 33  
ARG HD3  H N N 34  
ARG HE   H N N 35  
ARG HH11 H N N 36  
ARG HH12 H N N 37  
ARG HH21 H N N 38  
ARG HH22 H N N 39  
ARG HXT  H N N 40  
ASN N    N N N 41  
ASN CA   C N S 42  
ASN C    C N N 43  
ASN O    O N N 44  
ASN CB   C N N 45  
ASN CG   C N N 46  
ASN OD1  O N N 47  
ASN ND2  N N N 48  
ASN OXT  O N N 49  
ASN H    H N N 50  
ASN H2   H N N 51  
ASN HA   H N N 52  
ASN HB2  H N N 53  
ASN HB3  H N N 54  
ASN HD21 H N N 55  
ASN HD22 H N N 56  
ASN HXT  H N N 57  
ASP N    N N N 58  
ASP CA   C N S 59  
ASP C    C N N 60  
ASP O    O N N 61  
ASP CB   C N N 62  
ASP CG   C N N 63  
ASP OD1  O N N 64  
ASP OD2  O N N 65  
ASP OXT  O N N 66  
ASP H    H N N 67  
ASP H2   H N N 68  
ASP HA   H N N 69  
ASP HB2  H N N 70  
ASP HB3  H N N 71  
ASP HD2  H N N 72  
ASP HXT  H N N 73  
CYS N    N N N 74  
CYS CA   C N R 75  
CYS C    C N N 76  
CYS O    O N N 77  
CYS CB   C N N 78  
CYS SG   S N N 79  
CYS OXT  O N N 80  
CYS H    H N N 81  
CYS H2   H N N 82  
CYS HA   H N N 83  
CYS HB2  H N N 84  
CYS HB3  H N N 85  
CYS HG   H N N 86  
CYS HXT  H N N 87  
GLN N    N N N 88  
GLN CA   C N S 89  
GLN C    C N N 90  
GLN O    O N N 91  
GLN CB   C N N 92  
GLN CG   C N N 93  
GLN CD   C N N 94  
GLN OE1  O N N 95  
GLN NE2  N N N 96  
GLN OXT  O N N 97  
GLN H    H N N 98  
GLN H2   H N N 99  
GLN HA   H N N 100 
GLN HB2  H N N 101 
GLN HB3  H N N 102 
GLN HG2  H N N 103 
GLN HG3  H N N 104 
GLN HE21 H N N 105 
GLN HE22 H N N 106 
GLN HXT  H N N 107 
GLU N    N N N 108 
GLU CA   C N S 109 
GLU C    C N N 110 
GLU O    O N N 111 
GLU CB   C N N 112 
GLU CG   C N N 113 
GLU CD   C N N 114 
GLU OE1  O N N 115 
GLU OE2  O N N 116 
GLU OXT  O N N 117 
GLU H    H N N 118 
GLU H2   H N N 119 
GLU HA   H N N 120 
GLU HB2  H N N 121 
GLU HB3  H N N 122 
GLU HG2  H N N 123 
GLU HG3  H N N 124 
GLU HE2  H N N 125 
GLU HXT  H N N 126 
GLY N    N N N 127 
GLY CA   C N N 128 
GLY C    C N N 129 
GLY O    O N N 130 
GLY OXT  O N N 131 
GLY H    H N N 132 
GLY H2   H N N 133 
GLY HA2  H N N 134 
GLY HA3  H N N 135 
GLY HXT  H N N 136 
HOH O    O N N 137 
HOH H1   H N N 138 
HOH H2   H N N 139 
ILE N    N N N 140 
ILE CA   C N S 141 
ILE C    C N N 142 
ILE O    O N N 143 
ILE CB   C N S 144 
ILE CG1  C N N 145 
ILE CG2  C N N 146 
ILE CD1  C N N 147 
ILE OXT  O N N 148 
ILE H    H N N 149 
ILE H2   H N N 150 
ILE HA   H N N 151 
ILE HB   H N N 152 
ILE HG12 H N N 153 
ILE HG13 H N N 154 
ILE HG21 H N N 155 
ILE HG22 H N N 156 
ILE HG23 H N N 157 
ILE HD11 H N N 158 
ILE HD12 H N N 159 
ILE HD13 H N N 160 
ILE HXT  H N N 161 
LEU N    N N N 162 
LEU CA   C N S 163 
LEU C    C N N 164 
LEU O    O N N 165 
LEU CB   C N N 166 
LEU CG   C N N 167 
LEU CD1  C N N 168 
LEU CD2  C N N 169 
LEU OXT  O N N 170 
LEU H    H N N 171 
LEU H2   H N N 172 
LEU HA   H N N 173 
LEU HB2  H N N 174 
LEU HB3  H N N 175 
LEU HG   H N N 176 
LEU HD11 H N N 177 
LEU HD12 H N N 178 
LEU HD13 H N N 179 
LEU HD21 H N N 180 
LEU HD22 H N N 181 
LEU HD23 H N N 182 
LEU HXT  H N N 183 
LSR CAF  C N N 184 
LSR CAE  C N N 185 
LSR CAD  C N N 186 
LSR CAA  C N N 187 
LSR CAC  C N N 188 
LSR CAB  C N N 189 
LSR CAK  C N N 190 
LSR CAJ  C N N 191 
LSR CAI  C N N 192 
LSR CAN  C N N 193 
LSR CAO  C N N 194 
LSR CAP  C N N 195 
LSR CAL  C N N 196 
LSR CAH  C N N 197 
LSR CAM  C N N 198 
LSR HAE  H N N 199 
LSR HAA  H N N 200 
LSR HAAA H N N 201 
LSR HAAB H N N 202 
LSR HAC  H N N 203 
LSR HAB  H N N 204 
LSR HAI  H N N 205 
LSR HAIA H N N 206 
LSR HAIB H N N 207 
LSR HAN  H N N 208 
LSR HANA H N N 209 
LSR HAO  H N N 210 
LSR HAOA H N N 211 
LSR HAP  H N N 212 
LSR HAPA H N N 213 
LSR HAH  H N N 214 
LSR HAHA H N N 215 
LSR HAHB H N N 216 
LSR HAM  H N N 217 
LSR HAMA H N N 218 
LSR HAMB H N N 219 
LSR HAF  H N N 220 
LSR HAFA H N N 221 
LSR H24  H N N 222 
LYS N    N N N 223 
LYS CA   C N S 224 
LYS C    C N N 225 
LYS O    O N N 226 
LYS CB   C N N 227 
LYS CG   C N N 228 
LYS CD   C N N 229 
LYS CE   C N N 230 
LYS NZ   N N N 231 
LYS OXT  O N N 232 
LYS H    H N N 233 
LYS H2   H N N 234 
LYS HA   H N N 235 
LYS HB2  H N N 236 
LYS HB3  H N N 237 
LYS HG2  H N N 238 
LYS HG3  H N N 239 
LYS HD2  H N N 240 
LYS HD3  H N N 241 
LYS HE2  H N N 242 
LYS HE3  H N N 243 
LYS HZ1  H N N 244 
LYS HZ2  H N N 245 
LYS HZ3  H N N 246 
LYS HXT  H N N 247 
MET N    N N N 248 
MET CA   C N S 249 
MET C    C N N 250 
MET O    O N N 251 
MET CB   C N N 252 
MET CG   C N N 253 
MET SD   S N N 254 
MET CE   C N N 255 
MET OXT  O N N 256 
MET H    H N N 257 
MET H2   H N N 258 
MET HA   H N N 259 
MET HB2  H N N 260 
MET HB3  H N N 261 
MET HG2  H N N 262 
MET HG3  H N N 263 
MET HE1  H N N 264 
MET HE2  H N N 265 
MET HE3  H N N 266 
MET HXT  H N N 267 
PHE N    N N N 268 
PHE CA   C N S 269 
PHE C    C N N 270 
PHE O    O N N 271 
PHE CB   C N N 272 
PHE CG   C Y N 273 
PHE CD1  C Y N 274 
PHE CD2  C Y N 275 
PHE CE1  C Y N 276 
PHE CE2  C Y N 277 
PHE CZ   C Y N 278 
PHE OXT  O N N 279 
PHE H    H N N 280 
PHE H2   H N N 281 
PHE HA   H N N 282 
PHE HB2  H N N 283 
PHE HB3  H N N 284 
PHE HD1  H N N 285 
PHE HD2  H N N 286 
PHE HE1  H N N 287 
PHE HE2  H N N 288 
PHE HZ   H N N 289 
PHE HXT  H N N 290 
PRO N    N N N 291 
PRO CA   C N S 292 
PRO C    C N N 293 
PRO O    O N N 294 
PRO CB   C N N 295 
PRO CG   C N N 296 
PRO CD   C N N 297 
PRO OXT  O N N 298 
PRO H    H N N 299 
PRO HA   H N N 300 
PRO HB2  H N N 301 
PRO HB3  H N N 302 
PRO HG2  H N N 303 
PRO HG3  H N N 304 
PRO HD2  H N N 305 
PRO HD3  H N N 306 
PRO HXT  H N N 307 
SER N    N N N 308 
SER CA   C N S 309 
SER C    C N N 310 
SER O    O N N 311 
SER CB   C N N 312 
SER OG   O N N 313 
SER OXT  O N N 314 
SER H    H N N 315 
SER H2   H N N 316 
SER HA   H N N 317 
SER HB2  H N N 318 
SER HB3  H N N 319 
SER HG   H N N 320 
SER HXT  H N N 321 
THR N    N N N 322 
THR CA   C N S 323 
THR C    C N N 324 
THR O    O N N 325 
THR CB   C N R 326 
THR OG1  O N N 327 
THR CG2  C N N 328 
THR OXT  O N N 329 
THR H    H N N 330 
THR H2   H N N 331 
THR HA   H N N 332 
THR HB   H N N 333 
THR HG1  H N N 334 
THR HG21 H N N 335 
THR HG22 H N N 336 
THR HG23 H N N 337 
THR HXT  H N N 338 
TRP N    N N N 339 
TRP CA   C N S 340 
TRP C    C N N 341 
TRP O    O N N 342 
TRP CB   C N N 343 
TRP CG   C Y N 344 
TRP CD1  C Y N 345 
TRP CD2  C Y N 346 
TRP NE1  N Y N 347 
TRP CE2  C Y N 348 
TRP CE3  C Y N 349 
TRP CZ2  C Y N 350 
TRP CZ3  C Y N 351 
TRP CH2  C Y N 352 
TRP OXT  O N N 353 
TRP H    H N N 354 
TRP H2   H N N 355 
TRP HA   H N N 356 
TRP HB2  H N N 357 
TRP HB3  H N N 358 
TRP HD1  H N N 359 
TRP HE1  H N N 360 
TRP HE3  H N N 361 
TRP HZ2  H N N 362 
TRP HZ3  H N N 363 
TRP HH2  H N N 364 
TRP HXT  H N N 365 
TYR N    N N N 366 
TYR CA   C N S 367 
TYR C    C N N 368 
TYR O    O N N 369 
TYR CB   C N N 370 
TYR CG   C Y N 371 
TYR CD1  C Y N 372 
TYR CD2  C Y N 373 
TYR CE1  C Y N 374 
TYR CE2  C Y N 375 
TYR CZ   C Y N 376 
TYR OH   O N N 377 
TYR OXT  O N N 378 
TYR H    H N N 379 
TYR H2   H N N 380 
TYR HA   H N N 381 
TYR HB2  H N N 382 
TYR HB3  H N N 383 
TYR HD1  H N N 384 
TYR HD2  H N N 385 
TYR HE1  H N N 386 
TYR HE2  H N N 387 
TYR HH   H N N 388 
TYR HXT  H N N 389 
VAL N    N N N 390 
VAL CA   C N S 391 
VAL C    C N N 392 
VAL O    O N N 393 
VAL CB   C N N 394 
VAL CG1  C N N 395 
VAL CG2  C N N 396 
VAL OXT  O N N 397 
VAL H    H N N 398 
VAL H2   H N N 399 
VAL HA   H N N 400 
VAL HB   H N N 401 
VAL HG11 H N N 402 
VAL HG12 H N N 403 
VAL HG13 H N N 404 
VAL HG21 H N N 405 
VAL HG22 H N N 406 
VAL HG23 H N N 407 
VAL HXT  H N N 408 
# 
loop_
_chem_comp_bond.comp_id 
_chem_comp_bond.atom_id_1 
_chem_comp_bond.atom_id_2 
_chem_comp_bond.value_order 
_chem_comp_bond.pdbx_aromatic_flag 
_chem_comp_bond.pdbx_stereo_config 
_chem_comp_bond.pdbx_ordinal 
ALA N   CA   sing N N 1   
ALA N   H    sing N N 2   
ALA N   H2   sing N N 3   
ALA CA  C    sing N N 4   
ALA CA  CB   sing N N 5   
ALA CA  HA   sing N N 6   
ALA C   O    doub N N 7   
ALA C   OXT  sing N N 8   
ALA CB  HB1  sing N N 9   
ALA CB  HB2  sing N N 10  
ALA CB  HB3  sing N N 11  
ALA OXT HXT  sing N N 12  
ARG N   CA   sing N N 13  
ARG N   H    sing N N 14  
ARG N   H2   sing N N 15  
ARG CA  C    sing N N 16  
ARG CA  CB   sing N N 17  
ARG CA  HA   sing N N 18  
ARG C   O    doub N N 19  
ARG C   OXT  sing N N 20  
ARG CB  CG   sing N N 21  
ARG CB  HB2  sing N N 22  
ARG CB  HB3  sing N N 23  
ARG CG  CD   sing N N 24  
ARG CG  HG2  sing N N 25  
ARG CG  HG3  sing N N 26  
ARG CD  NE   sing N N 27  
ARG CD  HD2  sing N N 28  
ARG CD  HD3  sing N N 29  
ARG NE  CZ   sing N N 30  
ARG NE  HE   sing N N 31  
ARG CZ  NH1  sing N N 32  
ARG CZ  NH2  doub N N 33  
ARG NH1 HH11 sing N N 34  
ARG NH1 HH12 sing N N 35  
ARG NH2 HH21 sing N N 36  
ARG NH2 HH22 sing N N 37  
ARG OXT HXT  sing N N 38  
ASN N   CA   sing N N 39  
ASN N   H    sing N N 40  
ASN N   H2   sing N N 41  
ASN CA  C    sing N N 42  
ASN CA  CB   sing N N 43  
ASN CA  HA   sing N N 44  
ASN C   O    doub N N 45  
ASN C   OXT  sing N N 46  
ASN CB  CG   sing N N 47  
ASN CB  HB2  sing N N 48  
ASN CB  HB3  sing N N 49  
ASN CG  OD1  doub N N 50  
ASN CG  ND2  sing N N 51  
ASN ND2 HD21 sing N N 52  
ASN ND2 HD22 sing N N 53  
ASN OXT HXT  sing N N 54  
ASP N   CA   sing N N 55  
ASP N   H    sing N N 56  
ASP N   H2   sing N N 57  
ASP CA  C    sing N N 58  
ASP CA  CB   sing N N 59  
ASP CA  HA   sing N N 60  
ASP C   O    doub N N 61  
ASP C   OXT  sing N N 62  
ASP CB  CG   sing N N 63  
ASP CB  HB2  sing N N 64  
ASP CB  HB3  sing N N 65  
ASP CG  OD1  doub N N 66  
ASP CG  OD2  sing N N 67  
ASP OD2 HD2  sing N N 68  
ASP OXT HXT  sing N N 69  
CYS N   CA   sing N N 70  
CYS N   H    sing N N 71  
CYS N   H2   sing N N 72  
CYS CA  C    sing N N 73  
CYS CA  CB   sing N N 74  
CYS CA  HA   sing N N 75  
CYS C   O    doub N N 76  
CYS C   OXT  sing N N 77  
CYS CB  SG   sing N N 78  
CYS CB  HB2  sing N N 79  
CYS CB  HB3  sing N N 80  
CYS SG  HG   sing N N 81  
CYS OXT HXT  sing N N 82  
GLN N   CA   sing N N 83  
GLN N   H    sing N N 84  
GLN N   H2   sing N N 85  
GLN CA  C    sing N N 86  
GLN CA  CB   sing N N 87  
GLN CA  HA   sing N N 88  
GLN C   O    doub N N 89  
GLN C   OXT  sing N N 90  
GLN CB  CG   sing N N 91  
GLN CB  HB2  sing N N 92  
GLN CB  HB3  sing N N 93  
GLN CG  CD   sing N N 94  
GLN CG  HG2  sing N N 95  
GLN CG  HG3  sing N N 96  
GLN CD  OE1  doub N N 97  
GLN CD  NE2  sing N N 98  
GLN NE2 HE21 sing N N 99  
GLN NE2 HE22 sing N N 100 
GLN OXT HXT  sing N N 101 
GLU N   CA   sing N N 102 
GLU N   H    sing N N 103 
GLU N   H2   sing N N 104 
GLU CA  C    sing N N 105 
GLU CA  CB   sing N N 106 
GLU CA  HA   sing N N 107 
GLU C   O    doub N N 108 
GLU C   OXT  sing N N 109 
GLU CB  CG   sing N N 110 
GLU CB  HB2  sing N N 111 
GLU CB  HB3  sing N N 112 
GLU CG  CD   sing N N 113 
GLU CG  HG2  sing N N 114 
GLU CG  HG3  sing N N 115 
GLU CD  OE1  doub N N 116 
GLU CD  OE2  sing N N 117 
GLU OE2 HE2  sing N N 118 
GLU OXT HXT  sing N N 119 
GLY N   CA   sing N N 120 
GLY N   H    sing N N 121 
GLY N   H2   sing N N 122 
GLY CA  C    sing N N 123 
GLY CA  HA2  sing N N 124 
GLY CA  HA3  sing N N 125 
GLY C   O    doub N N 126 
GLY C   OXT  sing N N 127 
GLY OXT HXT  sing N N 128 
HOH O   H1   sing N N 129 
HOH O   H2   sing N N 130 
ILE N   CA   sing N N 131 
ILE N   H    sing N N 132 
ILE N   H2   sing N N 133 
ILE CA  C    sing N N 134 
ILE CA  CB   sing N N 135 
ILE CA  HA   sing N N 136 
ILE C   O    doub N N 137 
ILE C   OXT  sing N N 138 
ILE CB  CG1  sing N N 139 
ILE CB  CG2  sing N N 140 
ILE CB  HB   sing N N 141 
ILE CG1 CD1  sing N N 142 
ILE CG1 HG12 sing N N 143 
ILE CG1 HG13 sing N N 144 
ILE CG2 HG21 sing N N 145 
ILE CG2 HG22 sing N N 146 
ILE CG2 HG23 sing N N 147 
ILE CD1 HD11 sing N N 148 
ILE CD1 HD12 sing N N 149 
ILE CD1 HD13 sing N N 150 
ILE OXT HXT  sing N N 151 
LEU N   CA   sing N N 152 
LEU N   H    sing N N 153 
LEU N   H2   sing N N 154 
LEU CA  C    sing N N 155 
LEU CA  CB   sing N N 156 
LEU CA  HA   sing N N 157 
LEU C   O    doub N N 158 
LEU C   OXT  sing N N 159 
LEU CB  CG   sing N N 160 
LEU CB  HB2  sing N N 161 
LEU CB  HB3  sing N N 162 
LEU CG  CD1  sing N N 163 
LEU CG  CD2  sing N N 164 
LEU CG  HG   sing N N 165 
LEU CD1 HD11 sing N N 166 
LEU CD1 HD12 sing N N 167 
LEU CD1 HD13 sing N N 168 
LEU CD2 HD21 sing N N 169 
LEU CD2 HD22 sing N N 170 
LEU CD2 HD23 sing N N 171 
LEU OXT HXT  sing N N 172 
LSR CAF CAE  sing N N 173 
LSR CAE CAD  doub N N 174 
LSR CAE HAE  sing N N 175 
LSR CAD CAA  sing N N 176 
LSR CAD CAC  sing N E 177 
LSR CAA HAA  sing N N 178 
LSR CAA HAAA sing N N 179 
LSR CAA HAAB sing N N 180 
LSR CAC CAB  doub N N 181 
LSR CAC HAC  sing N N 182 
LSR CAB CAK  sing N N 183 
LSR CAB HAB  sing N E 184 
LSR CAK CAJ  doub N N 185 
LSR CAK CAL  sing N N 186 
LSR CAJ CAI  sing N N 187 
LSR CAJ CAN  sing N N 188 
LSR CAI HAI  sing N N 189 
LSR CAI HAIA sing N N 190 
LSR CAI HAIB sing N N 191 
LSR CAN CAO  sing N N 192 
LSR CAN HAN  sing N N 193 
LSR CAN HANA sing N N 194 
LSR CAO CAP  sing N N 195 
LSR CAO HAO  sing N N 196 
LSR CAO HAOA sing N N 197 
LSR CAP CAL  sing N N 198 
LSR CAP HAP  sing N N 199 
LSR CAP HAPA sing N N 200 
LSR CAL CAH  sing N N 201 
LSR CAL CAM  sing N N 202 
LSR CAH HAH  sing N N 203 
LSR CAH HAHA sing N N 204 
LSR CAH HAHB sing N N 205 
LSR CAM HAM  sing N N 206 
LSR CAM HAMA sing N N 207 
LSR CAM HAMB sing N N 208 
LSR CAF HAF  sing N N 209 
LSR CAF HAFA sing N N 210 
LSR CAF H24  sing N N 211 
LYS N   CA   sing N N 212 
LYS N   H    sing N N 213 
LYS N   H2   sing N N 214 
LYS CA  C    sing N N 215 
LYS CA  CB   sing N N 216 
LYS CA  HA   sing N N 217 
LYS C   O    doub N N 218 
LYS C   OXT  sing N N 219 
LYS CB  CG   sing N N 220 
LYS CB  HB2  sing N N 221 
LYS CB  HB3  sing N N 222 
LYS CG  CD   sing N N 223 
LYS CG  HG2  sing N N 224 
LYS CG  HG3  sing N N 225 
LYS CD  CE   sing N N 226 
LYS CD  HD2  sing N N 227 
LYS CD  HD3  sing N N 228 
LYS CE  NZ   sing N N 229 
LYS CE  HE2  sing N N 230 
LYS CE  HE3  sing N N 231 
LYS NZ  HZ1  sing N N 232 
LYS NZ  HZ2  sing N N 233 
LYS NZ  HZ3  sing N N 234 
LYS OXT HXT  sing N N 235 
MET N   CA   sing N N 236 
MET N   H    sing N N 237 
MET N   H2   sing N N 238 
MET CA  C    sing N N 239 
MET CA  CB   sing N N 240 
MET CA  HA   sing N N 241 
MET C   O    doub N N 242 
MET C   OXT  sing N N 243 
MET CB  CG   sing N N 244 
MET CB  HB2  sing N N 245 
MET CB  HB3  sing N N 246 
MET CG  SD   sing N N 247 
MET CG  HG2  sing N N 248 
MET CG  HG3  sing N N 249 
MET SD  CE   sing N N 250 
MET CE  HE1  sing N N 251 
MET CE  HE2  sing N N 252 
MET CE  HE3  sing N N 253 
MET OXT HXT  sing N N 254 
PHE N   CA   sing N N 255 
PHE N   H    sing N N 256 
PHE N   H2   sing N N 257 
PHE CA  C    sing N N 258 
PHE CA  CB   sing N N 259 
PHE CA  HA   sing N N 260 
PHE C   O    doub N N 261 
PHE C   OXT  sing N N 262 
PHE CB  CG   sing N N 263 
PHE CB  HB2  sing N N 264 
PHE CB  HB3  sing N N 265 
PHE CG  CD1  doub Y N 266 
PHE CG  CD2  sing Y N 267 
PHE CD1 CE1  sing Y N 268 
PHE CD1 HD1  sing N N 269 
PHE CD2 CE2  doub Y N 270 
PHE CD2 HD2  sing N N 271 
PHE CE1 CZ   doub Y N 272 
PHE CE1 HE1  sing N N 273 
PHE CE2 CZ   sing Y N 274 
PHE CE2 HE2  sing N N 275 
PHE CZ  HZ   sing N N 276 
PHE OXT HXT  sing N N 277 
PRO N   CA   sing N N 278 
PRO N   CD   sing N N 279 
PRO N   H    sing N N 280 
PRO CA  C    sing N N 281 
PRO CA  CB   sing N N 282 
PRO CA  HA   sing N N 283 
PRO C   O    doub N N 284 
PRO C   OXT  sing N N 285 
PRO CB  CG   sing N N 286 
PRO CB  HB2  sing N N 287 
PRO CB  HB3  sing N N 288 
PRO CG  CD   sing N N 289 
PRO CG  HG2  sing N N 290 
PRO CG  HG3  sing N N 291 
PRO CD  HD2  sing N N 292 
PRO CD  HD3  sing N N 293 
PRO OXT HXT  sing N N 294 
SER N   CA   sing N N 295 
SER N   H    sing N N 296 
SER N   H2   sing N N 297 
SER CA  C    sing N N 298 
SER CA  CB   sing N N 299 
SER CA  HA   sing N N 300 
SER C   O    doub N N 301 
SER C   OXT  sing N N 302 
SER CB  OG   sing N N 303 
SER CB  HB2  sing N N 304 
SER CB  HB3  sing N N 305 
SER OG  HG   sing N N 306 
SER OXT HXT  sing N N 307 
THR N   CA   sing N N 308 
THR N   H    sing N N 309 
THR N   H2   sing N N 310 
THR CA  C    sing N N 311 
THR CA  CB   sing N N 312 
THR CA  HA   sing N N 313 
THR C   O    doub N N 314 
THR C   OXT  sing N N 315 
THR CB  OG1  sing N N 316 
THR CB  CG2  sing N N 317 
THR CB  HB   sing N N 318 
THR OG1 HG1  sing N N 319 
THR CG2 HG21 sing N N 320 
THR CG2 HG22 sing N N 321 
THR CG2 HG23 sing N N 322 
THR OXT HXT  sing N N 323 
TRP N   CA   sing N N 324 
TRP N   H    sing N N 325 
TRP N   H2   sing N N 326 
TRP CA  C    sing N N 327 
TRP CA  CB   sing N N 328 
TRP CA  HA   sing N N 329 
TRP C   O    doub N N 330 
TRP C   OXT  sing N N 331 
TRP CB  CG   sing N N 332 
TRP CB  HB2  sing N N 333 
TRP CB  HB3  sing N N 334 
TRP CG  CD1  doub Y N 335 
TRP CG  CD2  sing Y N 336 
TRP CD1 NE1  sing Y N 337 
TRP CD1 HD1  sing N N 338 
TRP CD2 CE2  doub Y N 339 
TRP CD2 CE3  sing Y N 340 
TRP NE1 CE2  sing Y N 341 
TRP NE1 HE1  sing N N 342 
TRP CE2 CZ2  sing Y N 343 
TRP CE3 CZ3  doub Y N 344 
TRP CE3 HE3  sing N N 345 
TRP CZ2 CH2  doub Y N 346 
TRP CZ2 HZ2  sing N N 347 
TRP CZ3 CH2  sing Y N 348 
TRP CZ3 HZ3  sing N N 349 
TRP CH2 HH2  sing N N 350 
TRP OXT HXT  sing N N 351 
TYR N   CA   sing N N 352 
TYR N   H    sing N N 353 
TYR N   H2   sing N N 354 
TYR CA  C    sing N N 355 
TYR CA  CB   sing N N 356 
TYR CA  HA   sing N N 357 
TYR C   O    doub N N 358 
TYR C   OXT  sing N N 359 
TYR CB  CG   sing N N 360 
TYR CB  HB2  sing N N 361 
TYR CB  HB3  sing N N 362 
TYR CG  CD1  doub Y N 363 
TYR CG  CD2  sing Y N 364 
TYR CD1 CE1  sing Y N 365 
TYR CD1 HD1  sing N N 366 
TYR CD2 CE2  doub Y N 367 
TYR CD2 HD2  sing N N 368 
TYR CE1 CZ   doub Y N 369 
TYR CE1 HE1  sing N N 370 
TYR CE2 CZ   sing Y N 371 
TYR CE2 HE2  sing N N 372 
TYR CZ  OH   sing N N 373 
TYR OH  HH   sing N N 374 
TYR OXT HXT  sing N N 375 
VAL N   CA   sing N N 376 
VAL N   H    sing N N 377 
VAL N   H2   sing N N 378 
VAL CA  C    sing N N 379 
VAL CA  CB   sing N N 380 
VAL CA  HA   sing N N 381 
VAL C   O    doub N N 382 
VAL C   OXT  sing N N 383 
VAL CB  CG1  sing N N 384 
VAL CB  CG2  sing N N 385 
VAL CB  HB   sing N N 386 
VAL CG1 HG11 sing N N 387 
VAL CG1 HG12 sing N N 388 
VAL CG1 HG13 sing N N 389 
VAL CG2 HG21 sing N N 390 
VAL CG2 HG22 sing N N 391 
VAL CG2 HG23 sing N N 392 
VAL OXT HXT  sing N N 393 
# 
_pdbx_initial_refinement_model.id               1 
_pdbx_initial_refinement_model.entity_id_list   ? 
_pdbx_initial_refinement_model.type             'experimental model' 
_pdbx_initial_refinement_model.source_name      PDB 
_pdbx_initial_refinement_model.accession_code   2G7B 
_pdbx_initial_refinement_model.details          'PDB entry 2G7B' 
# 
_atom_sites.entry_id                    3CR6 
_atom_sites.fract_transf_matrix[1][1]   -0.02555464 
_atom_sites.fract_transf_matrix[1][2]   -0.01248648 
_atom_sites.fract_transf_matrix[1][3]   -0.00399302 
_atom_sites.fract_transf_matrix[2][1]   -0.00214495 
_atom_sites.fract_transf_matrix[2][2]   -0.00243155 
_atom_sites.fract_transf_matrix[2][3]   0.02133098 
_atom_sites.fract_transf_matrix[3][1]   -0.01298922 
_atom_sites.fract_transf_matrix[3][2]   0.02342389 
_atom_sites.fract_transf_matrix[3][3]   0.00136399 
_atom_sites.fract_transf_vector[1]      0.274618 
_atom_sites.fract_transf_vector[2]      -0.012358 
_atom_sites.fract_transf_vector[3]      0.171542 
# 
loop_
_atom_type.symbol 
C 
N 
O 
S 
# 
loop_
_atom_site.group_PDB 
_atom_site.id 
_atom_site.type_symbol 
_atom_site.label_atom_id 
_atom_site.label_alt_id 
_atom_site.label_comp_id 
_atom_site.label_asym_id 
_atom_site.label_entity_id 
_atom_site.label_seq_id 
_atom_site.pdbx_PDB_ins_code 
_atom_site.Cartn_x 
_atom_site.Cartn_y 
_atom_site.Cartn_z 
_atom_site.occupancy 
_atom_site.B_iso_or_equiv 
_atom_site.pdbx_formal_charge 
_atom_site.auth_seq_id 
_atom_site.auth_comp_id 
_atom_site.auth_asym_id 
_atom_site.auth_atom_id 
_atom_site.pdbx_PDB_model_num 
ATOM   1    N N   . PRO A 1 1   ? -9.205  16.120  10.406  1.00 18.25  ? 1   PRO A N   1 
ATOM   2    C CA  . PRO A 1 1   ? -8.120  15.789  9.421   1.00 18.24  ? 1   PRO A CA  1 
ATOM   3    C C   . PRO A 1 1   ? -8.666  14.876  8.357   1.00 14.19  ? 1   PRO A C   1 
ATOM   4    O O   . PRO A 1 1   ? -9.692  14.175  8.575   1.00 18.04  ? 1   PRO A O   1 
ATOM   5    C CB  . PRO A 1 1   ? -7.085  15.149  10.338  1.00 19.69  ? 1   PRO A CB  1 
ATOM   6    C CG  . PRO A 1 1   ? -7.199  16.001  11.580  1.00 21.78  ? 1   PRO A CG  1 
ATOM   7    C CD  . PRO A 1 1   ? -8.541  16.676  11.627  1.00 21.45  ? 1   PRO A CD  1 
ATOM   8    N N   . ASN A 1 2   ? -8.022  14.811  7.214   1.00 15.20  ? 2   ASN A N   1 
ATOM   9    C CA  . ASN A 1 2   ? -8.435  13.792  6.227   1.00 14.04  ? 2   ASN A CA  1 
ATOM   10   C C   . ASN A 1 2   ? -7.240  13.408  5.366   1.00 13.56  ? 2   ASN A C   1 
ATOM   11   O O   . ASN A 1 2   ? -6.179  14.024  5.514   1.00 14.48  ? 2   ASN A O   1 
ATOM   12   C CB  . ASN A 1 2   ? -9.539  14.366  5.353   1.00 16.17  ? 2   ASN A CB  1 
ATOM   13   C CG  . ASN A 1 2   ? -9.035  15.536  4.542   1.00 14.03  ? 2   ASN A CG  1 
ATOM   14   O OD1 . ASN A 1 2   ? -8.694  15.314  3.376   1.00 15.86  ? 2   ASN A OD1 1 
ATOM   15   N ND2 . ASN A 1 2   ? -8.911  16.790  5.000   1.00 14.46  ? 2   ASN A ND2 1 
ATOM   16   N N   . PHE A 1 3   ? -7.456  12.427  4.457   1.00 11.77  ? 3   PHE A N   1 
ATOM   17   C CA  . PHE A 1 3   ? -6.342  11.868  3.705   1.00 10.98  ? 3   PHE A CA  1 
ATOM   18   C C   . PHE A 1 3   ? -6.124  12.521  2.371   1.00 11.11  ? 3   PHE A C   1 
ATOM   19   O O   . PHE A 1 3   ? -5.142  12.190  1.704   1.00 12.41  ? 3   PHE A O   1 
ATOM   20   C CB  . PHE A 1 3   ? -6.593  10.369  3.454   1.00 11.29  ? 3   PHE A CB  1 
ATOM   21   C CG  . PHE A 1 3   ? -6.473  9.532   4.688   1.00 11.43  ? 3   PHE A CG  1 
ATOM   22   C CD1 . PHE A 1 3   ? -7.513  9.379   5.614   1.00 12.07  ? 3   PHE A CD1 1 
ATOM   23   C CD2 . PHE A 1 3   ? -5.280  8.818   4.931   1.00 11.86  ? 3   PHE A CD2 1 
ATOM   24   C CE1 . PHE A 1 3   ? -7.361  8.562   6.719   1.00 12.95  ? 3   PHE A CE1 1 
ATOM   25   C CE2 . PHE A 1 3   ? -5.158  8.029   6.033   1.00 13.03  ? 3   PHE A CE2 1 
ATOM   26   C CZ  . PHE A 1 3   ? -6.168  7.863   6.941   1.00 11.93  ? 3   PHE A CZ  1 
ATOM   27   N N   . SER A 1 4   ? -6.974  13.436  1.871   1.00 11.67  ? 4   SER A N   1 
ATOM   28   C CA  . SER A 1 4   ? -6.799  13.909  0.487   1.00 12.22  ? 4   SER A CA  1 
ATOM   29   C C   . SER A 1 4   ? -5.535  14.717  0.325   1.00 11.25  ? 4   SER A C   1 
ATOM   30   O O   . SER A 1 4   ? -5.167  15.544  1.210   1.00 14.43  ? 4   SER A O   1 
ATOM   31   C CB  . SER A 1 4   ? -8.010  14.805  0.104   1.00 13.27  ? 4   SER A CB  1 
ATOM   32   O OG  . SER A 1 4   ? -9.169  13.954  0.084   1.00 12.18  ? 4   SER A OG  1 
ATOM   33   N N   . GLY A 1 5   ? -4.805  14.582  -0.753  1.00 11.65  ? 5   GLY A N   1 
ATOM   34   C CA  . GLY A 1 5   ? -3.640  15.407  -1.059  1.00 14.33  ? 5   GLY A CA  1 
ATOM   35   C C   . GLY A 1 5   ? -2.766  14.695  -2.081  1.00 10.70  ? 5   GLY A C   1 
ATOM   36   O O   . GLY A 1 5   ? -2.987  13.544  -2.476  1.00 11.42  ? 5   GLY A O   1 
ATOM   37   N N   . ASN A 1 6   ? -1.756  15.443  -2.476  1.00 12.05  ? 6   ASN A N   1 
ATOM   38   C CA  . ASN A 1 6   ? -0.643  14.910  -3.272  1.00 12.02  ? 6   ASN A CA  1 
ATOM   39   C C   . ASN A 1 6   ? 0.498   14.806  -2.267  1.00 11.94  ? 6   ASN A C   1 
ATOM   40   O O   . ASN A 1 6   ? 1.059   15.801  -1.867  1.00 15.51  ? 6   ASN A O   1 
ATOM   41   C CB  . ASN A 1 6   ? -0.237  15.816  -4.401  1.00 16.27  ? 6   ASN A CB  1 
ATOM   42   C CG  . ASN A 1 6   ? -1.070  15.620  -5.664  1.00 22.01  ? 6   ASN A CG  1 
ATOM   43   O OD1 . ASN A 1 6   ? -2.295  15.710  -5.620  1.00 23.13  ? 6   ASN A OD1 1 
ATOM   44   N ND2 . ASN A 1 6   ? -0.443  15.352  -6.790  1.00 37.58  ? 6   ASN A ND2 1 
ATOM   45   N N   . TRP A 1 7   ? 0.786   13.568  -1.895  1.00 12.01  ? 7   TRP A N   1 
ATOM   46   C CA  . TRP A 1 7   ? 1.734   13.282  -0.807  1.00 11.77  ? 7   TRP A CA  1 
ATOM   47   C C   . TRP A 1 7   ? 3.122   12.921  -1.395  1.00 11.66  ? 7   TRP A C   1 
ATOM   48   O O   . TRP A 1 7   ? 3.250   12.147  -2.350  1.00 12.63  ? 7   TRP A O   1 
ATOM   49   C CB  . TRP A 1 7   ? 1.151   12.131  -0.006  1.00 11.37  ? 7   TRP A CB  1 
ATOM   50   C CG  . TRP A 1 7   ? -0.105  12.414  0.732   1.00 10.86  ? 7   TRP A CG  1 
ATOM   51   C CD1 . TRP A 1 7   ? -1.385  12.212  0.202   1.00 12.05  ? 7   TRP A CD1 1 
ATOM   52   C CD2 . TRP A 1 7   ? -0.281  12.892  2.033   1.00 10.29  ? 7   TRP A CD2 1 
ATOM   53   N NE1 . TRP A 1 7   ? -2.335  12.581  1.168   1.00 12.45  ? 7   TRP A NE1 1 
ATOM   54   C CE2 . TRP A 1 7   ? -1.666  12.989  2.308   1.00 10.18  ? 7   TRP A CE2 1 
ATOM   55   C CE3 . TRP A 1 7   ? 0.621   13.262  3.052   1.00 10.07  ? 7   TRP A CE3 1 
ATOM   56   C CZ2 . TRP A 1 7   ? -2.173  13.429  3.511   1.00 11.38  ? 7   TRP A CZ2 1 
ATOM   57   C CZ3 . TRP A 1 7   ? 0.120   13.690  4.244   1.00 11.05  ? 7   TRP A CZ3 1 
ATOM   58   C CH2 . TRP A 1 7   ? -1.266  13.778  4.495   1.00 11.41  ? 7   TRP A CH2 1 
ATOM   59   N N   . LYS A 1 8   ? 4.144   13.544  -0.770  1.00 11.36  ? 8   LYS A N   1 
ATOM   60   C CA  . LYS A 1 8   ? 5.535   13.380  -1.213  1.00 12.32  ? 8   LYS A CA  1 
ATOM   61   C C   . LYS A 1 8   ? 6.268   12.509  -0.190  1.00 11.96  ? 8   LYS A C   1 
ATOM   62   O O   . LYS A 1 8   ? 6.137   12.716  1.023   1.00 11.90  ? 8   LYS A O   1 
ATOM   63   C CB  . LYS A 1 8   ? 6.196   14.762  -1.327  1.00 15.85  ? 8   LYS A CB  1 
ATOM   64   C CG  . LYS A 1 8   ? 7.701   14.826  -1.447  1.00 25.60  ? 8   LYS A CG  1 
ATOM   65   C CD  . LYS A 1 8   ? 8.102   16.285  -1.618  1.00 31.93  ? 8   LYS A CD  1 
ATOM   66   C CE  . LYS A 1 8   ? 8.155   17.092  -0.349  1.00 38.47  ? 8   LYS A CE  1 
ATOM   67   N NZ  . LYS A 1 8   ? 9.463   17.787  -0.149  1.00 44.24  ? 8   LYS A NZ  1 
ATOM   68   N N   . ILE A 1 9   ? 7.015   11.545  -0.707  1.00 11.53  ? 9   ILE A N   1 
ATOM   69   C CA  . ILE A 1 9   ? 7.665   10.602  0.207   1.00 11.82  ? 9   ILE A CA  1 
ATOM   70   C C   . ILE A 1 9   ? 8.847   11.230  0.927   1.00 11.61  ? 9   ILE A C   1 
ATOM   71   O O   . ILE A 1 9   ? 9.662   11.899  0.279   1.00 14.49  ? 9   ILE A O   1 
ATOM   72   C CB  . ILE A 1 9   ? 8.037   9.329   -0.577  1.00 12.31  ? 9   ILE A CB  1 
ATOM   73   C CG1 . ILE A 1 9   ? 8.245   8.159   0.393   1.00 13.10  ? 9   ILE A CG1 1 
ATOM   74   C CG2 . ILE A 1 9   ? 9.221   9.510   -1.503  1.00 14.55  ? 9   ILE A CG2 1 
ATOM   75   C CD1 . ILE A 1 9   ? 8.408   6.806   -0.295  1.00 13.61  ? 9   ILE A CD1 1 
ATOM   76   N N   . ILE A 1 10  ? 8.971   10.934  2.233   1.00 10.91  ? 10  ILE A N   1 
ATOM   77   C CA  . ILE A 1 10  ? 10.112  11.382  3.001   1.00 11.73  ? 10  ILE A CA  1 
ATOM   78   C C   . ILE A 1 10  ? 10.880  10.255  3.688   1.00 10.93  ? 10  ILE A C   1 
ATOM   79   O O   . ILE A 1 10  ? 11.987  10.528  4.153   1.00 13.77  ? 10  ILE A O   1 
ATOM   80   C CB  . ILE A 1 10  ? 9.693   12.428  4.048   1.00 11.91  ? 10  ILE A CB  1 
ATOM   81   C CG1 . ILE A 1 10  ? 8.708   11.963  5.123   1.00 12.78  ? 10  ILE A CG1 1 
ATOM   82   C CG2 . ILE A 1 10  ? 9.097   13.639  3.354   1.00 13.06  ? 10  ILE A CG2 1 
ATOM   83   C CD1 . ILE A 1 10  ? 8.729   12.797  6.382   1.00 15.15  ? 10  ILE A CD1 1 
ATOM   84   N N   . ARG A 1 11  ? 10.313  9.078   3.827   1.00 12.29  ? 11  ARG A N   1 
ATOM   85   C CA  . ARG A 1 11  ? 11.005  7.909   4.342   1.00 12.29  ? 11  ARG A CA  1 
ATOM   86   C C   . ARG A 1 11  ? 10.474  6.671   3.662   1.00 12.53  ? 11  ARG A C   1 
ATOM   87   O O   . ARG A 1 11  ? 9.288   6.626   3.369   1.00 12.77  ? 11  ARG A O   1 
ATOM   88   C CB  . ARG A 1 11  ? 10.747  7.682   5.835   1.00 13.83  ? 11  ARG A CB  1 
ATOM   89   C CG  . ARG A 1 11  ? 11.322  8.792   6.690   1.00 16.94  ? 11  ARG A CG  1 
ATOM   90   C CD  . ARG A 1 11  ? 12.795  8.819   6.825   1.00 19.18  ? 11  ARG A CD  1 
ATOM   91   N NE  . ARG A 1 11  ? 13.339  7.574   7.354   1.00 19.37  ? 11  ARG A NE  1 
ATOM   92   C CZ  . ARG A 1 11  ? 13.509  7.291   8.645   1.00 22.69  ? 11  ARG A CZ  1 
ATOM   93   N NH1 . ARG A 1 11  ? 13.222  8.088   9.672   1.00 20.99  ? 11  ARG A NH1 1 
ATOM   94   N NH2 . ARG A 1 11  ? 14.035  6.090   8.872   1.00 23.17  ? 11  ARG A NH2 1 
ATOM   95   N N   . SER A 1 12  ? 11.324  5.690   3.475   1.00 11.86  ? 12  SER A N   1 
ATOM   96   C CA  . SER A 1 12  ? 10.863  4.404   2.945   1.00 12.28  ? 12  SER A CA  1 
ATOM   97   C C   . SER A 1 12  ? 11.776  3.300   3.479   1.00 13.63  ? 12  SER A C   1 
ATOM   98   O O   . SER A 1 12  ? 12.975  3.377   3.197   1.00 20.64  ? 12  SER A O   1 
ATOM   99   C CB  . SER A 1 12  ? 10.831  4.395   1.410   1.00 14.78  ? 12  SER A CB  1 
ATOM   100  O OG  . SER A 1 12  ? 10.343  3.085   0.965   1.00 18.48  ? 12  SER A OG  1 
ATOM   101  N N   A GLU A 1 13  ? 11.225  2.351   4.208   0.50 14.40  ? 13  GLU A N   1 
ATOM   102  N N   B GLU A 1 13  ? 11.234  2.331   4.192   0.50 15.01  ? 13  GLU A N   1 
ATOM   103  C CA  A GLU A 1 13  ? 11.994  1.268   4.807   0.50 15.35  ? 13  GLU A CA  1 
ATOM   104  C CA  B GLU A 1 13  ? 11.994  1.276   4.843   0.50 15.60  ? 13  GLU A CA  1 
ATOM   105  C C   A GLU A 1 13  ? 11.471  -0.069  4.324   0.50 12.69  ? 13  GLU A C   1 
ATOM   106  C C   B GLU A 1 13  ? 11.498  -0.116  4.497   0.50 14.60  ? 13  GLU A C   1 
ATOM   107  O O   A GLU A 1 13  ? 10.267  -0.298  4.284   0.50 13.21  ? 13  GLU A O   1 
ATOM   108  O O   B GLU A 1 13  ? 10.323  -0.402  4.734   0.50 12.90  ? 13  GLU A O   1 
ATOM   109  C CB  A GLU A 1 13  ? 11.924  1.324   6.345   0.50 17.43  ? 13  GLU A CB  1 
ATOM   110  C CB  B GLU A 1 13  ? 11.906  1.439   6.378   0.50 17.41  ? 13  GLU A CB  1 
ATOM   111  C CG  A GLU A 1 13  ? 12.554  2.538   7.006   0.50 18.86  ? 13  GLU A CG  1 
ATOM   112  C CG  B GLU A 1 13  ? 12.365  2.774   6.936   0.50 19.84  ? 13  GLU A CG  1 
ATOM   113  C CD  A GLU A 1 13  ? 14.015  2.678   6.660   0.50 21.31  ? 13  GLU A CD  1 
ATOM   114  C CD  B GLU A 1 13  ? 13.695  2.671   7.646   0.50 20.75  ? 13  GLU A CD  1 
ATOM   115  O OE1 A GLU A 1 13  ? 14.696  1.626   6.572   0.50 18.46  ? 13  GLU A OE1 1 
ATOM   116  O OE1 B GLU A 1 13  ? 14.271  1.557   7.705   0.50 21.07  ? 13  GLU A OE1 1 
ATOM   117  O OE2 A GLU A 1 13  ? 14.475  3.830   6.509   0.50 21.63  ? 13  GLU A OE2 1 
ATOM   118  O OE2 B GLU A 1 13  ? 14.177  3.713   8.128   0.50 28.98  ? 13  GLU A OE2 1 
ATOM   119  N N   . ASN A 1 14  ? 12.381  -0.984  4.000   1.00 13.77  ? 14  ASN A N   1 
ATOM   120  C CA  . ASN A 1 14  ? 12.130  -2.395  3.813   1.00 12.48  ? 14  ASN A CA  1 
ATOM   121  C C   . ASN A 1 14  ? 11.259  -2.769  2.616   1.00 11.46  ? 14  ASN A C   1 
ATOM   122  O O   . ASN A 1 14  ? 10.720  -3.890  2.591   1.00 13.39  ? 14  ASN A O   1 
ATOM   123  C CB  . ASN A 1 14  ? 11.545  -3.039  5.096   1.00 14.16  ? 14  ASN A CB  1 
ATOM   124  C CG  . ASN A 1 14  ? 12.352  -2.704  6.356   1.00 14.66  ? 14  ASN A CG  1 
ATOM   125  O OD1 . ASN A 1 14  ? 13.586  -2.562  6.264   1.00 18.97  ? 14  ASN A OD1 1 
ATOM   126  N ND2 . ASN A 1 14  ? 11.688  -2.605  7.511   1.00 18.50  ? 14  ASN A ND2 1 
ATOM   127  N N   . PHE A 1 15  ? 11.110  -1.924  1.594   1.00 12.97  ? 15  PHE A N   1 
ATOM   128  C CA  . PHE A 1 15  ? 10.326  -2.332  0.419   1.00 11.82  ? 15  PHE A CA  1 
ATOM   129  C C   . PHE A 1 15  ? 10.893  -3.547  -0.285  1.00 12.67  ? 15  PHE A C   1 
ATOM   130  O O   . PHE A 1 15  ? 10.160  -4.493  -0.555  1.00 12.45  ? 15  PHE A O   1 
ATOM   131  C CB  . PHE A 1 15  ? 10.206  -1.147  -0.546  1.00 12.85  ? 15  PHE A CB  1 
ATOM   132  C CG  . PHE A 1 15  ? 9.379   -1.496  -1.763  1.00 11.96  ? 15  PHE A CG  1 
ATOM   133  C CD1 . PHE A 1 15  ? 7.996   -1.581  -1.670  1.00 15.20  ? 15  PHE A CD1 1 
ATOM   134  C CD2 . PHE A 1 15  ? 10.024  -1.789  -2.964  1.00 14.81  ? 15  PHE A CD2 1 
ATOM   135  C CE1 . PHE A 1 15  ? 7.259   -1.903  -2.824  1.00 16.01  ? 15  PHE A CE1 1 
ATOM   136  C CE2 . PHE A 1 15  ? 9.286   -2.057  -4.119  1.00 17.06  ? 15  PHE A CE2 1 
ATOM   137  C CZ  . PHE A 1 15  ? 7.894   -2.139  -4.027  1.00 18.15  ? 15  PHE A CZ  1 
ATOM   138  N N   . GLU A 1 16  ? 12.197  -3.537  -0.587  1.00 14.59  ? 16  GLU A N   1 
ATOM   139  C CA  . GLU A 1 16  ? 12.745  -4.693  -1.268  1.00 14.30  ? 16  GLU A CA  1 
ATOM   140  C C   . GLU A 1 16  ? 12.633  -5.959  -0.414  1.00 13.92  ? 16  GLU A C   1 
ATOM   141  O O   . GLU A 1 16  ? 12.401  -7.073  -0.931  1.00 13.58  ? 16  GLU A O   1 
ATOM   142  C CB  . GLU A 1 16  ? 14.217  -4.475  -1.648  1.00 16.43  ? 16  GLU A CB  1 
ATOM   143  C CG  . GLU A 1 16  ? 14.661  -5.647  -2.547  1.00 20.24  ? 16  GLU A CG  1 
ATOM   144  C CD  . GLU A 1 16  ? 16.056  -5.483  -3.097  1.00 20.94  ? 16  GLU A CD  1 
ATOM   145  O OE1 . GLU A 1 16  ? 16.645  -4.403  -2.905  1.00 27.50  ? 16  GLU A OE1 1 
ATOM   146  O OE2 . GLU A 1 16  ? 16.546  -6.431  -3.747  1.00 22.19  ? 16  GLU A OE2 1 
ATOM   147  N N   . GLU A 1 17  ? 12.809  -5.840  0.894   1.00 14.07  ? 17  GLU A N   1 
ATOM   148  C CA  . GLU A 1 17  ? 12.684  -7.016  1.764   1.00 13.97  ? 17  GLU A CA  1 
ATOM   149  C C   . GLU A 1 17  ? 11.293  -7.642  1.733   1.00 13.32  ? 17  GLU A C   1 
ATOM   150  O O   . GLU A 1 17  ? 11.118  -8.812  1.951   1.00 13.76  ? 17  GLU A O   1 
ATOM   151  C CB  . GLU A 1 17  ? 13.020  -6.613  3.201   1.00 15.39  ? 17  GLU A CB  1 
ATOM   152  C CG  . GLU A 1 17  ? 14.425  -6.203  3.493   1.00 22.07  ? 17  GLU A CG  1 
ATOM   153  C CD  . GLU A 1 17  ? 15.050  -4.929  3.048   1.00 28.41  ? 17  GLU A CD  1 
ATOM   154  O OE1 . GLU A 1 17  ? 14.380  -4.004  2.496   1.00 29.18  ? 17  GLU A OE1 1 
ATOM   155  O OE2 . GLU A 1 17  ? 16.292  -4.872  3.291   1.00 35.90  ? 17  GLU A OE2 1 
ATOM   156  N N   . LEU A 1 18  ? 10.247  -6.800  1.506   1.00 14.35  ? 18  LEU A N   1 
ATOM   157  C CA  A LEU A 1 18  ? 8.891   -7.320  1.382   0.50 15.23  ? 18  LEU A CA  1 
ATOM   158  C CA  B LEU A 1 18  ? 8.884   -7.271  1.333   0.50 15.15  ? 18  LEU A CA  1 
ATOM   159  C C   . LEU A 1 18  ? 8.838   -8.275  0.186   1.00 13.21  ? 18  LEU A C   1 
ATOM   160  O O   . LEU A 1 18  ? 8.274   -9.361  0.297   1.00 15.05  ? 18  LEU A O   1 
ATOM   161  C CB  A LEU A 1 18  ? 7.833   -6.298  1.058   0.50 17.36  ? 18  LEU A CB  1 
ATOM   162  C CB  B LEU A 1 18  ? 8.060   -6.058  0.976   0.50 19.01  ? 18  LEU A CB  1 
ATOM   163  C CG  A LEU A 1 18  ? 7.342   -5.243  1.984   0.50 17.98  ? 18  LEU A CG  1 
ATOM   164  C CG  B LEU A 1 18  ? 6.978   -5.467  1.836   0.50 17.10  ? 18  LEU A CG  1 
ATOM   165  C CD1 A LEU A 1 18  ? 6.529   -4.255  1.123   0.50 10.20  ? 18  LEU A CD1 1 
ATOM   166  C CD1 B LEU A 1 18  ? 5.953   -4.869  0.851   0.50 13.55  ? 18  LEU A CD1 1 
ATOM   167  C CD2 A LEU A 1 18  ? 6.444   -5.713  3.115   0.50 9.95   ? 18  LEU A CD2 1 
ATOM   168  C CD2 B LEU A 1 18  ? 6.262   -6.348  2.840   0.50 13.78  ? 18  LEU A CD2 1 
ATOM   169  N N   . LEU A 1 19  ? 9.451   -7.860  -0.926  1.00 12.43  ? 19  LEU A N   1 
ATOM   170  C CA  . LEU A 1 19  ? 9.497   -8.704  -2.118  1.00 13.42  ? 19  LEU A CA  1 
ATOM   171  C C   . LEU A 1 19  ? 10.340  -9.959  -1.906  1.00 12.41  ? 19  LEU A C   1 
ATOM   172  O O   . LEU A 1 19  ? 9.980   -11.085 -2.278  1.00 13.66  ? 19  LEU A O   1 
ATOM   173  C CB  . LEU A 1 19  ? 10.027  -7.913  -3.291  1.00 13.58  ? 19  LEU A CB  1 
ATOM   174  C CG  . LEU A 1 19  ? 9.171   -6.726  -3.729  1.00 16.39  ? 19  LEU A CG  1 
ATOM   175  C CD1 . LEU A 1 19  ? 9.907   -5.837  -4.706  1.00 16.94  ? 19  LEU A CD1 1 
ATOM   176  C CD2 . LEU A 1 19  ? 7.870   -7.220  -4.376  1.00 19.01  ? 19  LEU A CD2 1 
ATOM   177  N N   . LYS A 1 20  ? 11.457  -9.719  -1.201  1.00 11.40  ? 20  LYS A N   1 
ATOM   178  C CA  . LYS A 1 20  ? 12.365  -10.882 -1.020  1.00 11.67  ? 20  LYS A CA  1 
ATOM   179  C C   . LYS A 1 20  ? 11.750  -11.950 -0.152  1.00 11.30  ? 20  LYS A C   1 
ATOM   180  O O   . LYS A 1 20  ? 11.884  -13.130 -0.448  1.00 12.89  ? 20  LYS A O   1 
ATOM   181  C CB  . LYS A 1 20  ? 13.657  -10.334 -0.420  1.00 13.40  ? 20  LYS A CB  1 
ATOM   182  C CG  . LYS A 1 20  ? 14.725  -11.435 -0.284  1.00 14.14  ? 20  LYS A CG  1 
ATOM   183  C CD  . LYS A 1 20  ? 16.020  -10.797 0.250   1.00 17.70  ? 20  LYS A CD  1 
ATOM   184  C CE  . LYS A 1 20  ? 17.091  -11.838 0.348   1.00 20.83  ? 20  LYS A CE  1 
ATOM   185  N NZ  . LYS A 1 20  ? 18.257  -11.349 1.148   1.00 26.45  ? 20  LYS A NZ  1 
ATOM   186  N N   . VAL A 1 21  ? 10.999  -11.585 0.901   1.00 11.97  ? 21  VAL A N   1 
ATOM   187  C CA  . VAL A 1 21  ? 10.441  -12.587 1.811   1.00 12.60  ? 21  VAL A CA  1 
ATOM   188  C C   . VAL A 1 21  ? 9.309   -13.342 1.135   1.00 13.72  ? 21  VAL A C   1 
ATOM   189  O O   . VAL A 1 21  ? 8.981   -14.478 1.489   1.00 14.91  ? 21  VAL A O   1 
ATOM   190  C CB  . VAL A 1 21  ? 9.957   -11.988 3.137   1.00 13.47  ? 21  VAL A CB  1 
ATOM   191  C CG1 . VAL A 1 21  ? 8.653   -11.239 2.984   1.00 14.47  ? 21  VAL A CG1 1 
ATOM   192  C CG2 . VAL A 1 21  ? 9.863   -13.106 4.179   1.00 18.29  ? 21  VAL A CG2 1 
ATOM   193  N N   . LEU A 1 22  ? 8.706   -12.752 0.098   1.00 12.55  ? 22  LEU A N   1 
ATOM   194  C CA  . LEU A 1 22  ? 7.691   -13.413 -0.728  1.00 12.39  ? 22  LEU A CA  1 
ATOM   195  C C   . LEU A 1 22  ? 8.303   -14.289 -1.813  1.00 14.14  ? 22  LEU A C   1 
ATOM   196  O O   . LEU A 1 22  ? 7.553   -14.964 -2.547  1.00 16.13  ? 22  LEU A O   1 
ATOM   197  C CB  . LEU A 1 22  ? 6.742   -12.400 -1.350  1.00 13.13  ? 22  LEU A CB  1 
ATOM   198  C CG  . LEU A 1 22  ? 5.841   -11.694 -0.330  1.00 12.94  ? 22  LEU A CG  1 
ATOM   199  C CD1 . LEU A 1 22  ? 5.152   -10.519 -1.000  1.00 15.65  ? 22  LEU A CD1 1 
ATOM   200  C CD2 . LEU A 1 22  ? 4.814   -12.654 0.239   1.00 15.98  ? 22  LEU A CD2 1 
ATOM   201  N N   . GLY A 1 23  ? 9.632   -14.310 -1.884  1.00 12.28  ? 23  GLY A N   1 
ATOM   202  C CA  . GLY A 1 23  ? 10.246  -15.234 -2.832  1.00 14.48  ? 23  GLY A CA  1 
ATOM   203  C C   . GLY A 1 23  ? 10.543  -14.634 -4.183  1.00 14.25  ? 23  GLY A C   1 
ATOM   204  O O   . GLY A 1 23  ? 10.992  -15.327 -5.082  1.00 15.92  ? 23  GLY A O   1 
ATOM   205  N N   . VAL A 1 24  ? 10.317  -13.316 -4.355  1.00 12.45  ? 24  VAL A N   1 
ATOM   206  C CA  . VAL A 1 24  ? 10.610  -12.680 -5.650  1.00 13.45  ? 24  VAL A CA  1 
ATOM   207  C C   . VAL A 1 24  ? 12.127  -12.621 -5.919  1.00 13.92  ? 24  VAL A C   1 
ATOM   208  O O   . VAL A 1 24  ? 12.924  -12.260 -5.045  1.00 14.93  ? 24  VAL A O   1 
ATOM   209  C CB  . VAL A 1 24  ? 10.025  -11.266 -5.678  1.00 14.35  ? 24  VAL A CB  1 
ATOM   210  C CG1 . VAL A 1 24  ? 10.296  -10.592 -7.001  1.00 16.00  ? 24  VAL A CG1 1 
ATOM   211  C CG2 . VAL A 1 24  ? 8.518   -11.325 -5.360  1.00 15.63  ? 24  VAL A CG2 1 
ATOM   212  N N   . ASN A 1 25  ? 12.511  -13.087 -7.101  1.00 17.62  ? 25  ASN A N   1 
ATOM   213  C CA  . ASN A 1 25  ? 13.921  -13.256 -7.404  1.00 16.89  ? 25  ASN A CA  1 
ATOM   214  C C   . ASN A 1 25  ? 14.590  -11.918 -7.602  1.00 17.13  ? 25  ASN A C   1 
ATOM   215  O O   . ASN A 1 25  ? 13.888  -10.883 -7.802  1.00 17.53  ? 25  ASN A O   1 
ATOM   216  C CB  . ASN A 1 25  ? 14.109  -14.215 -8.590  1.00 19.68  ? 25  ASN A CB  1 
ATOM   217  C CG  . ASN A 1 25  ? 13.599  -13.794 -9.933  1.00 19.12  ? 25  ASN A CG  1 
ATOM   218  O OD1 . ASN A 1 25  ? 12.971  -14.575 -10.706 1.00 28.63  ? 25  ASN A OD1 1 
ATOM   219  N ND2 . ASN A 1 25  ? 13.809  -12.586 -10.367 1.00 19.39  ? 25  ASN A ND2 1 
ATOM   220  N N   . VAL A 1 26  ? 15.897  -11.916 -7.678  1.00 15.59  ? 26  VAL A N   1 
ATOM   221  C CA  . VAL A 1 26  ? 16.567  -10.618 -7.719  1.00 17.11  ? 26  VAL A CA  1 
ATOM   222  C C   . VAL A 1 26  ? 16.276  -9.849  -8.986  1.00 16.45  ? 26  VAL A C   1 
ATOM   223  O O   . VAL A 1 26  ? 16.173  -8.613  -8.940  1.00 16.86  ? 26  VAL A O   1 
ATOM   224  C CB  . VAL A 1 26  ? 18.084  -10.837 -7.533  1.00 20.39  ? 26  VAL A CB  1 
ATOM   225  C CG1 . VAL A 1 26  ? 18.702  -11.537 -8.710  1.00 24.90  ? 26  VAL A CG1 1 
ATOM   226  C CG2 . VAL A 1 26  ? 18.669  -9.429  -7.294  1.00 28.23  ? 26  VAL A CG2 1 
ATOM   227  N N   . MET A 1 27  ? 16.138  -10.527 -10.122 1.00 16.76  ? 27  MET A N   1 
ATOM   228  C CA  A MET A 1 27  ? 15.771  -9.854  -11.372 0.50 17.19  ? 27  MET A CA  1 
ATOM   229  C CA  B MET A 1 27  ? 15.867  -9.700  -11.323 0.50 17.00  ? 27  MET A CA  1 
ATOM   230  C C   . MET A 1 27  ? 14.482  -9.057  -11.223 1.00 15.12  ? 27  MET A C   1 
ATOM   231  O O   . MET A 1 27  ? 14.359  -7.879  -11.576 1.00 17.31  ? 27  MET A O   1 
ATOM   232  C CB  A MET A 1 27  ? 15.665  -10.924 -12.437 0.50 17.62  ? 27  MET A CB  1 
ATOM   233  C CB  B MET A 1 27  ? 16.130  -10.528 -12.567 0.50 17.84  ? 27  MET A CB  1 
ATOM   234  C CG  A MET A 1 27  ? 15.395  -10.538 -13.862 0.50 20.14  ? 27  MET A CG  1 
ATOM   235  C CG  B MET A 1 27  ? 15.746  -9.869  -13.891 0.50 22.01  ? 27  MET A CG  1 
ATOM   236  S SD  A MET A 1 27  ? 14.367  -11.775 -14.699 0.50 31.67  ? 27  MET A SD  1 
ATOM   237  S SD  B MET A 1 27  ? 14.008  -10.184 -14.148 0.50 24.44  ? 27  MET A SD  1 
ATOM   238  C CE  A MET A 1 27  ? 14.121  -10.987 -16.283 0.20 74.79  ? 27  MET A CE  1 
ATOM   239  C CE  B MET A 1 27  ? 13.444  -9.658  -15.657 0.20 82.72  ? 27  MET A CE  1 
ATOM   240  N N   . LEU A 1 28  ? 13.482  -9.771  -10.738 1.00 14.99  ? 28  LEU A N   1 
ATOM   241  C CA  . LEU A 1 28  ? 12.156  -9.161  -10.625 1.00 15.76  ? 28  LEU A CA  1 
ATOM   242  C C   . LEU A 1 28  ? 12.159  -8.085  -9.534  1.00 13.64  ? 28  LEU A C   1 
ATOM   243  O O   . LEU A 1 28  ? 11.426  -7.086  -9.731  1.00 15.21  ? 28  LEU A O   1 
ATOM   244  C CB  . LEU A 1 28  ? 11.073  -10.220 -10.357 1.00 17.34  ? 28  LEU A CB  1 
ATOM   245  C CG  . LEU A 1 28  ? 10.820  -11.224 -11.481 1.00 18.36  ? 28  LEU A CG  1 
ATOM   246  C CD1 . LEU A 1 28  ? 9.889   -12.283 -10.966 1.00 18.65  ? 28  LEU A CD1 1 
ATOM   247  C CD2 . LEU A 1 28  ? 10.218  -10.589 -12.722 1.00 25.51  ? 28  LEU A CD2 1 
ATOM   248  N N   . ARG A 1 29  ? 12.898  -8.306  -8.442  1.00 13.86  ? 29  ARG A N   1 
ATOM   249  C CA  . ARG A 1 29  ? 12.996  -7.247  -7.438  1.00 13.67  ? 29  ARG A CA  1 
ATOM   250  C C   . ARG A 1 29  ? 13.645  -6.016  -8.004  1.00 12.99  ? 29  ARG A C   1 
ATOM   251  O O   . ARG A 1 29  ? 13.168  -4.891  -7.723  1.00 14.46  ? 29  ARG A O   1 
ATOM   252  C CB  . ARG A 1 29  ? 13.788  -7.704  -6.202  1.00 14.24  ? 29  ARG A CB  1 
ATOM   253  C CG  . ARG A 1 29  ? 13.163  -8.832  -5.429  1.00 13.76  ? 29  ARG A CG  1 
ATOM   254  C CD  . ARG A 1 29  ? 13.700  -9.013  -4.046  1.00 14.24  ? 29  ARG A CD  1 
ATOM   255  N NE  . ARG A 1 29  ? 15.160  -9.002  -3.860  1.00 13.87  ? 29  ARG A NE  1 
ATOM   256  C CZ  . ARG A 1 29  ? 15.941  -10.076 -3.850  1.00 12.89  ? 29  ARG A CZ  1 
ATOM   257  N NH1 . ARG A 1 29  ? 15.454  -11.310 -4.058  1.00 13.87  ? 29  ARG A NH1 1 
ATOM   258  N NH2 . ARG A 1 29  ? 17.213  -9.881  -3.626  1.00 14.90  ? 29  ARG A NH2 1 
ATOM   259  N N   . LYS A 1 30  ? 14.705  -6.126  -8.824  1.00 13.58  ? 30  LYS A N   1 
ATOM   260  C CA  . LYS A 1 30  ? 15.294  -4.932  -9.382  1.00 14.10  ? 30  LYS A CA  1 
ATOM   261  C C   . LYS A 1 30  ? 14.261  -4.159  -10.207 1.00 14.66  ? 30  LYS A C   1 
ATOM   262  O O   . LYS A 1 30  ? 14.192  -2.919  -10.128 1.00 15.82  ? 30  LYS A O   1 
ATOM   263  C CB  . LYS A 1 30  ? 16.513  -5.220  -10.287 1.00 14.82  ? 30  LYS A CB  1 
ATOM   264  C CG  . LYS A 1 30  ? 17.726  -5.576  -9.401  1.00 17.81  ? 30  LYS A CG  1 
ATOM   265  C CD  . LYS A 1 30  ? 18.924  -5.839  -10.309 1.00 24.53  ? 30  LYS A CD  1 
ATOM   266  C CE  . LYS A 1 30  ? 20.068  -6.332  -9.430  1.00 32.26  ? 30  LYS A CE  1 
ATOM   267  N NZ  . LYS A 1 30  ? 20.747  -5.188  -8.727  1.00 47.44  ? 30  LYS A NZ  1 
ATOM   268  N N   . ILE A 1 31  ? 13.431  -4.865  -10.985 1.00 13.91  ? 31  ILE A N   1 
ATOM   269  C CA  . ILE A 1 31  ? 12.410  -4.184  -11.792 1.00 13.65  ? 31  ILE A CA  1 
ATOM   270  C C   . ILE A 1 31  ? 11.394  -3.521  -10.884 1.00 13.12  ? 31  ILE A C   1 
ATOM   271  O O   . ILE A 1 31  ? 11.035  -2.352  -11.138 1.00 15.66  ? 31  ILE A O   1 
ATOM   272  C CB  . ILE A 1 31  ? 11.791  -5.194  -12.809 1.00 14.01  ? 31  ILE A CB  1 
ATOM   273  C CG1 . ILE A 1 31  ? 12.840  -5.547  -13.876 1.00 15.34  ? 31  ILE A CG1 1 
ATOM   274  C CG2 . ILE A 1 31  ? 10.499  -4.652  -13.383 1.00 18.39  ? 31  ILE A CG2 1 
ATOM   275  C CD1 . ILE A 1 31  ? 12.371  -6.693  -14.748 1.00 16.33  ? 31  ILE A CD1 1 
ATOM   276  N N   . GLU A 1 32  ? 10.897  -4.172  -9.846  1.00 13.72  ? 32  GLU A N   1 
ATOM   277  C CA  . GLU A 1 32  ? 9.900   -3.562  -8.962  1.00 13.93  ? 32  GLU A CA  1 
ATOM   278  C C   . GLU A 1 32  ? 10.452  -2.377  -8.159  1.00 14.66  ? 32  GLU A C   1 
ATOM   279  O O   . GLU A 1 32  ? 9.778   -1.359  -8.034  1.00 17.79  ? 32  GLU A O   1 
ATOM   280  C CB  . GLU A 1 32  ? 9.336   -4.532  -7.911  1.00 16.63  ? 32  GLU A CB  1 
ATOM   281  C CG  . GLU A 1 32  ? 8.523   -5.607  -8.567  1.00 16.70  ? 32  GLU A CG  1 
ATOM   282  C CD  . GLU A 1 32  ? 7.420   -4.975  -9.414  1.00 18.12  ? 32  GLU A CD  1 
ATOM   283  O OE1 . GLU A 1 32  ? 6.569   -4.256  -8.837  1.00 18.18  ? 32  GLU A OE1 1 
ATOM   284  O OE2 . GLU A 1 32  ? 7.460   -5.189  -10.643 1.00 18.92  ? 32  GLU A OE2 1 
ATOM   285  N N   . VAL A 1 33  ? 11.659  -2.505  -7.615  1.00 14.10  ? 33  VAL A N   1 
ATOM   286  C CA  . VAL A 1 33  ? 12.284  -1.422  -6.877  1.00 15.60  ? 33  VAL A CA  1 
ATOM   287  C C   . VAL A 1 33  ? 12.455  -0.225  -7.838  1.00 15.78  ? 33  VAL A C   1 
ATOM   288  O O   . VAL A 1 33  ? 12.188  0.924   -7.455  1.00 17.22  ? 33  VAL A O   1 
ATOM   289  C CB  . VAL A 1 33  ? 13.628  -1.852  -6.240  1.00 16.13  ? 33  VAL A CB  1 
ATOM   290  C CG1 . VAL A 1 33  ? 14.436  -0.659  -5.734  1.00 21.36  ? 33  VAL A CG1 1 
ATOM   291  C CG2 . VAL A 1 33  ? 13.424  -2.878  -5.126  1.00 15.99  ? 33  VAL A CG2 1 
ATOM   292  N N   . ALA A 1 34  ? 12.886  -0.463  -9.082  1.00 16.36  ? 34  ALA A N   1 
ATOM   293  C CA  . ALA A 1 34  ? 13.081  0.612   -10.073 1.00 15.45  ? 34  ALA A CA  1 
ATOM   294  C C   . ALA A 1 34  ? 11.772  1.308   -10.427 1.00 15.70  ? 34  ALA A C   1 
ATOM   295  O O   . ALA A 1 34  ? 11.730  2.495   -10.767 1.00 19.80  ? 34  ALA A O   1 
ATOM   296  C CB  . ALA A 1 34  ? 13.687  0.072   -11.351 1.00 16.97  ? 34  ALA A CB  1 
ATOM   297  N N   . ALA A 1 35  ? 10.672  0.559   -10.357 1.00 14.79  ? 35  ALA A N   1 
ATOM   298  C CA  . ALA A 1 35  ? 9.398   1.183   -10.734 1.00 15.26  ? 35  ALA A CA  1 
ATOM   299  C C   . ALA A 1 35  ? 8.588   1.724   -9.579  1.00 13.98  ? 35  ALA A C   1 
ATOM   300  O O   . ALA A 1 35  ? 7.749   2.584   -9.872  1.00 16.46  ? 35  ALA A O   1 
ATOM   301  C CB  . ALA A 1 35  ? 8.540   0.098   -11.435 1.00 14.99  ? 35  ALA A CB  1 
ATOM   302  N N   . ALA A 1 36  ? 8.734   1.268   -8.366  1.00 13.25  ? 36  ALA A N   1 
ATOM   303  C CA  . ALA A 1 36  ? 7.774   1.492   -7.302  1.00 13.50  ? 36  ALA A CA  1 
ATOM   304  C C   . ALA A 1 36  ? 8.400   1.594   -5.934  1.00 14.72  ? 36  ALA A C   1 
ATOM   305  O O   . ALA A 1 36  ? 7.610   1.661   -4.954  1.00 16.42  ? 36  ALA A O   1 
ATOM   306  C CB  . ALA A 1 36  ? 6.746   0.363   -7.333  1.00 15.53  ? 36  ALA A CB  1 
ATOM   307  N N   . SER A 1 37  ? 9.720   1.647   -5.744  1.00 15.85  ? 37  SER A N   1 
ATOM   308  C CA  A SER A 1 37  ? 10.264  1.686   -4.395  0.50 18.02  ? 37  SER A CA  1 
ATOM   309  C CA  B SER A 1 37  ? 10.177  1.624   -4.345  0.50 17.26  ? 37  SER A CA  1 
ATOM   310  C C   . SER A 1 37  ? 9.873   2.934   -3.606  1.00 16.88  ? 37  SER A C   1 
ATOM   311  O O   . SER A 1 37  ? 9.644   2.857   -2.386  1.00 16.51  ? 37  SER A O   1 
ATOM   312  C CB  A SER A 1 37  ? 11.777  1.592   -4.625  0.50 17.38  ? 37  SER A CB  1 
ATOM   313  C CB  B SER A 1 37  ? 11.677  1.351   -4.218  0.50 19.49  ? 37  SER A CB  1 
ATOM   314  O OG  A SER A 1 37  ? 12.465  1.874   -3.449  0.50 18.32  ? 37  SER A OG  1 
ATOM   315  O OG  B SER A 1 37  ? 12.415  2.358   -4.883  0.50 18.86  ? 37  SER A OG  1 
ATOM   316  N N   . LYS A 1 38  ? 9.838   4.083   -4.277  1.00 14.66  ? 38  LYS A N   1 
ATOM   317  C CA  . LYS A 1 38  ? 9.601   5.360   -3.603  1.00 14.21  ? 38  LYS A CA  1 
ATOM   318  C C   . LYS A 1 38  ? 8.560   6.201   -4.360  1.00 13.50  ? 38  LYS A C   1 
ATOM   319  O O   . LYS A 1 38  ? 8.852   7.216   -4.984  1.00 14.93  ? 38  LYS A O   1 
ATOM   320  C CB  . LYS A 1 38  ? 10.928  6.158   -3.467  1.00 13.73  ? 38  LYS A CB  1 
ATOM   321  C CG  . LYS A 1 38  ? 11.934  5.422   -2.545  1.00 21.21  ? 38  LYS A CG  1 
ATOM   322  C CD  . LYS A 1 38  ? 13.233  6.188   -2.366  1.00 25.16  ? 38  LYS A CD  1 
ATOM   323  C CE  . LYS A 1 38  ? 13.730  6.801   -3.659  1.00 36.25  ? 38  LYS A CE  1 
ATOM   324  N NZ  . LYS A 1 38  ? 14.982  6.207   -4.220  1.00 50.01  ? 38  LYS A NZ  1 
ATOM   325  N N   . PRO A 1 39  ? 7.322   5.724   -4.335  1.00 12.51  ? 39  PRO A N   1 
ATOM   326  C CA  . PRO A 1 39  ? 6.324   6.433   -5.157  1.00 12.69  ? 39  PRO A CA  1 
ATOM   327  C C   . PRO A 1 39  ? 5.745   7.641   -4.422  1.00 12.52  ? 39  PRO A C   1 
ATOM   328  O O   . PRO A 1 39  ? 5.620   7.659   -3.193  1.00 14.42  ? 39  PRO A O   1 
ATOM   329  C CB  . PRO A 1 39  ? 5.241   5.369   -5.348  1.00 13.35  ? 39  PRO A CB  1 
ATOM   330  C CG  . PRO A 1 39  ? 5.323   4.574   -4.062  1.00 13.14  ? 39  PRO A CG  1 
ATOM   331  C CD  . PRO A 1 39  ? 6.764   4.574   -3.614  1.00 13.07  ? 39  PRO A CD  1 
ATOM   332  N N   . ALA A 1 40  ? 5.319   8.634   -5.190  1.00 12.00  ? 40  ALA A N   1 
ATOM   333  C CA  . ALA A 1 40  ? 4.374   9.637   -4.680  1.00 11.69  ? 40  ALA A CA  1 
ATOM   334  C C   . ALA A 1 40  ? 3.007   8.962   -4.526  1.00 10.54  ? 40  ALA A C   1 
ATOM   335  O O   . ALA A 1 40  ? 2.653   7.993   -5.210  1.00 13.15  ? 40  ALA A O   1 
ATOM   336  C CB  . ALA A 1 40  ? 4.290   10.743  -5.702  1.00 15.03  ? 40  ALA A CB  1 
ATOM   337  N N   . VAL A 1 41  ? 2.199   9.511   -3.608  1.00 11.37  ? 41  VAL A N   1 
ATOM   338  C CA  . VAL A 1 41  ? 0.843   8.998   -3.345  1.00 11.35  ? 41  VAL A CA  1 
ATOM   339  C C   . VAL A 1 41  ? -0.177  10.131  -3.470  1.00 11.69  ? 41  VAL A C   1 
ATOM   340  O O   . VAL A 1 41  ? -0.050  11.101  -2.756  1.00 15.50  ? 41  VAL A O   1 
ATOM   341  C CB  . VAL A 1 41  ? 0.801   8.353   -1.956  1.00 13.27  ? 41  VAL A CB  1 
ATOM   342  C CG1 . VAL A 1 41  ? -0.633  7.983   -1.581  1.00 18.32  ? 41  VAL A CG1 1 
ATOM   343  C CG2 . VAL A 1 41  ? 1.693   7.112   -1.930  1.00 13.63  ? 41  VAL A CG2 1 
ATOM   344  N N   . GLU A 1 42  ? -1.122  10.008  -4.381  1.00 10.54  ? 42  GLU A N   1 
ATOM   345  C CA  . GLU A 1 42  ? -2.216  10.993  -4.503  1.00 11.14  ? 42  GLU A CA  1 
ATOM   346  C C   . GLU A 1 42  ? -3.452  10.328  -3.972  1.00 9.94   ? 42  GLU A C   1 
ATOM   347  O O   . GLU A 1 42  ? -3.790  9.214   -4.392  1.00 11.66  ? 42  GLU A O   1 
ATOM   348  C CB  . GLU A 1 42  ? -2.427  11.324  -5.968  1.00 12.70  ? 42  GLU A CB  1 
ATOM   349  C CG  . GLU A 1 42  ? -3.507  12.383  -6.231  1.00 16.07  ? 42  GLU A CG  1 
ATOM   350  C CD  . GLU A 1 42  ? -3.577  12.733  -7.710  1.00 19.72  ? 42  GLU A CD  1 
ATOM   351  O OE1 . GLU A 1 42  ? -2.531  12.943  -8.379  1.00 25.63  ? 42  GLU A OE1 1 
ATOM   352  O OE2 . GLU A 1 42  ? -4.688  12.836  -8.221  1.00 29.28  ? 42  GLU A OE2 1 
ATOM   353  N N   . ILE A 1 43  ? -4.148  10.962  -3.040  1.00 10.64  ? 43  ILE A N   1 
ATOM   354  C CA  . ILE A 1 43  ? -5.389  10.427  -2.482  1.00 10.39  ? 43  ILE A CA  1 
ATOM   355  C C   . ILE A 1 43  ? -6.500  11.449  -2.689  1.00 10.78  ? 43  ILE A C   1 
ATOM   356  O O   . ILE A 1 43  ? -6.326  12.644  -2.400  1.00 11.25  ? 43  ILE A O   1 
ATOM   357  C CB  . ILE A 1 43  ? -5.227  10.080  -1.000  1.00 10.59  ? 43  ILE A CB  1 
ATOM   358  C CG1 . ILE A 1 43  ? -4.107  9.024   -0.768  1.00 10.99  ? 43  ILE A CG1 1 
ATOM   359  C CG2 . ILE A 1 43  ? -6.562  9.593   -0.403  1.00 12.13  ? 43  ILE A CG2 1 
ATOM   360  C CD1 . ILE A 1 43  ? -3.776  8.801   0.704   1.00 12.00  ? 43  ILE A CD1 1 
ATOM   361  N N   . LYS A 1 44  ? -7.630  10.953  -3.180  1.00 11.24  ? 44  LYS A N   1 
ATOM   362  C CA  . LYS A 1 44  ? -8.871  11.741  -3.149  1.00 12.20  ? 44  LYS A CA  1 
ATOM   363  C C   . LYS A 1 44  ? -9.829  10.990  -2.239  1.00 11.92  ? 44  LYS A C   1 
ATOM   364  O O   . LYS A 1 44  ? -10.268 9.887   -2.622  1.00 13.57  ? 44  LYS A O   1 
ATOM   365  C CB  . LYS A 1 44  ? -9.464  11.925  -4.546  1.00 13.59  ? 44  LYS A CB  1 
ATOM   366  C CG  . LYS A 1 44  ? -10.698 12.811  -4.576  1.00 19.56  ? 44  LYS A CG  1 
ATOM   367  C CD  . LYS A 1 44  ? -11.043 13.331  -5.951  1.00 29.70  ? 44  LYS A CD  1 
ATOM   368  C CE  . LYS A 1 44  ? -12.469 13.260  -6.386  1.00 31.51  ? 44  LYS A CE  1 
ATOM   369  N NZ  . LYS A 1 44  ? -12.420 12.932  -7.847  1.00 38.26  ? 44  LYS A NZ  1 
ATOM   370  N N   . GLN A 1 45  ? -10.083 11.509  -1.052  1.00 12.11  ? 45  GLN A N   1 
ATOM   371  C CA  . GLN A 1 45  ? -11.018 10.916  -0.113  1.00 11.79  ? 45  GLN A CA  1 
ATOM   372  C C   . GLN A 1 45  ? -12.313 11.721  -0.082  1.00 12.05  ? 45  GLN A C   1 
ATOM   373  O O   . GLN A 1 45  ? -12.240 12.926  0.038   1.00 13.81  ? 45  GLN A O   1 
ATOM   374  C CB  . GLN A 1 45  ? -10.431 10.922  1.303   1.00 12.63  ? 45  GLN A CB  1 
ATOM   375  C CG  . GLN A 1 45  ? -11.357 10.377  2.362   1.00 13.37  ? 45  GLN A CG  1 
ATOM   376  C CD  . GLN A 1 45  ? -10.874 10.547  3.773   1.00 12.08  ? 45  GLN A CD  1 
ATOM   377  O OE1 . GLN A 1 45  ? -9.885  11.216  4.050   1.00 15.94  ? 45  GLN A OE1 1 
ATOM   378  N NE2 . GLN A 1 45  ? -11.671 10.034  4.717   1.00 13.59  ? 45  GLN A NE2 1 
ATOM   379  N N   . GLU A 1 46  ? -13.424 11.020  -0.157  1.00 12.10  ? 46  GLU A N   1 
ATOM   380  C CA  . GLU A 1 46  ? -14.761 11.606  0.031   1.00 13.04  ? 46  GLU A CA  1 
ATOM   381  C C   . GLU A 1 46  ? -15.490 10.774  1.040   1.00 12.89  ? 46  GLU A C   1 
ATOM   382  O O   . GLU A 1 46  ? -16.127 9.801   0.641   1.00 13.97  ? 46  GLU A O   1 
ATOM   383  C CB  . GLU A 1 46  ? -15.520 11.778  -1.297  1.00 15.76  ? 46  GLU A CB  1 
ATOM   384  C CG  . GLU A 1 46  ? -14.810 12.773  -2.207  1.00 17.74  ? 46  GLU A CG  1 
ATOM   385  C CD  . GLU A 1 46  ? -15.556 13.134  -3.472  1.00 23.12  ? 46  GLU A CD  1 
ATOM   386  O OE1 . GLU A 1 46  ? -16.671 12.623  -3.695  1.00 32.72  ? 46  GLU A OE1 1 
ATOM   387  O OE2 . GLU A 1 46  ? -15.029 13.964  -4.256  1.00 25.74  ? 46  GLU A OE2 1 
ATOM   388  N N   . GLY A 1 47  ? -15.289 11.053  2.336   1.00 14.23  ? 47  GLY A N   1 
ATOM   389  C CA  . GLY A 1 47  ? -15.821 10.185  3.390   1.00 15.40  ? 47  GLY A CA  1 
ATOM   390  C C   . GLY A 1 47  ? -15.141 8.814   3.328   1.00 13.89  ? 47  GLY A C   1 
ATOM   391  O O   . GLY A 1 47  ? -13.889 8.709   3.469   1.00 15.15  ? 47  GLY A O   1 
ATOM   392  N N   . ASP A 1 48  ? -15.921 7.758   3.118   1.00 12.85  ? 48  ASP A N   1 
ATOM   393  C CA  . ASP A 1 48  ? -15.387 6.419   3.033   1.00 13.02  ? 48  ASP A CA  1 
ATOM   394  C C   . ASP A 1 48  ? -14.976 6.014   1.617   1.00 11.73  ? 48  ASP A C   1 
ATOM   395  O O   . ASP A 1 48  ? -14.497 4.886   1.453   1.00 12.91  ? 48  ASP A O   1 
ATOM   396  C CB  . ASP A 1 48  ? -16.398 5.402   3.616   1.00 14.82  ? 48  ASP A CB  1 
ATOM   397  C CG  . ASP A 1 48  ? -16.328 5.282   5.118   1.00 17.08  ? 48  ASP A CG  1 
ATOM   398  O OD1 . ASP A 1 48  ? -15.436 5.882   5.766   1.00 18.75  ? 48  ASP A OD1 1 
ATOM   399  O OD2 . ASP A 1 48  ? -17.213 4.579   5.684   1.00 25.17  ? 48  ASP A OD2 1 
ATOM   400  N N   . THR A 1 49  ? -15.177 6.907   0.645   1.00 11.95  ? 49  THR A N   1 
ATOM   401  C CA  . THR A 1 49  ? -14.784 6.567   -0.735  1.00 12.34  ? 49  THR A CA  1 
ATOM   402  C C   . THR A 1 49  ? -13.396 7.111   -1.046  1.00 12.20  ? 49  THR A C   1 
ATOM   403  O O   . THR A 1 49  ? -13.133 8.305   -0.827  1.00 12.72  ? 49  THR A O   1 
ATOM   404  C CB  . THR A 1 49  ? -15.818 7.123   -1.745  1.00 14.10  ? 49  THR A CB  1 
ATOM   405  O OG1 . THR A 1 49  ? -17.102 6.571   -1.430  1.00 16.18  ? 49  THR A OG1 1 
ATOM   406  C CG2 . THR A 1 49  ? -15.426 6.754   -3.181  1.00 16.88  ? 49  THR A CG2 1 
ATOM   407  N N   . PHE A 1 50  ? -12.582 6.274   -1.645  1.00 11.48  ? 50  PHE A N   1 
ATOM   408  C CA  . PHE A 1 50  ? -11.187 6.611   -1.933  1.00 11.43  ? 50  PHE A CA  1 
ATOM   409  C C   . PHE A 1 50  ? -10.796 6.347   -3.374  1.00 10.89  ? 50  PHE A C   1 
ATOM   410  O O   . PHE A 1 50  ? -11.172 5.319   -3.922  1.00 12.62  ? 50  PHE A O   1 
ATOM   411  C CB  . PHE A 1 50  ? -10.213 5.799   -1.044  1.00 10.81  ? 50  PHE A CB  1 
ATOM   412  C CG  . PHE A 1 50  ? -10.219 6.254   0.403   1.00 10.44  ? 50  PHE A CG  1 
ATOM   413  C CD1 . PHE A 1 50  ? -11.192 5.837   1.318   1.00 11.12  ? 50  PHE A CD1 1 
ATOM   414  C CD2 . PHE A 1 50  ? -9.234  7.125   0.851   1.00 11.41  ? 50  PHE A CD2 1 
ATOM   415  C CE1 . PHE A 1 50  ? -11.216 6.234   2.645   1.00 13.75  ? 50  PHE A CE1 1 
ATOM   416  C CE2 . PHE A 1 50  ? -9.285  7.527   2.183   1.00 12.47  ? 50  PHE A CE2 1 
ATOM   417  C CZ  . PHE A 1 50  ? -10.269 7.136   3.084   1.00 12.90  ? 50  PHE A CZ  1 
ATOM   418  N N   . TYR A 1 51  ? -9.986  7.237   -3.910  1.00 10.24  ? 51  TYR A N   1 
ATOM   419  C CA  . TYR A 1 51  ? -9.124  7.041   -5.067  1.00 10.21  ? 51  TYR A CA  1 
ATOM   420  C C   . TYR A 1 51  ? -7.687  7.193   -4.561  1.00 10.40  ? 51  TYR A C   1 
ATOM   421  O O   . TYR A 1 51  ? -7.376  8.212   -3.911  1.00 11.32  ? 51  TYR A O   1 
ATOM   422  C CB  . TYR A 1 51  ? -9.440  8.082   -6.125  1.00 11.92  ? 51  TYR A CB  1 
ATOM   423  C CG  . TYR A 1 51  ? -8.436  8.220   -7.228  1.00 11.00  ? 51  TYR A CG  1 
ATOM   424  C CD1 . TYR A 1 51  ? -8.362  7.265   -8.220  1.00 12.58  ? 51  TYR A CD1 1 
ATOM   425  C CD2 . TYR A 1 51  ? -7.588  9.320   -7.275  1.00 13.66  ? 51  TYR A CD2 1 
ATOM   426  C CE1 . TYR A 1 51  ? -7.436  7.374   -9.264  1.00 14.14  ? 51  TYR A CE1 1 
ATOM   427  C CE2 . TYR A 1 51  ? -6.646  9.479   -8.300  1.00 14.78  ? 51  TYR A CE2 1 
ATOM   428  C CZ  . TYR A 1 51  ? -6.608  8.499   -9.262  1.00 14.29  ? 51  TYR A CZ  1 
ATOM   429  O OH  . TYR A 1 51  ? -5.692  8.654   -10.259 1.00 17.85  ? 51  TYR A OH  1 
ATOM   430  N N   . ILE A 1 52  ? -6.859  6.210   -4.915  1.00 10.52  ? 52  ILE A N   1 
ATOM   431  C CA  . ILE A 1 52  ? -5.431  6.326   -4.542  1.00 10.69  ? 52  ILE A CA  1 
ATOM   432  C C   . ILE A 1 52  ? -4.588  6.031   -5.782  1.00 10.48  ? 52  ILE A C   1 
ATOM   433  O O   . ILE A 1 52  ? -4.804  5.026   -6.461  1.00 12.43  ? 52  ILE A O   1 
ATOM   434  C CB  . ILE A 1 52  ? -5.035  5.392   -3.385  1.00 11.21  ? 52  ILE A CB  1 
ATOM   435  C CG1 . ILE A 1 52  ? -5.997  5.645   -2.195  1.00 10.99  ? 52  ILE A CG1 1 
ATOM   436  C CG2 . ILE A 1 52  ? -3.561  5.591   -3.030  1.00 13.20  ? 52  ILE A CG2 1 
ATOM   437  C CD1 . ILE A 1 52  ? -5.598  4.862   -0.963  1.00 12.86  ? 52  ILE A CD1 1 
ATOM   438  N N   . LYS A 1 53  ? -3.652  6.912   -6.068  1.00 10.74  ? 53  LYS A N   1 
ATOM   439  C CA  . LYS A 1 53  ? -2.716  6.727   -7.172  1.00 11.10  ? 53  LYS A CA  1 
ATOM   440  C C   . LYS A 1 53  ? -1.311  6.772   -6.646  1.00 11.66  ? 53  LYS A C   1 
ATOM   441  O O   . LYS A 1 53  ? -0.913  7.780   -6.031  1.00 13.18  ? 53  LYS A O   1 
ATOM   442  C CB  . LYS A 1 53  ? -2.964  7.822   -8.208  1.00 13.05  ? 53  LYS A CB  1 
ATOM   443  C CG  . LYS A 1 53  ? -1.901  7.745   -9.315  1.00 15.74  ? 53  LYS A CG  1 
ATOM   444  C CD  . LYS A 1 53  ? -2.252  8.721   -10.424 1.00 20.46  ? 53  LYS A CD  1 
ATOM   445  C CE  . LYS A 1 53  ? -1.951  10.131  -10.017 1.00 28.20  ? 53  LYS A CE  1 
ATOM   446  N NZ  . LYS A 1 53  ? -1.942  10.999  -11.253 1.00 36.28  ? 53  LYS A NZ  1 
ATOM   447  N N   . THR A 1 54  ? -0.559  5.695   -6.970  1.00 11.88  ? 54  THR A N   1 
ATOM   448  C CA  . THR A 1 54  ? 0.862   5.745   -6.652  1.00 11.00  ? 54  THR A CA  1 
ATOM   449  C C   . THR A 1 54  ? 1.632   5.911   -7.972  1.00 11.20  ? 54  THR A C   1 
ATOM   450  O O   . THR A 1 54  ? 1.245   5.376   -9.017  1.00 14.53  ? 54  THR A O   1 
ATOM   451  C CB  . THR A 1 54  ? 1.329   4.458   -5.998  1.00 12.69  ? 54  THR A CB  1 
ATOM   452  O OG1 . THR A 1 54  ? 1.024   3.308   -6.804  1.00 14.14  ? 54  THR A OG1 1 
ATOM   453  C CG2 . THR A 1 54  ? 0.501   4.225   -4.716  1.00 18.04  ? 54  THR A CG2 1 
ATOM   454  N N   . SER A 1 55  ? 2.648   6.773   -7.893  1.00 11.12  ? 55  SER A N   1 
ATOM   455  C CA  . SER A 1 55  ? 3.352   7.003   -9.175  1.00 12.13  ? 55  SER A CA  1 
ATOM   456  C C   . SER A 1 55  ? 4.799   7.332   -8.960  1.00 12.49  ? 55  SER A C   1 
ATOM   457  O O   . SER A 1 55  ? 5.194   7.931   -7.948  1.00 13.82  ? 55  SER A O   1 
ATOM   458  C CB  . SER A 1 55  ? 2.654   8.132   -9.951  1.00 16.49  ? 55  SER A CB  1 
ATOM   459  O OG  . SER A 1 55  ? 2.800   9.353   -9.263  1.00 20.06  ? 55  SER A OG  1 
ATOM   460  N N   . THR A 1 56  ? 5.572   6.908   -9.950  1.00 13.12  ? 56  THR A N   1 
ATOM   461  C CA  . THR A 1 56  ? 6.944   7.350   -10.155 1.00 14.06  ? 56  THR A CA  1 
ATOM   462  C C   . THR A 1 56  ? 6.994   7.810   -11.592 1.00 13.78  ? 56  THR A C   1 
ATOM   463  O O   . THR A 1 56  ? 6.027   7.693   -12.347 1.00 16.13  ? 56  THR A O   1 
ATOM   464  C CB  . THR A 1 56  ? 7.933   6.211   -9.935  1.00 13.83  ? 56  THR A CB  1 
ATOM   465  O OG1 . THR A 1 56  ? 7.618   5.140   -10.839 1.00 14.61  ? 56  THR A OG1 1 
ATOM   466  C CG2 . THR A 1 56  ? 7.861   5.712   -8.484  1.00 15.80  ? 56  THR A CG2 1 
ATOM   467  N N   . THR A 1 57  ? 8.206   8.255   -11.968 1.00 15.85  ? 57  THR A N   1 
ATOM   468  C CA  . THR A 1 57  ? 8.389   8.641   -13.364 1.00 19.04  ? 57  THR A CA  1 
ATOM   469  C C   . THR A 1 57  ? 8.012   7.505   -14.296 1.00 19.22  ? 57  THR A C   1 
ATOM   470  O O   . THR A 1 57  ? 7.449   7.736   -15.370 1.00 24.15  ? 57  THR A O   1 
ATOM   471  C CB  . THR A 1 57  ? 9.828   9.182   -13.541 1.00 20.40  ? 57  THR A CB  1 
ATOM   472  O OG1 . THR A 1 57  ? 10.026  10.317  -12.660 1.00 23.97  ? 57  THR A OG1 1 
ATOM   473  C CG2 . THR A 1 57  ? 10.052  9.653   -14.958 1.00 25.33  ? 57  THR A CG2 1 
ATOM   474  N N   . VAL A 1 58  ? 8.284   6.247   -13.903 1.00 16.10  ? 58  VAL A N   1 
ATOM   475  C CA  . VAL A 1 58  ? 8.058   5.175   -14.882 1.00 16.56  ? 58  VAL A CA  1 
ATOM   476  C C   . VAL A 1 58  ? 6.832   4.322   -14.653 1.00 16.86  ? 58  VAL A C   1 
ATOM   477  O O   . VAL A 1 58  ? 6.527   3.497   -15.523 1.00 20.77  ? 58  VAL A O   1 
ATOM   478  C CB  . VAL A 1 58  ? 9.272   4.207   -14.929 1.00 17.68  ? 58  VAL A CB  1 
ATOM   479  C CG1 . VAL A 1 58  ? 10.566  4.933   -15.218 1.00 18.40  ? 58  VAL A CG1 1 
ATOM   480  C CG2 . VAL A 1 58  ? 9.378   3.448   -13.590 1.00 16.82  ? 58  VAL A CG2 1 
ATOM   481  N N   . ARG A 1 59  ? 6.061   4.472   -13.582 1.00 13.57  ? 59  ARG A N   1 
ATOM   482  C CA  . ARG A 1 59  ? 4.899   3.566   -13.372 1.00 13.26  ? 59  ARG A CA  1 
ATOM   483  C C   . ARG A 1 59  ? 3.836   4.282   -12.532 1.00 13.59  ? 59  ARG A C   1 
ATOM   484  O O   . ARG A 1 59  ? 4.211   4.884   -11.507 1.00 13.05  ? 59  ARG A O   1 
ATOM   485  C CB  . ARG A 1 59  ? 5.289   2.275   -12.609 1.00 15.82  ? 59  ARG A CB  1 
ATOM   486  C CG  . ARG A 1 59  ? 4.120   1.369   -12.252 1.00 16.10  ? 59  ARG A CG  1 
ATOM   487  C CD  . ARG A 1 59  ? 4.383   0.217   -11.305 1.00 17.44  ? 59  ARG A CD  1 
ATOM   488  N NE  . ARG A 1 59  ? 5.221   -0.816  -11.908 1.00 16.54  ? 59  ARG A NE  1 
ATOM   489  C CZ  . ARG A 1 59  ? 5.696   -1.890  -11.289 1.00 15.03  ? 59  ARG A CZ  1 
ATOM   490  N NH1 . ARG A 1 59  ? 5.398   -2.039  -9.990  1.00 17.21  ? 59  ARG A NH1 1 
ATOM   491  N NH2 . ARG A 1 59  ? 6.463   -2.771  -11.918 1.00 18.39  ? 59  ARG A NH2 1 
ATOM   492  N N   . THR A 1 60  ? 2.590   4.128   -12.976 1.00 12.92  ? 60  THR A N   1 
ATOM   493  C CA  . THR A 1 60  ? 1.464   4.584   -12.149 1.00 13.70  ? 60  THR A CA  1 
ATOM   494  C C   . THR A 1 60  ? 0.558   3.431   -11.824 1.00 12.62  ? 60  THR A C   1 
ATOM   495  O O   . THR A 1 60  ? 0.280   2.614   -12.721 1.00 15.46  ? 60  THR A O   1 
ATOM   496  C CB  . THR A 1 60  ? 0.677   5.667   -12.964 1.00 16.56  ? 60  THR A CB  1 
ATOM   497  O OG1 . THR A 1 60  ? 1.561   6.807   -13.059 1.00 17.62  ? 60  THR A OG1 1 
ATOM   498  C CG2 . THR A 1 60  ? -0.547  6.124   -12.243 1.00 20.14  ? 60  THR A CG2 1 
ATOM   499  N N   . THR A 1 61  ? 0.010   3.353   -10.615 1.00 12.12  ? 61  THR A N   1 
ATOM   500  C CA  . THR A 1 61  ? -1.000  2.370   -10.244 1.00 12.36  ? 61  THR A CA  1 
ATOM   501  C C   . THR A 1 61  ? -2.167  3.124   -9.611  1.00 12.69  ? 61  THR A C   1 
ATOM   502  O O   . THR A 1 61  ? -1.902  4.004   -8.818  1.00 14.90  ? 61  THR A O   1 
ATOM   503  C CB  . THR A 1 61  ? -0.415  1.355   -9.241  1.00 13.99  ? 61  THR A CB  1 
ATOM   504  O OG1 . THR A 1 61  ? 0.758   0.796   -9.803  1.00 17.71  ? 61  THR A OG1 1 
ATOM   505  C CG2 . THR A 1 61  ? -1.428  0.262   -9.016  1.00 16.72  ? 61  THR A CG2 1 
ATOM   506  N N   . GLU A 1 62  ? -3.374  2.759   -9.947  1.00 12.61  ? 62  GLU A N   1 
ATOM   507  C CA  . GLU A 1 62  ? -4.532  3.451   -9.374  1.00 14.01  ? 62  GLU A CA  1 
ATOM   508  C C   . GLU A 1 62  ? -5.482  2.436   -8.761  1.00 14.07  ? 62  GLU A C   1 
ATOM   509  O O   . GLU A 1 62  ? -5.699  1.361   -9.383  1.00 17.52  ? 62  GLU A O   1 
ATOM   510  C CB  . GLU A 1 62  ? -5.285  4.174   -10.486 1.00 16.60  ? 62  GLU A CB  1 
ATOM   511  C CG  . GLU A 1 62  ? -4.547  5.392   -11.027 1.00 17.12  ? 62  GLU A CG  1 
ATOM   512  C CD  . GLU A 1 62  ? -5.227  5.952   -12.265 1.00 23.15  ? 62  GLU A CD  1 
ATOM   513  O OE1 . GLU A 1 62  ? -5.759  7.065   -12.232 1.00 22.98  ? 62  GLU A OE1 1 
ATOM   514  O OE2 . GLU A 1 62  ? -5.244  5.262   -13.320 1.00 34.54  ? 62  GLU A OE2 1 
ATOM   515  N N   . ILE A 1 63  ? -6.093  2.728   -7.608  1.00 11.82  ? 63  ILE A N   1 
ATOM   516  C CA  . ILE A 1 63  ? -7.184  1.903   -7.085  1.00 11.90  ? 63  ILE A CA  1 
ATOM   517  C C   . ILE A 1 63  ? -8.333  2.830   -6.686  1.00 11.75  ? 63  ILE A C   1 
ATOM   518  O O   . ILE A 1 63  ? -8.100  4.008   -6.388  1.00 11.91  ? 63  ILE A O   1 
ATOM   519  C CB  . ILE A 1 63  ? -6.758  1.040   -5.866  1.00 12.69  ? 63  ILE A CB  1 
ATOM   520  C CG1 . ILE A 1 63  ? -6.306  1.855   -4.657  1.00 13.70  ? 63  ILE A CG1 1 
ATOM   521  C CG2 . ILE A 1 63  ? -5.732  0.012   -6.280  1.00 15.43  ? 63  ILE A CG2 1 
ATOM   522  C CD1 . ILE A 1 63  ? -6.084  0.992   -3.393  1.00 16.80  ? 63  ILE A CD1 1 
ATOM   523  N N   . ASN A 1 64  ? -9.504  2.247   -6.711  1.00 13.33  ? 64  ASN A N   1 
ATOM   524  C CA  . ASN A 1 64  ? -10.730 2.905   -6.266  1.00 11.62  ? 64  ASN A CA  1 
ATOM   525  C C   . ASN A 1 64  ? -11.441 1.963   -5.295  1.00 11.89  ? 64  ASN A C   1 
ATOM   526  O O   . ASN A 1 64  ? -11.621 0.787   -5.653  1.00 14.67  ? 64  ASN A O   1 
ATOM   527  C CB  . ASN A 1 64  ? -11.673 3.245   -7.428  1.00 15.39  ? 64  ASN A CB  1 
ATOM   528  C CG  . ASN A 1 64  ? -11.150 4.388   -8.273  1.00 16.44  ? 64  ASN A CG  1 
ATOM   529  O OD1 . ASN A 1 64  ? -11.388 5.569   -8.038  1.00 18.11  ? 64  ASN A OD1 1 
ATOM   530  N ND2 . ASN A 1 64  ? -10.412 4.048   -9.345  1.00 21.16  ? 64  ASN A ND2 1 
ATOM   531  N N   . PHE A 1 65  ? -11.854 2.446   -4.143  1.00 11.93  ? 65  PHE A N   1 
ATOM   532  C CA  . PHE A 1 65  ? -12.542 1.555   -3.223  1.00 10.68  ? 65  PHE A CA  1 
ATOM   533  C C   . PHE A 1 65  ? -13.428 2.388   -2.308  1.00 10.54  ? 65  PHE A C   1 
ATOM   534  O O   . PHE A 1 65  ? -13.217 3.601   -2.162  1.00 11.68  ? 65  PHE A O   1 
ATOM   535  C CB  . PHE A 1 65  ? -11.571 0.677   -2.403  1.00 12.11  ? 65  PHE A CB  1 
ATOM   536  C CG  . PHE A 1 65  ? -10.680 1.457   -1.434  1.00 12.29  ? 65  PHE A CG  1 
ATOM   537  C CD1 . PHE A 1 65  ? -11.071 1.758   -0.137  1.00 12.75  ? 65  PHE A CD1 1 
ATOM   538  C CD2 . PHE A 1 65  ? -9.425  1.855   -1.895  1.00 13.18  ? 65  PHE A CD2 1 
ATOM   539  C CE1 . PHE A 1 65  ? -10.206 2.448   0.714   1.00 12.33  ? 65  PHE A CE1 1 
ATOM   540  C CE2 . PHE A 1 65  ? -8.574  2.563   -1.040  1.00 11.71  ? 65  PHE A CE2 1 
ATOM   541  C CZ  . PHE A 1 65  ? -8.983  2.861   0.244   1.00 12.99  ? 65  PHE A CZ  1 
ATOM   542  N N   . LYS A 1 66  ? -14.326 1.738   -1.619  1.00 12.08  ? 66  LYS A N   1 
ATOM   543  C CA  . LYS A 1 66  ? -15.049 2.299   -0.493  1.00 11.92  ? 66  LYS A CA  1 
ATOM   544  C C   . LYS A 1 66  ? -14.789 1.417   0.725   1.00 11.99  ? 66  LYS A C   1 
ATOM   545  O O   . LYS A 1 66  ? -14.779 0.188   0.544   1.00 12.39  ? 66  LYS A O   1 
ATOM   546  C CB  . LYS A 1 66  ? -16.572 2.418   -0.748  1.00 13.24  ? 66  LYS A CB  1 
ATOM   547  C CG  . LYS A 1 66  ? -17.341 3.075   0.383   1.00 16.31  ? 66  LYS A CG  1 
ATOM   548  C CD  . LYS A 1 66  ? -18.778 3.416   -0.032  1.00 19.70  ? 66  LYS A CD  1 
ATOM   549  C CE  . LYS A 1 66  ? -19.532 3.982   1.169   1.00 25.18  ? 66  LYS A CE  1 
ATOM   550  N NZ  . LYS A 1 66  ? -20.906 4.423   0.796   1.00 32.44  ? 66  LYS A NZ  1 
ATOM   551  N N   . VAL A 1 67  ? -14.571 2.004   1.891   1.00 11.89  ? 67  VAL A N   1 
ATOM   552  C CA  . VAL A 1 67  ? -14.358 1.248   3.092   1.00 12.29  ? 67  VAL A CA  1 
ATOM   553  C C   . VAL A 1 67  ? -15.522 0.265   3.232   1.00 12.27  ? 67  VAL A C   1 
ATOM   554  O O   . VAL A 1 67  ? -16.689 0.672   3.099   1.00 16.70  ? 67  VAL A O   1 
ATOM   555  C CB  . VAL A 1 67  ? -14.224 2.123   4.321   1.00 12.89  ? 67  VAL A CB  1 
ATOM   556  C CG1 . VAL A 1 67  ? -14.118 1.404   5.652   1.00 17.48  ? 67  VAL A CG1 1 
ATOM   557  C CG2 . VAL A 1 67  ? -13.008 3.084   4.146   1.00 15.18  ? 67  VAL A CG2 1 
ATOM   558  N N   . GLY A 1 68  ? -15.205 -0.988  3.527   1.00 12.43  ? 68  GLY A N   1 
ATOM   559  C CA  . GLY A 1 68  ? -16.282 -1.960  3.769   1.00 16.01  ? 68  GLY A CA  1 
ATOM   560  C C   . GLY A 1 68  ? -16.849 -2.604  2.540   1.00 15.48  ? 68  GLY A C   1 
ATOM   561  O O   . GLY A 1 68  ? -17.745 -3.443  2.647   1.00 18.91  ? 68  GLY A O   1 
ATOM   562  N N   . GLU A 1 69  ? -16.310 -2.284  1.352   1.00 14.16  ? 69  GLU A N   1 
ATOM   563  C CA  . GLU A 1 69  ? -16.769 -2.868  0.102   1.00 12.56  ? 69  GLU A CA  1 
ATOM   564  C C   . GLU A 1 69  ? -15.604 -3.533  -0.620  1.00 11.27  ? 69  GLU A C   1 
ATOM   565  O O   . GLU A 1 69  ? -14.547 -2.921  -0.817  1.00 12.63  ? 69  GLU A O   1 
ATOM   566  C CB  . GLU A 1 69  ? -17.414 -1.834  -0.801  1.00 13.39  ? 69  GLU A CB  1 
ATOM   567  C CG  . GLU A 1 69  ? -18.532 -1.061  -0.125  1.00 15.82  ? 69  GLU A CG  1 
ATOM   568  C CD  . GLU A 1 69  ? -19.337 -0.131  -1.012  1.00 18.84  ? 69  GLU A CD  1 
ATOM   569  O OE1 . GLU A 1 69  ? -18.995 0.016   -2.191  1.00 20.87  ? 69  GLU A OE1 1 
ATOM   570  O OE2 . GLU A 1 69  ? -20.352 0.452   -0.517  1.00 23.95  ? 69  GLU A OE2 1 
ATOM   571  N N   . GLU A 1 70  ? -15.764 -4.816  -1.005  1.00 11.72  ? 70  GLU A N   1 
ATOM   572  C CA  A GLU A 1 70  ? -14.662 -5.535  -1.606  0.50 11.65  ? 70  GLU A CA  1 
ATOM   573  C CA  B GLU A 1 70  ? -14.671 -5.543  -1.619  0.50 11.53  ? 70  GLU A CA  1 
ATOM   574  C C   . GLU A 1 70  ? -14.283 -4.991  -2.964  1.00 11.37  ? 70  GLU A C   1 
ATOM   575  O O   . GLU A 1 70  ? -15.132 -4.541  -3.744  1.00 13.76  ? 70  GLU A O   1 
ATOM   576  C CB  A GLU A 1 70  ? -15.086 -7.010  -1.694  0.50 13.07  ? 70  GLU A CB  1 
ATOM   577  C CB  B GLU A 1 70  ? -15.049 -7.037  -1.773  0.50 12.58  ? 70  GLU A CB  1 
ATOM   578  C CG  A GLU A 1 70  ? -13.985 -7.875  -2.272  0.50 14.20  ? 70  GLU A CG  1 
ATOM   579  C CG  B GLU A 1 70  ? -15.090 -7.682  -0.401  0.50 13.60  ? 70  GLU A CG  1 
ATOM   580  C CD  A GLU A 1 70  ? -14.451 -9.327  -2.227  0.50 14.41  ? 70  GLU A CD  1 
ATOM   581  C CD  B GLU A 1 70  ? -15.557 -9.122  -0.413  0.50 13.84  ? 70  GLU A CD  1 
ATOM   582  O OE1 A GLU A 1 70  ? -14.178 -9.962  -1.185  0.50 17.60  ? 70  GLU A OE1 1 
ATOM   583  O OE1 B GLU A 1 70  ? -16.204 -9.572  -1.401  0.50 16.21  ? 70  GLU A OE1 1 
ATOM   584  O OE2 A GLU A 1 70  ? -15.083 -9.809  -3.182  0.50 22.54  ? 70  GLU A OE2 1 
ATOM   585  O OE2 B GLU A 1 70  ? -15.290 -9.796  0.599   0.50 16.89  ? 70  GLU A OE2 1 
ATOM   586  N N   . PHE A 1 71  ? -12.976 -5.032  -3.267  1.00 12.26  ? 71  PHE A N   1 
ATOM   587  C CA  . PHE A 1 71  ? -12.501 -4.638  -4.587  1.00 12.10  ? 71  PHE A CA  1 
ATOM   588  C C   . PHE A 1 71  ? -11.360 -5.565  -4.966  1.00 11.33  ? 71  PHE A C   1 
ATOM   589  O O   . PHE A 1 71  ? -10.887 -6.320  -4.123  1.00 14.90  ? 71  PHE A O   1 
ATOM   590  C CB  . PHE A 1 71  ? -12.056 -3.172  -4.629  1.00 13.48  ? 71  PHE A CB  1 
ATOM   591  C CG  . PHE A 1 71  ? -10.921 -2.785  -3.698  1.00 12.83  ? 71  PHE A CG  1 
ATOM   592  C CD1 . PHE A 1 71  ? -11.077 -2.642  -2.340  1.00 13.83  ? 71  PHE A CD1 1 
ATOM   593  C CD2 . PHE A 1 71  ? -9.665  -2.530  -4.250  1.00 14.93  ? 71  PHE A CD2 1 
ATOM   594  C CE1 . PHE A 1 71  ? -10.060 -2.294  -1.492  1.00 13.08  ? 71  PHE A CE1 1 
ATOM   595  C CE2 . PHE A 1 71  ? -8.634  -2.222  -3.397  1.00 14.47  ? 71  PHE A CE2 1 
ATOM   596  C CZ  . PHE A 1 71  ? -8.803  -2.111  -2.042  1.00 14.36  ? 71  PHE A CZ  1 
ATOM   597  N N   . GLU A 1 72  ? -10.869 -5.461  -6.179  1.00 16.00  ? 72  GLU A N   1 
ATOM   598  C CA  . GLU A 1 72  ? -9.793  -6.333  -6.610  1.00 16.07  ? 72  GLU A CA  1 
ATOM   599  C C   . GLU A 1 72  ? -8.552  -5.490  -6.852  1.00 16.98  ? 72  GLU A C   1 
ATOM   600  O O   . GLU A 1 72  ? -8.638  -4.414  -7.455  1.00 22.26  ? 72  GLU A O   1 
ATOM   601  C CB  . GLU A 1 72  ? -10.245 -7.011  -7.903  1.00 17.14  ? 72  GLU A CB  1 
ATOM   602  C CG  . GLU A 1 72  ? -11.074 -8.251  -7.623  1.00 27.23  ? 72  GLU A CG  1 
ATOM   603  C CD  . GLU A 1 72  ? -11.226 -9.059  -8.896  1.00 32.90  ? 72  GLU A CD  1 
ATOM   604  O OE1 . GLU A 1 72  ? -10.813 -8.616  -9.989  1.00 38.85  ? 72  GLU A OE1 1 
ATOM   605  O OE2 . GLU A 1 72  ? -11.784 -10.162 -8.785  1.00 38.01  ? 72  GLU A OE2 1 
ATOM   606  N N   . GLU A 1 73  ? -7.411  -6.033  -6.416  1.00 16.04  ? 73  GLU A N   1 
ATOM   607  C CA  . GLU A 1 73  ? -6.180  -5.323  -6.818  1.00 16.49  ? 73  GLU A CA  1 
ATOM   608  C C   . GLU A 1 73  ? -5.109  -6.406  -6.910  1.00 15.65  ? 73  GLU A C   1 
ATOM   609  O O   . GLU A 1 73  ? -5.425  -7.570  -7.183  1.00 14.73  ? 73  GLU A O   1 
ATOM   610  C CB  . GLU A 1 73  ? -5.917  -4.138  -5.873  1.00 16.97  ? 73  GLU A CB  1 
ATOM   611  C CG  . GLU A 1 73  ? -5.742  -4.587  -4.443  1.00 17.75  ? 73  GLU A CG  1 
ATOM   612  C CD  . GLU A 1 73  ? -5.146  -3.706  -3.416  1.00 16.06  ? 73  GLU A CD  1 
ATOM   613  O OE1 . GLU A 1 73  ? -4.524  -2.695  -3.806  1.00 26.83  ? 73  GLU A OE1 1 
ATOM   614  O OE2 . GLU A 1 73  ? -5.222  -4.056  -2.199  1.00 13.61  ? 73  GLU A OE2 1 
ATOM   615  N N   . GLN A 1 74  ? -3.855  -6.091  -6.739  1.00 18.27  ? 74  GLN A N   1 
ATOM   616  C CA  . GLN A 1 74  ? -2.781  -7.069  -6.786  1.00 18.48  ? 74  GLN A CA  1 
ATOM   617  C C   . GLN A 1 74  ? -1.958  -6.909  -5.517  1.00 17.46  ? 74  GLN A C   1 
ATOM   618  O O   . GLN A 1 74  ? -1.846  -5.768  -5.027  1.00 18.83  ? 74  GLN A O   1 
ATOM   619  C CB  . GLN A 1 74  ? -1.816  -6.898  -7.984  1.00 25.66  ? 74  GLN A CB  1 
ATOM   620  C CG  . GLN A 1 74  ? -2.445  -7.098  -9.343  1.00 33.21  ? 74  GLN A CG  1 
ATOM   621  C CD  . GLN A 1 74  ? -1.386  -6.963  -10.442 1.00 39.25  ? 74  GLN A CD  1 
ATOM   622  O OE1 . GLN A 1 74  ? -0.235  -6.610  -10.109 1.00 39.65  ? 74  GLN A OE1 1 
ATOM   623  N NE2 . GLN A 1 74  ? -1.808  -7.242  -11.658 1.00 43.67  ? 74  GLN A NE2 1 
ATOM   624  N N   . THR A 1 75  ? -1.373  -8.011  -5.059  1.00 14.42  ? 75  THR A N   1 
ATOM   625  C CA  . THR A 1 75  ? -0.404  -7.921  -3.959  1.00 13.45  ? 75  THR A CA  1 
ATOM   626  C C   . THR A 1 75  ? 0.869   -7.297  -4.461  1.00 13.38  ? 75  THR A C   1 
ATOM   627  O O   . THR A 1 75  ? 1.111   -7.104  -5.642  1.00 16.27  ? 75  THR A O   1 
ATOM   628  C CB  . THR A 1 75  ? -0.106  -9.351  -3.450  1.00 13.56  ? 75  THR A CB  1 
ATOM   629  O OG1 . THR A 1 75  ? 0.484   -10.075 -4.543  1.00 14.34  ? 75  THR A OG1 1 
ATOM   630  C CG2 . THR A 1 75  ? -1.335  -10.120 -2.968  1.00 14.12  ? 75  THR A CG2 1 
ATOM   631  N N   . VAL A 1 76  ? 1.772   -7.020  -3.503  1.00 13.09  ? 76  VAL A N   1 
ATOM   632  C CA  . VAL A 1 76  ? 3.031   -6.373  -3.861  1.00 13.97  ? 76  VAL A CA  1 
ATOM   633  C C   . VAL A 1 76  ? 3.884   -7.254  -4.746  1.00 14.64  ? 76  VAL A C   1 
ATOM   634  O O   . VAL A 1 76  ? 4.644   -6.702  -5.556  1.00 18.04  ? 76  VAL A O   1 
ATOM   635  C CB  . VAL A 1 76  ? 3.735   -5.963  -2.552  1.00 13.73  ? 76  VAL A CB  1 
ATOM   636  C CG1 . VAL A 1 76  ? 4.178   -7.160  -1.713  1.00 15.33  ? 76  VAL A CG1 1 
ATOM   637  C CG2 . VAL A 1 76  ? 4.932   -5.058  -2.902  1.00 17.28  ? 76  VAL A CG2 1 
ATOM   638  N N   . ASP A 1 77  ? 3.756   -8.571  -4.714  1.00 15.43  ? 77  ASP A N   1 
ATOM   639  C CA  . ASP A 1 77  ? 4.479   -9.450  -5.629  1.00 16.90  ? 77  ASP A CA  1 
ATOM   640  C C   . ASP A 1 77  ? 3.663   -9.809  -6.865  1.00 19.64  ? 77  ASP A C   1 
ATOM   641  O O   . ASP A 1 77  ? 4.092   -10.740 -7.588  1.00 20.86  ? 77  ASP A O   1 
ATOM   642  C CB  . ASP A 1 77  ? 4.913   -10.753 -4.952  1.00 17.18  ? 77  ASP A CB  1 
ATOM   643  C CG  . ASP A 1 77  ? 3.813   -11.532 -4.245  1.00 15.87  ? 77  ASP A CG  1 
ATOM   644  O OD1 . ASP A 1 77  ? 2.842   -10.964 -3.714  1.00 15.52  ? 77  ASP A OD1 1 
ATOM   645  O OD2 . ASP A 1 77  ? 3.946   -12.790 -4.209  1.00 18.54  ? 77  ASP A OD2 1 
ATOM   646  N N   . GLY A 1 78  ? 2.570   -9.109  -7.111  1.00 17.55  ? 78  GLY A N   1 
ATOM   647  C CA  . GLY A 1 78  ? 1.873   -9.161  -8.391  1.00 22.16  ? 78  GLY A CA  1 
ATOM   648  C C   . GLY A 1 78  ? 0.823   -10.251 -8.487  1.00 22.45  ? 78  GLY A C   1 
ATOM   649  O O   . GLY A 1 78  ? 0.459   -10.666 -9.617  1.00 31.05  ? 78  GLY A O   1 
ATOM   650  N N   . ARG A 1 79  ? 0.289   -10.762 -7.375  1.00 17.30  ? 79  ARG A N   1 
ATOM   651  C CA  . ARG A 1 79  ? -0.720  -11.825 -7.433  1.00 17.14  ? 79  ARG A CA  1 
ATOM   652  C C   . ARG A 1 79  ? -2.106  -11.214 -7.301  1.00 15.79  ? 79  ARG A C   1 
ATOM   653  O O   . ARG A 1 79  ? -2.312  -10.369 -6.449  1.00 14.71  ? 79  ARG A O   1 
ATOM   654  C CB  . ARG A 1 79  ? -0.507  -12.839 -6.292  1.00 16.27  ? 79  ARG A CB  1 
ATOM   655  C CG  . ARG A 1 79  ? 0.850   -13.520 -6.409  1.00 17.62  ? 79  ARG A CG  1 
ATOM   656  C CD  . ARG A 1 79  ? 1.107   -14.553 -5.321  1.00 19.58  ? 79  ARG A CD  1 
ATOM   657  N NE  . ARG A 1 79  ? 0.184   -15.682 -5.435  1.00 19.53  ? 79  ARG A NE  1 
ATOM   658  C CZ  . ARG A 1 79  ? 0.192   -16.681 -4.560  1.00 17.36  ? 79  ARG A CZ  1 
ATOM   659  N NH1 . ARG A 1 79  ? 1.085   -16.625 -3.564  1.00 19.44  ? 79  ARG A NH1 1 
ATOM   660  N NH2 . ARG A 1 79  ? -0.656  -17.714 -4.692  1.00 24.17  ? 79  ARG A NH2 1 
ATOM   661  N N   . PRO A 1 80  ? -3.074  -11.577 -8.137  1.00 16.65  ? 80  PRO A N   1 
ATOM   662  C CA  . PRO A 1 80  ? -4.409  -10.989 -7.937  1.00 15.07  ? 80  PRO A CA  1 
ATOM   663  C C   . PRO A 1 80  ? -5.009  -11.336 -6.586  1.00 13.57  ? 80  PRO A C   1 
ATOM   664  O O   . PRO A 1 80  ? -4.895  -12.424 -6.052  1.00 14.21  ? 80  PRO A O   1 
ATOM   665  C CB  . PRO A 1 80  ? -5.220  -11.628 -9.076  1.00 18.94  ? 80  PRO A CB  1 
ATOM   666  C CG  . PRO A 1 80  ? -4.207  -11.991 -10.113 1.00 22.01  ? 80  PRO A CG  1 
ATOM   667  C CD  . PRO A 1 80  ? -2.990  -12.453 -9.312  1.00 21.07  ? 80  PRO A CD  1 
ATOM   668  N N   . CYS A 1 81  ? -5.617  -10.325 -5.981  1.00 13.44  ? 81  CYS A N   1 
ATOM   669  C CA  . CYS A 1 81  ? -6.273  -10.532 -4.695  1.00 12.52  ? 81  CYS A CA  1 
ATOM   670  C C   . CYS A 1 81  ? -7.575  -9.770  -4.602  1.00 12.66  ? 81  CYS A C   1 
ATOM   671  O O   . CYS A 1 81  ? -7.805  -8.810  -5.341  1.00 13.35  ? 81  CYS A O   1 
ATOM   672  C CB  . CYS A 1 81  ? -5.320  -10.129 -3.556  1.00 13.21  ? 81  CYS A CB  1 
ATOM   673  S SG  . CYS A 1 81  ? -4.888  -8.350  -3.499  1.00 13.31  ? 81  CYS A SG  1 
ATOM   674  N N   . LYS A 1 82  ? -8.430  -10.203 -3.681  1.00 11.07  ? 82  LYS A N   1 
ATOM   675  C CA  A LYS A 1 82  ? -9.607  -9.381  -3.361  0.30 10.11  ? 82  LYS A CA  1 
ATOM   676  C CA  B LYS A 1 82  ? -9.635  -9.508  -3.266  0.30 10.88  ? 82  LYS A CA  1 
ATOM   677  C CA  C LYS A 1 82  ? -9.620  -9.434  -3.326  0.30 10.81  ? 82  LYS A CA  1 
ATOM   678  C C   . LYS A 1 82  ? -9.271  -8.695  -2.041  1.00 10.18  ? 82  LYS A C   1 
ATOM   679  O O   . LYS A 1 82  ? -8.709  -9.296  -1.120  1.00 12.82  ? 82  LYS A O   1 
ATOM   680  C CB  A LYS A 1 82  ? -10.880 -10.202 -3.282  0.30 12.51  ? 82  LYS A CB  1 
ATOM   681  C CB  B LYS A 1 82  ? -10.736 -10.493 -2.878  0.30 12.43  ? 82  LYS A CB  1 
ATOM   682  C CB  C LYS A 1 82  ? -10.811 -10.369 -3.178  0.30 12.03  ? 82  LYS A CB  1 
ATOM   683  C CG  A LYS A 1 82  ? -10.792 -11.342 -2.278  0.30 12.71  ? 82  LYS A CG  1 
ATOM   684  C CG  B LYS A 1 82  ? -11.601 -10.877 -4.050  0.30 15.03  ? 82  LYS A CG  1 
ATOM   685  C CG  C LYS A 1 82  ? -12.058 -9.643  -2.717  0.30 9.87   ? 82  LYS A CG  1 
ATOM   686  C CD  A LYS A 1 82  ? -12.003 -12.253 -2.418  0.30 12.65  ? 82  LYS A CD  1 
ATOM   687  C CD  B LYS A 1 82  ? -12.616 -11.947 -3.736  0.30 18.77  ? 82  LYS A CD  1 
ATOM   688  C CD  C LYS A 1 82  ? -13.249 -10.605 -2.626  0.30 12.26  ? 82  LYS A CD  1 
ATOM   689  C CE  A LYS A 1 82  ? -12.613 -12.661 -1.093  0.30 16.10  ? 82  LYS A CE  1 
ATOM   690  C CE  B LYS A 1 82  ? -12.678 -13.081 -4.737  0.30 22.79  ? 82  LYS A CE  1 
ATOM   691  C CE  C LYS A 1 82  ? -13.055 -11.529 -1.445  0.30 13.66  ? 82  LYS A CE  1 
ATOM   692  N NZ  A LYS A 1 82  ? -13.590 -13.783 -1.259  0.30 18.41  ? 82  LYS A NZ  1 
ATOM   693  N NZ  B LYS A 1 82  ? -13.923 -13.077 -5.548  0.30 16.49  ? 82  LYS A NZ  1 
ATOM   694  N NZ  C LYS A 1 82  ? -14.176 -11.587 -0.481  0.30 22.70  ? 82  LYS A NZ  1 
ATOM   695  N N   . SER A 1 83  ? -9.580  -7.428  -1.979  1.00 11.21  ? 83  SER A N   1 
ATOM   696  C CA  . SER A 1 83  ? -9.178  -6.576  -0.862  1.00 10.10  ? 83  SER A CA  1 
ATOM   697  C C   . SER A 1 83  ? -10.402 -5.987  -0.166  1.00 10.07  ? 83  SER A C   1 
ATOM   698  O O   . SER A 1 83  ? -11.442 -5.801  -0.820  1.00 11.00  ? 83  SER A O   1 
ATOM   699  C CB  . SER A 1 83  ? -8.267  -5.471  -1.369  1.00 11.61  ? 83  SER A CB  1 
ATOM   700  O OG  . SER A 1 83  ? -7.025  -6.038  -1.751  1.00 12.26  ? 83  SER A OG  1 
ATOM   701  N N   . LEU A 1 84  ? -10.218 -5.708  1.109   1.00 10.26  ? 84  LEU A N   1 
ATOM   702  C CA  . LEU A 1 84  ? -11.288 -5.129  1.898   1.00 11.32  ? 84  LEU A CA  1 
ATOM   703  C C   . LEU A 1 84  ? -10.652 -4.200  2.922   1.00 10.24  ? 84  LEU A C   1 
ATOM   704  O O   . LEU A 1 84  ? -9.848  -4.675  3.742   1.00 11.01  ? 84  LEU A O   1 
ATOM   705  C CB  . LEU A 1 84  ? -12.099 -6.221  2.590   1.00 13.24  ? 84  LEU A CB  1 
ATOM   706  C CG  . LEU A 1 84  ? -13.284 -5.786  3.434   1.00 14.23  ? 84  LEU A CG  1 
ATOM   707  C CD1 . LEU A 1 84  ? -14.304 -5.062  2.593   1.00 17.87  ? 84  LEU A CD1 1 
ATOM   708  C CD2 . LEU A 1 84  ? -13.936 -7.022  4.098   1.00 19.23  ? 84  LEU A CD2 1 
ATOM   709  N N   . VAL A 1 85  ? -11.059 -2.922  2.874   1.00 11.34  ? 85  VAL A N   1 
ATOM   710  C CA  . VAL A 1 85  ? -10.494 -1.932  3.813   1.00 11.36  ? 85  VAL A CA  1 
ATOM   711  C C   . VAL A 1 85  ? -11.498 -1.684  4.936   1.00 12.31  ? 85  VAL A C   1 
ATOM   712  O O   . VAL A 1 85  ? -12.709 -1.588  4.646   1.00 15.51  ? 85  VAL A O   1 
ATOM   713  C CB  . VAL A 1 85  ? -10.189 -0.632  3.066   1.00 12.00  ? 85  VAL A CB  1 
ATOM   714  C CG1 . VAL A 1 85  ? -9.766  0.477   4.034   1.00 13.63  ? 85  VAL A CG1 1 
ATOM   715  C CG2 . VAL A 1 85  ? -9.063  -0.820  2.035   1.00 13.22  ? 85  VAL A CG2 1 
ATOM   716  N N   . LYS A 1 86  ? -10.999 -1.589  6.167   1.00 12.41  ? 86  LYS A N   1 
ATOM   717  C CA  . LYS A 1 86  ? -11.790 -1.326  7.364   1.00 13.01  ? 86  LYS A CA  1 
ATOM   718  C C   . LYS A 1 86  ? -11.046 -0.217  8.133   1.00 12.79  ? 86  LYS A C   1 
ATOM   719  O O   . LYS A 1 86  ? -9.812  -0.136  8.069   1.00 13.06  ? 86  LYS A O   1 
ATOM   720  C CB  . LYS A 1 86  ? -11.898 -2.559  8.259   1.00 20.38  ? 86  LYS A CB  1 
ATOM   721  C CG  . LYS A 1 86  ? -12.765 -3.661  7.681   1.00 33.35  ? 86  LYS A CG  1 
ATOM   722  C CD  . LYS A 1 86  ? -13.274 -4.511  8.848   1.00 46.28  ? 86  LYS A CD  1 
ATOM   723  C CE  . LYS A 1 86  ? -14.350 -5.474  8.405   1.00 46.22  ? 86  LYS A CE  1 
ATOM   724  N NZ  . LYS A 1 86  ? -13.828 -6.879  8.287   1.00 35.53  ? 86  LYS A NZ  1 
ATOM   725  N N   . TRP A 1 87  ? -11.772 0.591   8.873   1.00 15.08  ? 87  TRP A N   1 
ATOM   726  C CA  . TRP A 1 87  ? -11.127 1.472   9.800   1.00 14.29  ? 87  TRP A CA  1 
ATOM   727  C C   . TRP A 1 87  ? -10.667 0.729   11.041  1.00 15.11  ? 87  TRP A C   1 
ATOM   728  O O   . TRP A 1 87  ? -11.546 0.165   11.729  1.00 20.07  ? 87  TRP A O   1 
ATOM   729  C CB  . TRP A 1 87  ? -12.094 2.591   10.263  1.00 15.86  ? 87  TRP A CB  1 
ATOM   730  C CG  . TRP A 1 87  ? -12.491 3.525   9.141   1.00 14.75  ? 87  TRP A CG  1 
ATOM   731  C CD1 . TRP A 1 87  ? -13.698 3.678   8.544   1.00 16.26  ? 87  TRP A CD1 1 
ATOM   732  C CD2 . TRP A 1 87  ? -11.616 4.472   8.482   1.00 13.80  ? 87  TRP A CD2 1 
ATOM   733  N NE1 . TRP A 1 87  ? -13.686 4.618   7.563   1.00 15.22  ? 87  TRP A NE1 1 
ATOM   734  C CE2 . TRP A 1 87  ? -12.405 5.136   7.499   1.00 14.25  ? 87  TRP A CE2 1 
ATOM   735  C CE3 . TRP A 1 87  ? -10.268 4.820   8.624   1.00 13.81  ? 87  TRP A CE3 1 
ATOM   736  C CZ2 . TRP A 1 87  ? -11.858 6.112   6.681   1.00 15.43  ? 87  TRP A CZ2 1 
ATOM   737  C CZ3 . TRP A 1 87  ? -9.709  5.802   7.801   1.00 14.71  ? 87  TRP A CZ3 1 
ATOM   738  C CH2 . TRP A 1 87  ? -10.525 6.440   6.832   1.00 14.85  ? 87  TRP A CH2 1 
ATOM   739  N N   . GLU A 1 88  ? -9.396  0.734   11.375  1.00 17.56  ? 88  GLU A N   1 
ATOM   740  C CA  . GLU A 1 88  ? -8.877  0.163   12.620  1.00 19.72  ? 88  GLU A CA  1 
ATOM   741  C C   . GLU A 1 88  ? -9.123  1.126   13.776  1.00 21.80  ? 88  GLU A C   1 
ATOM   742  O O   . GLU A 1 88  ? -9.443  0.756   14.920  1.00 25.97  ? 88  GLU A O   1 
ATOM   743  C CB  . GLU A 1 88  ? -7.381  -0.184  12.553  1.00 20.36  ? 88  GLU A CB  1 
ATOM   744  C CG  . GLU A 1 88  ? -6.870  -0.582  13.974  1.00 30.12  ? 88  GLU A CG  1 
ATOM   745  C CD  . GLU A 1 88  ? -5.477  -1.143  13.842  1.00 30.19  ? 88  GLU A CD  1 
ATOM   746  O OE1 . GLU A 1 88  ? -5.360  -2.243  13.239  1.00 29.87  ? 88  GLU A OE1 1 
ATOM   747  O OE2 . GLU A 1 88  ? -4.527  -0.469  14.345  1.00 29.55  ? 88  GLU A OE2 1 
ATOM   748  N N   . SER A 1 89  ? -8.975  2.401   13.459  1.00 20.04  ? 89  SER A N   1 
ATOM   749  C CA  A SER A 1 89  ? -9.291  3.440   14.429  0.50 19.82  ? 89  SER A CA  1 
ATOM   750  C CA  B SER A 1 89  ? -9.108  3.475   14.421  0.50 21.29  ? 89  SER A CA  1 
ATOM   751  C C   . SER A 1 89  ? -9.455  4.720   13.616  1.00 18.44  ? 89  SER A C   1 
ATOM   752  O O   . SER A 1 89  ? -9.426  4.678   12.383  1.00 17.08  ? 89  SER A O   1 
ATOM   753  C CB  A SER A 1 89  ? -8.263  3.597   15.534  0.50 23.84  ? 89  SER A CB  1 
ATOM   754  C CB  B SER A 1 89  ? -7.838  3.722   15.229  0.50 24.99  ? 89  SER A CB  1 
ATOM   755  O OG  A SER A 1 89  ? -6.941  3.553   15.052  0.50 16.28  ? 89  SER A OG  1 
ATOM   756  O OG  B SER A 1 89  ? -6.724  3.963   14.386  0.50 27.15  ? 89  SER A OG  1 
ATOM   757  N N   . GLU A 1 90  ? -9.702  5.810   14.320  1.00 17.58  ? 90  GLU A N   1 
ATOM   758  C CA  . GLU A 1 90  ? -9.988  7.039   13.597  1.00 17.93  ? 90  GLU A CA  1 
ATOM   759  C C   . GLU A 1 90  ? -8.854  7.394   12.618  1.00 16.31  ? 90  GLU A C   1 
ATOM   760  O O   . GLU A 1 90  ? -7.702  7.396   12.997  1.00 20.31  ? 90  GLU A O   1 
ATOM   761  C CB  . GLU A 1 90  ? -10.190 8.187   14.550  1.00 20.41  ? 90  GLU A CB  1 
ATOM   762  C CG  . GLU A 1 90  ? -10.674 9.441   13.846  1.00 23.99  ? 90  GLU A CG  1 
ATOM   763  C CD  . GLU A 1 90  ? -10.799 10.588  14.860  1.00 24.45  ? 90  GLU A CD  1 
ATOM   764  O OE1 . GLU A 1 90  ? -10.465 10.456  16.051  1.00 28.08  ? 90  GLU A OE1 1 
ATOM   765  O OE2 . GLU A 1 90  ? -11.228 11.655  14.404  1.00 32.49  ? 90  GLU A OE2 1 
ATOM   766  N N   . ASN A 1 91  ? -9.120  7.661   11.364  1.00 18.71  ? 91  ASN A N   1 
ATOM   767  C CA  . ASN A 1 91  ? -7.997  7.931   10.427  1.00 19.22  ? 91  ASN A CA  1 
ATOM   768  C C   . ASN A 1 91  ? -6.802  6.924   10.419  1.00 16.81  ? 91  ASN A C   1 
ATOM   769  O O   . ASN A 1 91  ? -5.611  7.243   10.186  1.00 15.28  ? 91  ASN A O   1 
ATOM   770  C CB  . ASN A 1 91  ? -7.469  9.349   10.571  1.00 22.15  ? 91  ASN A CB  1 
ATOM   771  C CG  . ASN A 1 91  ? -8.542  10.375  10.223  1.00 24.61  ? 91  ASN A CG  1 
ATOM   772  O OD1 . ASN A 1 91  ? -9.390  10.194  9.333   1.00 31.54  ? 91  ASN A OD1 1 
ATOM   773  N ND2 . ASN A 1 91  ? -8.456  11.448  10.986  1.00 25.54  ? 91  ASN A ND2 1 
ATOM   774  N N   . LYS A 1 92  ? -7.080  5.648   10.638  1.00 13.92  ? 92  LYS A N   1 
ATOM   775  C CA  . LYS A 1 92  ? -6.205  4.532   10.281  1.00 12.84  ? 92  LYS A CA  1 
ATOM   776  C C   . LYS A 1 92  ? -7.026  3.432   9.615   1.00 10.59  ? 92  LYS A C   1 
ATOM   777  O O   . LYS A 1 92  ? -7.914  2.857   10.266  1.00 14.54  ? 92  LYS A O   1 
ATOM   778  C CB  . LYS A 1 92  ? -5.495  3.985   11.524  1.00 14.98  ? 92  LYS A CB  1 
ATOM   779  C CG  . LYS A 1 92  ? -4.699  2.743   11.281  1.00 16.71  ? 92  LYS A CG  1 
ATOM   780  C CD  . LYS A 1 92  ? -3.879  2.342   12.507  1.00 24.13  ? 92  LYS A CD  1 
ATOM   781  C CE  . LYS A 1 92  ? -2.959  1.184   12.197  1.00 24.56  ? 92  LYS A CE  1 
ATOM   782  N NZ  . LYS A 1 92  ? -2.415  0.611   13.470  1.00 27.80  ? 92  LYS A NZ  1 
ATOM   783  N N   . MET A 1 93  ? -6.672  3.163   8.361   1.00 10.67  ? 93  MET A N   1 
ATOM   784  C CA  . MET A 1 93  ? -7.397  2.106   7.658   1.00 11.37  ? 93  MET A CA  1 
ATOM   785  C C   . MET A 1 93  ? -6.484  0.940   7.399   1.00 11.24  ? 93  MET A C   1 
ATOM   786  O O   . MET A 1 93  ? -5.279  1.185   7.197   1.00 12.28  ? 93  MET A O   1 
ATOM   787  C CB  . MET A 1 93  ? -7.951  2.669   6.313   1.00 11.91  ? 93  MET A CB  1 
ATOM   788  C CG  . MET A 1 93  ? -6.841  2.852   5.266   1.00 11.69  ? 93  MET A CG  1 
ATOM   789  S SD  . MET A 1 93  ? -7.385  3.755   3.771   1.00 14.32  ? 93  MET A SD  1 
ATOM   790  C CE  . MET A 1 93  ? -7.399  5.429   4.389   1.00 17.02  ? 93  MET A CE  1 
ATOM   791  N N   . VAL A 1 94  ? -7.006  -0.245  7.343   1.00 10.94  ? 94  VAL A N   1 
ATOM   792  C CA  . VAL A 1 94  ? -6.256  -1.480  7.163   1.00 11.15  ? 94  VAL A CA  1 
ATOM   793  C C   . VAL A 1 94  ? -6.928  -2.267  6.046   1.00 9.56   ? 94  VAL A C   1 
ATOM   794  O O   . VAL A 1 94  ? -8.120  -2.535  6.073   1.00 11.25  ? 94  VAL A O   1 
ATOM   795  C CB  . VAL A 1 94  ? -6.194  -2.320  8.460   1.00 12.85  ? 94  VAL A CB  1 
ATOM   796  C CG1 . VAL A 1 94  ? -5.358  -3.589  8.208   1.00 14.73  ? 94  VAL A CG1 1 
ATOM   797  C CG2 . VAL A 1 94  ? -5.653  -1.479  9.590   1.00 17.57  ? 94  VAL A CG2 1 
ATOM   798  N N   . CYS A 1 95  ? -6.113  -2.651  5.066   1.00 10.35  ? 95  CYS A N   1 
ATOM   799  C CA  A CYS A 1 95  ? -6.588  -3.480  3.970   0.50 10.66  ? 95  CYS A CA  1 
ATOM   800  C CA  B CYS A 1 95  ? -6.589  -3.483  3.959   0.50 10.36  ? 95  CYS A CA  1 
ATOM   801  C C   . CYS A 1 95  ? -6.178  -4.936  4.139   1.00 11.19  ? 95  CYS A C   1 
ATOM   802  O O   . CYS A 1 95  ? -4.993  -5.249  4.180   1.00 13.60  ? 95  CYS A O   1 
ATOM   803  C CB  A CYS A 1 95  ? -6.003  -2.940  2.657   0.50 11.57  ? 95  CYS A CB  1 
ATOM   804  C CB  B CYS A 1 95  ? -6.005  -2.903  2.675   0.50 11.77  ? 95  CYS A CB  1 
ATOM   805  S SG  A CYS A 1 95  ? -6.576  -4.025  1.315   0.50 13.01  ? 95  CYS A SG  1 
ATOM   806  S SG  B CYS A 1 95  ? -6.745  -3.616  1.188   0.50 11.09  ? 95  CYS A SG  1 
ATOM   807  N N   . GLU A 1 96  ? -7.169  -5.793  4.223   1.00 10.93  ? 96  GLU A N   1 
ATOM   808  C CA  . GLU A 1 96  ? -6.991  -7.238  4.216   1.00 11.44  ? 96  GLU A CA  1 
ATOM   809  C C   . GLU A 1 96  ? -6.980  -7.737  2.793   1.00 10.82  ? 96  GLU A C   1 
ATOM   810  O O   . GLU A 1 96  ? -7.914  -7.423  2.038   1.00 11.92  ? 96  GLU A O   1 
ATOM   811  C CB  . GLU A 1 96  ? -8.192  -7.872  4.960   1.00 14.23  ? 96  GLU A CB  1 
ATOM   812  C CG  . GLU A 1 96  ? -8.161  -9.394  4.972   1.00 17.78  ? 96  GLU A CG  1 
ATOM   813  C CD  . GLU A 1 96  ? -9.350  -10.049 5.641   1.00 23.10  ? 96  GLU A CD  1 
ATOM   814  O OE1 . GLU A 1 96  ? -9.248  -11.189 6.140   1.00 29.96  ? 96  GLU A OE1 1 
ATOM   815  O OE2 . GLU A 1 96  ? -10.416 -9.407  5.603   1.00 36.69  ? 96  GLU A OE2 1 
ATOM   816  N N   . GLN A 1 97  ? -5.997  -8.528  2.368   1.00 11.09  ? 97  GLN A N   1 
ATOM   817  C CA  . GLN A 1 97  ? -5.863  -9.045  1.020   1.00 11.36  ? 97  GLN A CA  1 
ATOM   818  C C   . GLN A 1 97  ? -6.035  -10.566 1.034   1.00 10.61  ? 97  GLN A C   1 
ATOM   819  O O   . GLN A 1 97  ? -5.375  -11.189 1.870   1.00 13.30  ? 97  GLN A O   1 
ATOM   820  C CB  . GLN A 1 97  ? -4.488  -8.683  0.480   1.00 11.64  ? 97  GLN A CB  1 
ATOM   821  C CG  . GLN A 1 97  ? -4.259  -7.204  0.339   1.00 11.42  ? 97  GLN A CG  1 
ATOM   822  C CD  . GLN A 1 97  ? -2.981  -6.809  -0.396  1.00 11.56  ? 97  GLN A CD  1 
ATOM   823  O OE1 . GLN A 1 97  ? -1.940  -7.437  -0.168  1.00 13.24  ? 97  GLN A OE1 1 
ATOM   824  N NE2 . GLN A 1 97  ? -3.035  -5.786  -1.220  1.00 12.05  ? 97  GLN A NE2 1 
ATOM   825  N N   . LYS A 1 98  ? -6.885  -11.065 0.146   1.00 11.02  ? 98  LYS A N   1 
ATOM   826  C CA  . LYS A 1 98  ? -7.085  -12.542 0.057   1.00 11.62  ? 98  LYS A CA  1 
ATOM   827  C C   . LYS A 1 98  ? -6.769  -12.916 -1.371  1.00 12.11  ? 98  LYS A C   1 
ATOM   828  O O   . LYS A 1 98  ? -7.348  -12.383 -2.299  1.00 12.63  ? 98  LYS A O   1 
ATOM   829  C CB  . LYS A 1 98  ? -8.490  -12.921 0.476   1.00 14.82  ? 98  LYS A CB  1 
ATOM   830  C CG  . LYS A 1 98  ? -8.814  -12.510 1.917   1.00 19.46  ? 98  LYS A CG  1 
ATOM   831  C CD  . LYS A 1 98  ? -10.296 -12.849 2.137   1.00 28.33  ? 98  LYS A CD  1 
ATOM   832  C CE  . LYS A 1 98  ? -11.006 -11.852 3.028   1.00 36.29  ? 98  LYS A CE  1 
ATOM   833  N NZ  . LYS A 1 98  ? -12.303 -12.337 3.570   1.00 49.09  ? 98  LYS A NZ  1 
ATOM   834  N N   . LEU A 1 99  ? -5.828  -13.837 -1.546  1.00 12.35  ? 99  LEU A N   1 
ATOM   835  C CA  . LEU A 1 99  ? -5.450  -14.269 -2.889  1.00 13.28  ? 99  LEU A CA  1 
ATOM   836  C C   . LEU A 1 99  ? -6.653  -14.829 -3.650  1.00 14.09  ? 99  LEU A C   1 
ATOM   837  O O   . LEU A 1 99  ? -7.444  -15.597 -3.118  1.00 16.33  ? 99  LEU A O   1 
ATOM   838  C CB  . LEU A 1 99  ? -4.386  -15.362 -2.800  1.00 16.90  ? 99  LEU A CB  1 
ATOM   839  C CG  . LEU A 1 99  ? -3.060  -14.795 -2.248  1.00 15.86  ? 99  LEU A CG  1 
ATOM   840  C CD1 . LEU A 1 99  ? -2.167  -15.947 -1.760  1.00 17.89  ? 99  LEU A CD1 1 
ATOM   841  C CD2 . LEU A 1 99  ? -2.379  -13.951 -3.320  1.00 15.73  ? 99  LEU A CD2 1 
ATOM   842  N N   . LEU A 1 100 ? -6.807  -14.502 -4.922  1.00 16.40  ? 100 LEU A N   1 
ATOM   843  C CA  . LEU A 1 100 ? -7.849  -15.071 -5.751  1.00 17.32  ? 100 LEU A CA  1 
ATOM   844  C C   . LEU A 1 100 ? -7.550  -16.517 -6.117  1.00 19.84  ? 100 LEU A C   1 
ATOM   845  O O   . LEU A 1 100 ? -8.511  -17.279 -6.297  1.00 23.22  ? 100 LEU A O   1 
ATOM   846  C CB  . LEU A 1 100 ? -8.045  -14.270 -7.038  1.00 21.61  ? 100 LEU A CB  1 
ATOM   847  C CG  . LEU A 1 100 ? -8.449  -12.802 -6.869  1.00 24.16  ? 100 LEU A CG  1 
ATOM   848  C CD1 . LEU A 1 100 ? -8.799  -12.192 -8.210  1.00 34.48  ? 100 LEU A CD1 1 
ATOM   849  C CD2 . LEU A 1 100 ? -9.601  -12.688 -5.912  1.00 32.69  ? 100 LEU A CD2 1 
ATOM   850  N N   . LYS A 1 101 ? -6.267  -16.897 -6.252  1.00 22.50  ? 101 LYS A N   1 
ATOM   851  C CA  . LYS A 1 101 ? -5.846  -18.250 -6.597  1.00 26.60  ? 101 LYS A CA  1 
ATOM   852  C C   . LYS A 1 101 ? -4.694  -18.748 -5.723  1.00 24.12  ? 101 LYS A C   1 
ATOM   853  O O   . LYS A 1 101 ? -3.687  -18.051 -5.588  1.00 29.06  ? 101 LYS A O   1 
ATOM   854  C CB  . LYS A 1 101 ? -5.374  -18.298 -8.055  1.00 31.37  ? 101 LYS A CB  1 
ATOM   855  C CG  . LYS A 1 101 ? -6.544  -18.213 -9.042  1.00 34.83  ? 101 LYS A CG  1 
ATOM   856  C CD  . LYS A 1 101 ? -7.465  -19.427 -8.949  1.00 43.13  ? 101 LYS A CD  1 
ATOM   857  C CE  . LYS A 1 101 ? -8.485  -19.388 -10.084 1.00 43.59  ? 101 LYS A CE  1 
ATOM   858  N NZ  . LYS A 1 101 ? -9.857  -19.575 -9.568  1.00 51.53  ? 101 LYS A NZ  1 
ATOM   859  N N   . GLY A 1 102 ? -4.846  -19.907 -5.113  1.00 28.21  ? 102 GLY A N   1 
ATOM   860  C CA  . GLY A 1 102 ? -3.851  -20.594 -4.282  1.00 28.27  ? 102 GLY A CA  1 
ATOM   861  C C   . GLY A 1 102 ? -3.696  -19.849 -2.946  1.00 25.77  ? 102 GLY A C   1 
ATOM   862  O O   . GLY A 1 102 ? -4.557  -19.026 -2.593  1.00 23.02  ? 102 GLY A O   1 
ATOM   863  N N   . GLU A 1 103 ? -2.607  -20.181 -2.287  1.00 25.04  ? 103 GLU A N   1 
ATOM   864  C CA  A GLU A 1 103 ? -2.276  -19.624 -0.990  0.50 21.66  ? 103 GLU A CA  1 
ATOM   865  C CA  B GLU A 1 103 ? -2.197  -19.804 -0.957  0.50 21.69  ? 103 GLU A CA  1 
ATOM   866  C C   . GLU A 1 103 ? -0.904  -18.996 -1.002  1.00 17.57  ? 103 GLU A C   1 
ATOM   867  O O   . GLU A 1 103 ? -0.138  -19.044 -1.980  1.00 19.24  ? 103 GLU A O   1 
ATOM   868  C CB  A GLU A 1 103 ? -2.341  -20.724 0.079   0.50 25.52  ? 103 GLU A CB  1 
ATOM   869  C CB  B GLU A 1 103 ? -1.991  -21.067 -0.108  0.50 25.66  ? 103 GLU A CB  1 
ATOM   870  C CG  A GLU A 1 103 ? -3.666  -21.485 -0.089  0.50 29.43  ? 103 GLU A CG  1 
ATOM   871  C CG  B GLU A 1 103 ? -3.226  -21.792 0.394   0.50 32.37  ? 103 GLU A CG  1 
ATOM   872  C CD  A GLU A 1 103 ? -3.391  -22.968 -0.028  0.50 29.89  ? 103 GLU A CD  1 
ATOM   873  C CD  B GLU A 1 103 ? -4.534  -21.185 -0.050  0.50 32.98  ? 103 GLU A CD  1 
ATOM   874  O OE1 A GLU A 1 103 ? -3.282  -23.595 -1.093  0.50 34.56  ? 103 GLU A OE1 1 
ATOM   875  O OE1 B GLU A 1 103 ? -5.137  -21.710 -1.009  0.50 49.31  ? 103 GLU A OE1 1 
ATOM   876  O OE2 A GLU A 1 103 ? -3.294  -23.407 1.126   0.50 37.41  ? 103 GLU A OE2 1 
ATOM   877  O OE2 B GLU A 1 103 ? -4.997  -20.171 0.544   0.50 44.51  ? 103 GLU A OE2 1 
ATOM   878  N N   . GLY A 1 104 ? -0.617  -18.316 0.098   1.00 17.28  ? 104 GLY A N   1 
ATOM   879  C CA  . GLY A 1 104 ? 0.693   -17.604 0.123   1.00 18.00  ? 104 GLY A CA  1 
ATOM   880  C C   . GLY A 1 104 ? 0.766   -16.925 1.471   1.00 17.21  ? 104 GLY A C   1 
ATOM   881  O O   . GLY A 1 104 ? -0.250  -16.888 2.201   1.00 17.35  ? 104 GLY A O   1 
ATOM   882  N N   . PRO A 1 105 ? 1.936   -16.376 1.776   1.00 15.31  ? 105 PRO A N   1 
ATOM   883  C CA  . PRO A 1 105 ? 2.083   -15.633 3.020   1.00 13.95  ? 105 PRO A CA  1 
ATOM   884  C C   . PRO A 1 105 ? 1.127   -14.429 3.049   1.00 14.36  ? 105 PRO A C   1 
ATOM   885  O O   . PRO A 1 105 ? 0.766   -13.843 2.032   1.00 16.36  ? 105 PRO A O   1 
ATOM   886  C CB  . PRO A 1 105 ? 3.521   -15.139 2.957   1.00 14.86  ? 105 PRO A CB  1 
ATOM   887  C CG  . PRO A 1 105 ? 4.223   -16.077 1.986   1.00 15.50  ? 105 PRO A CG  1 
ATOM   888  C CD  . PRO A 1 105 ? 3.154   -16.348 0.944   1.00 16.41  ? 105 PRO A CD  1 
ATOM   889  N N   . LYS A 1 106 ? 0.722   -14.132 4.280   1.00 14.47  ? 106 LYS A N   1 
ATOM   890  C CA  . LYS A 1 106 ? -0.236  -13.047 4.430   1.00 14.30  ? 106 LYS A CA  1 
ATOM   891  C C   . LYS A 1 106 ? 0.383   -11.715 4.054   1.00 12.43  ? 106 LYS A C   1 
ATOM   892  O O   . LYS A 1 106 ? 1.534   -11.416 4.412   1.00 13.96  ? 106 LYS A O   1 
ATOM   893  C CB  . LYS A 1 106 ? -0.672  -13.014 5.899   1.00 19.22  ? 106 LYS A CB  1 
ATOM   894  C CG  . LYS A 1 106 ? -1.756  -11.964 6.164   1.00 20.40  ? 106 LYS A CG  1 
ATOM   895  C CD  . LYS A 1 106 ? -2.189  -12.067 7.625   1.00 29.05  ? 106 LYS A CD  1 
ATOM   896  C CE  . LYS A 1 106 ? -3.327  -13.038 7.823   1.00 40.51  ? 106 LYS A CE  1 
ATOM   897  N NZ  . LYS A 1 106 ? -3.937  -12.990 9.195   1.00 47.93  ? 106 LYS A NZ  1 
ATOM   898  N N   . THR A 1 107 ? -0.422  -10.929 3.325   1.00 11.73  ? 107 THR A N   1 
ATOM   899  C CA  . THR A 1 107 ? -0.027  -9.561  2.968   1.00 11.72  ? 107 THR A CA  1 
ATOM   900  C C   . THR A 1 107 ? -1.125  -8.567  3.346   1.00 11.16  ? 107 THR A C   1 
ATOM   901  O O   . THR A 1 107 ? -2.303  -8.956  3.354   1.00 12.69  ? 107 THR A O   1 
ATOM   902  C CB  . THR A 1 107 ? 0.301   -9.389  1.479   1.00 11.40  ? 107 THR A CB  1 
ATOM   903  O OG1 . THR A 1 107 ? -0.839  -9.794  0.691   1.00 13.50  ? 107 THR A OG1 1 
ATOM   904  C CG2 . THR A 1 107 ? 1.502   -10.245 1.071   1.00 13.84  ? 107 THR A CG2 1 
ATOM   905  N N   . SER A 1 108 ? -0.729  -7.357  3.677   1.00 10.99  ? 108 SER A N   1 
ATOM   906  C CA  . SER A 1 108 ? -1.714  -6.341  3.987   1.00 10.80  ? 108 SER A CA  1 
ATOM   907  C C   . SER A 1 108 ? -1.105  -4.975  3.747   1.00 10.22  ? 108 SER A C   1 
ATOM   908  O O   . SER A 1 108 ? 0.116   -4.860  3.547   1.00 10.12  ? 108 SER A O   1 
ATOM   909  C CB  . SER A 1 108 ? -2.130  -6.445  5.473   1.00 12.35  ? 108 SER A CB  1 
ATOM   910  O OG  . SER A 1 108 ? -1.062  -5.917  6.272   1.00 14.70  ? 108 SER A OG  1 
ATOM   911  N N   . TRP A 1 109 ? -1.905  -3.920  3.798   1.00 10.84  ? 109 TRP A N   1 
ATOM   912  C CA  . TRP A 1 109 ? -1.371  -2.554  3.878   1.00 9.81   ? 109 TRP A CA  1 
ATOM   913  C C   . TRP A 1 109 ? -2.302  -1.724  4.770   1.00 10.19  ? 109 TRP A C   1 
ATOM   914  O O   . TRP A 1 109 ? -3.463  -2.061  5.000   1.00 11.80  ? 109 TRP A O   1 
ATOM   915  C CB  . TRP A 1 109 ? -1.243  -1.951  2.524   1.00 11.13  ? 109 TRP A CB  1 
ATOM   916  C CG  . TRP A 1 109 ? -2.406  -1.835  1.584   1.00 11.08  ? 109 TRP A CG  1 
ATOM   917  C CD1 . TRP A 1 109 ? -2.696  -2.662  0.538   1.00 11.54  ? 109 TRP A CD1 1 
ATOM   918  C CD2 . TRP A 1 109 ? -3.418  -0.817  1.601   1.00 10.85  ? 109 TRP A CD2 1 
ATOM   919  N NE1 . TRP A 1 109 ? -3.837  -2.236  -0.111  1.00 12.51  ? 109 TRP A NE1 1 
ATOM   920  C CE2 . TRP A 1 109 ? -4.298  -1.090  0.535   1.00 11.51  ? 109 TRP A CE2 1 
ATOM   921  C CE3 . TRP A 1 109 ? -3.681  0.292   2.395   1.00 11.53  ? 109 TRP A CE3 1 
ATOM   922  C CZ2 . TRP A 1 109 ? -5.395  -0.301  0.265   1.00 12.29  ? 109 TRP A CZ2 1 
ATOM   923  C CZ3 . TRP A 1 109 ? -4.791  1.085   2.119   1.00 11.73  ? 109 TRP A CZ3 1 
ATOM   924  C CH2 . TRP A 1 109 ? -5.661  0.807   1.052   1.00 12.42  ? 109 TRP A CH2 1 
ATOM   925  N N   . THR A 1 110 ? -1.722  -0.659  5.295   1.00 10.09  ? 110 THR A N   1 
ATOM   926  C CA  A THR A 1 110 ? -2.386  0.254   6.222   0.50 9.15   ? 110 THR A CA  1 
ATOM   927  C CA  B THR A 1 110 ? -2.430  0.259   6.184   0.50 10.77  ? 110 THR A CA  1 
ATOM   928  C C   . THR A 1 110 ? -2.021  1.673   5.834   1.00 10.21  ? 110 THR A C   1 
ATOM   929  O O   . THR A 1 110 ? -0.902  1.963   5.431   1.00 10.64  ? 110 THR A O   1 
ATOM   930  C CB  A THR A 1 110 ? -1.892  -0.081  7.649   0.50 9.11   ? 110 THR A CB  1 
ATOM   931  C CB  B THR A 1 110 ? -2.116  0.055   7.683   0.50 10.96  ? 110 THR A CB  1 
ATOM   932  O OG1 A THR A 1 110 ? -2.274  -1.426  7.992   0.50 11.91  ? 110 THR A OG1 1 
ATOM   933  O OG1 B THR A 1 110 ? -0.773  0.441   8.009   0.50 14.45  ? 110 THR A OG1 1 
ATOM   934  C CG2 A THR A 1 110 ? -2.515  0.820   8.704   0.50 10.62  ? 110 THR A CG2 1 
ATOM   935  C CG2 B THR A 1 110 ? -2.288  -1.408  8.031   0.50 14.35  ? 110 THR A CG2 1 
ATOM   936  N N   . LEU A 1 111 ? -2.959  2.592   5.971   1.00 9.64   ? 111 LEU A N   1 
ATOM   937  C CA  . LEU A 1 111 ? -2.665  4.019   5.804   1.00 9.47   ? 111 LEU A CA  1 
ATOM   938  C C   . LEU A 1 111 ? -3.222  4.757   7.014   1.00 9.51   ? 111 LEU A C   1 
ATOM   939  O O   . LEU A 1 111 ? -4.362  4.549   7.448   1.00 11.59  ? 111 LEU A O   1 
ATOM   940  C CB  . LEU A 1 111 ? -3.322  4.617   4.552   1.00 10.91  ? 111 LEU A CB  1 
ATOM   941  C CG  . LEU A 1 111 ? -2.624  4.294   3.234   1.00 10.76  ? 111 LEU A CG  1 
ATOM   942  C CD1 . LEU A 1 111 ? -3.570  4.654   2.078   1.00 14.22  ? 111 LEU A CD1 1 
ATOM   943  C CD2 . LEU A 1 111 ? -1.310  5.021   3.088   1.00 11.69  ? 111 LEU A CD2 1 
ATOM   944  N N   . GLU A 1 112 ? -2.390  5.610   7.618   1.00 11.26  ? 112 GLU A N   1 
ATOM   945  C CA  . GLU A 1 112 ? -2.869  6.331   8.793   1.00 11.19  ? 112 GLU A CA  1 
ATOM   946  C C   . GLU A 1 112 ? -2.283  7.731   8.820   1.00 12.48  ? 112 GLU A C   1 
ATOM   947  O O   . GLU A 1 112 ? -1.233  7.979   8.207   1.00 12.97  ? 112 GLU A O   1 
ATOM   948  C CB  . GLU A 1 112 ? -2.465  5.580   10.071  1.00 14.99  ? 112 GLU A CB  1 
ATOM   949  C CG  . GLU A 1 112 ? -0.982  5.560   10.387  1.00 15.17  ? 112 GLU A CG  1 
ATOM   950  C CD  . GLU A 1 112 ? -0.711  4.528   11.472  1.00 16.37  ? 112 GLU A CD  1 
ATOM   951  O OE1 . GLU A 1 112 ? -0.905  4.827   12.690  1.00 22.46  ? 112 GLU A OE1 1 
ATOM   952  O OE2 . GLU A 1 112 ? -0.276  3.446   11.059  1.00 17.48  ? 112 GLU A OE2 1 
ATOM   953  N N   . LEU A 1 113 ? -2.957  8.612   9.520   1.00 12.45  ? 113 LEU A N   1 
ATOM   954  C CA  . LEU A 1 113 ? -2.445  9.962   9.751   1.00 11.91  ? 113 LEU A CA  1 
ATOM   955  C C   . LEU A 1 113 ? -1.861  10.111  11.148  1.00 12.58  ? 113 LEU A C   1 
ATOM   956  O O   . LEU A 1 113 ? -2.484  9.594   12.102  1.00 15.74  ? 113 LEU A O   1 
ATOM   957  C CB  . LEU A 1 113 ? -3.551  11.021  9.604   1.00 13.14  ? 113 LEU A CB  1 
ATOM   958  C CG  . LEU A 1 113 ? -4.226  11.094  8.222   1.00 14.07  ? 113 LEU A CG  1 
ATOM   959  C CD1 . LEU A 1 113 ? -5.427  12.047  8.301   1.00 18.19  ? 113 LEU A CD1 1 
ATOM   960  C CD2 . LEU A 1 113 ? -3.291  11.576  7.123   1.00 16.20  ? 113 LEU A CD2 1 
ATOM   961  N N   . THR A 1 114 ? -0.784  10.864  11.294  1.00 13.41  ? 114 THR A N   1 
ATOM   962  C CA  . THR A 1 114 ? -0.271  11.181  12.613  1.00 13.60  ? 114 THR A CA  1 
ATOM   963  C C   . THR A 1 114 ? -0.944  12.478  13.085  1.00 13.61  ? 114 THR A C   1 
ATOM   964  O O   . THR A 1 114 ? -1.619  13.157  12.325  1.00 15.47  ? 114 THR A O   1 
ATOM   965  C CB  . THR A 1 114 ? 1.249   11.442  12.637  1.00 15.42  ? 114 THR A CB  1 
ATOM   966  O OG1 . THR A 1 114 ? 1.496   12.654  11.873  1.00 16.64  ? 114 THR A OG1 1 
ATOM   967  C CG2 . THR A 1 114 ? 2.006   10.262  12.025  1.00 19.38  ? 114 THR A CG2 1 
ATOM   968  N N   . ASN A 1 115 ? -0.719  12.840  14.337  1.00 15.39  ? 115 ASN A N   1 
ATOM   969  C CA  . ASN A 1 115 ? -1.355  14.012  14.928  1.00 16.14  ? 115 ASN A CA  1 
ATOM   970  C C   . ASN A 1 115 ? -0.800  15.229  14.216  1.00 18.07  ? 115 ASN A C   1 
ATOM   971  O O   . ASN A 1 115 ? -1.509  16.231  14.178  1.00 21.17  ? 115 ASN A O   1 
ATOM   972  C CB  . ASN A 1 115 ? -1.124  14.078  16.432  1.00 15.27  ? 115 ASN A CB  1 
ATOM   973  C CG  . ASN A 1 115 ? -1.797  15.238  17.162  1.00 17.67  ? 115 ASN A CG  1 
ATOM   974  O OD1 . ASN A 1 115 ? -1.224  16.032  17.911  1.00 20.39  ? 115 ASN A OD1 1 
ATOM   975  N ND2 . ASN A 1 115 ? -3.108  15.237  17.005  1.00 21.72  ? 115 ASN A ND2 1 
ATOM   976  N N   . ASP A 1 116 ? 0.391   15.182  13.605  1.00 18.94  ? 116 ASP A N   1 
ATOM   977  C CA  . ASP A 1 116 ? 0.954   16.363  12.942  1.00 21.14  ? 116 ASP A CA  1 
ATOM   978  C C   . ASP A 1 116 ? 0.627   16.380  11.461  1.00 20.63  ? 116 ASP A C   1 
ATOM   979  O O   . ASP A 1 116 ? 1.043   17.311  10.746  1.00 27.16  ? 116 ASP A O   1 
ATOM   980  C CB  . ASP A 1 116 ? 2.470   16.433  13.089  1.00 23.53  ? 116 ASP A CB  1 
ATOM   981  C CG  . ASP A 1 116 ? 2.858   16.782  14.522  1.00 32.18  ? 116 ASP A CG  1 
ATOM   982  O OD1 . ASP A 1 116 ? 2.118   17.592  15.151  1.00 31.57  ? 116 ASP A OD1 1 
ATOM   983  O OD2 . ASP A 1 116 ? 3.904   16.205  14.910  1.00 48.85  ? 116 ASP A OD2 1 
ATOM   984  N N   . GLY A 1 117 ? -0.104  15.371  10.993  1.00 18.62  ? 117 GLY A N   1 
ATOM   985  C CA  . GLY A 1 117 ? -0.498  15.455  9.604   1.00 18.09  ? 117 GLY A CA  1 
ATOM   986  C C   . GLY A 1 117 ? 0.393   14.720  8.644   1.00 15.69  ? 117 GLY A C   1 
ATOM   987  O O   . GLY A 1 117 ? 0.215   14.927  7.437   1.00 19.07  ? 117 GLY A O   1 
ATOM   988  N N   . GLU A 1 118 ? 1.321   13.876  9.114   1.00 14.56  ? 118 GLU A N   1 
ATOM   989  C CA  A GLU A 1 118 ? 2.074   12.996  8.225   0.50 13.26  ? 118 GLU A CA  1 
ATOM   990  C CA  B GLU A 1 118 ? 2.017   13.038  8.133   0.50 13.63  ? 118 GLU A CA  1 
ATOM   991  C C   . GLU A 1 118 ? 1.203   11.795  7.852   1.00 12.43  ? 118 GLU A C   1 
ATOM   992  O O   . GLU A 1 118 ? 0.334   11.438  8.648   1.00 14.83  ? 118 GLU A O   1 
ATOM   993  C CB  A GLU A 1 118 ? 3.364   12.529  8.902   0.50 15.22  ? 118 GLU A CB  1 
ATOM   994  C CB  B GLU A 1 118 ? 3.393   12.698  8.696   0.50 15.05  ? 118 GLU A CB  1 
ATOM   995  C CG  A GLU A 1 118 ? 4.438   13.619  9.028   0.50 18.11  ? 118 GLU A CG  1 
ATOM   996  C CG  B GLU A 1 118 ? 4.069   14.048  9.039   0.50 18.74  ? 118 GLU A CG  1 
ATOM   997  C CD  A GLU A 1 118 ? 4.552   14.186  10.424  0.50 18.39  ? 118 GLU A CD  1 
ATOM   998  C CD  B GLU A 1 118 ? 5.476   13.775  9.522   0.50 22.63  ? 118 GLU A CD  1 
ATOM   999  O OE1 A GLU A 1 118 ? 3.957   13.623  11.379  0.50 17.84  ? 118 GLU A OE1 1 
ATOM   1000 O OE1 B GLU A 1 118 ? 5.765   12.591  9.812   0.50 29.41  ? 118 GLU A OE1 1 
ATOM   1001 O OE2 A GLU A 1 118 ? 5.248   15.207  10.608  0.50 22.37  ? 118 GLU A OE2 1 
ATOM   1002 O OE2 B GLU A 1 118 ? 6.243   14.747  9.594   0.50 32.68  ? 118 GLU A OE2 1 
ATOM   1003 N N   . LEU A 1 119 ? 1.444   11.207  6.726   1.00 11.11  ? 119 LEU A N   1 
ATOM   1004 C CA  . LEU A 1 119 ? 0.790   9.996   6.268   1.00 9.95   ? 119 LEU A CA  1 
ATOM   1005 C C   . LEU A 1 119 ? 1.800   8.850   6.409   1.00 9.95   ? 119 LEU A C   1 
ATOM   1006 O O   . LEU A 1 119 ? 2.913   8.968   5.893   1.00 11.49  ? 119 LEU A O   1 
ATOM   1007 C CB  . LEU A 1 119 ? 0.376   10.160  4.815   1.00 10.51  ? 119 LEU A CB  1 
ATOM   1008 C CG  . LEU A 1 119 ? -0.261  8.959   4.140   1.00 10.58  ? 119 LEU A CG  1 
ATOM   1009 C CD1 . LEU A 1 119 ? -1.657  8.700   4.729   1.00 12.49  ? 119 LEU A CD1 1 
ATOM   1010 C CD2 . LEU A 1 119 ? -0.373  9.182   2.633   1.00 12.90  ? 119 LEU A CD2 1 
ATOM   1011 N N   . ILE A 1 120 ? 1.397   7.817   7.123   1.00 10.08  ? 120 ILE A N   1 
ATOM   1012 C CA  . ILE A 1 120 ? 2.229   6.620   7.272   1.00 10.96  ? 120 ILE A CA  1 
ATOM   1013 C C   . ILE A 1 120 ? 1.566   5.453   6.562   1.00 9.01   ? 120 ILE A C   1 
ATOM   1014 O O   . ILE A 1 120 ? 0.421   5.077   6.859   1.00 10.91  ? 120 ILE A O   1 
ATOM   1015 C CB  . ILE A 1 120 ? 2.531   6.235   8.716   1.00 11.40  ? 120 ILE A CB  1 
ATOM   1016 C CG1 . ILE A 1 120 ? 3.112   7.429   9.499   1.00 12.74  ? 120 ILE A CG1 1 
ATOM   1017 C CG2 . ILE A 1 120 ? 3.460   5.005   8.792   1.00 13.57  ? 120 ILE A CG2 1 
ATOM   1018 C CD1 . ILE A 1 120 ? 3.265   7.151   10.984  1.00 15.75  ? 120 ILE A CD1 1 
ATOM   1019 N N   . LEU A 1 121 ? 2.309   4.903   5.599   1.00 9.86   ? 121 LEU A N   1 
ATOM   1020 C CA  . LEU A 1 121 ? 1.904   3.672   4.920   1.00 9.73   ? 121 LEU A CA  1 
ATOM   1021 C C   . LEU A 1 121 ? 2.686   2.500   5.545   1.00 10.54  ? 121 LEU A C   1 
ATOM   1022 O O   . LEU A 1 121 ? 3.907   2.584   5.681   1.00 12.37  ? 121 LEU A O   1 
ATOM   1023 C CB  . LEU A 1 121 ? 2.281   3.782   3.436   1.00 11.45  ? 121 LEU A CB  1 
ATOM   1024 C CG  . LEU A 1 121 ? 2.270   2.470   2.676   1.00 10.87  ? 121 LEU A CG  1 
ATOM   1025 C CD1 . LEU A 1 121 ? 0.889   1.870   2.540   1.00 11.41  ? 121 LEU A CD1 1 
ATOM   1026 C CD2 . LEU A 1 121 ? 2.890   2.636   1.286   1.00 15.47  ? 121 LEU A CD2 1 
ATOM   1027 N N   . THR A 1 122 ? 1.982   1.450   5.919   1.00 10.82  ? 122 THR A N   1 
ATOM   1028 C CA  . THR A 1 122 ? 2.612   0.201   6.367   1.00 10.78  ? 122 THR A CA  1 
ATOM   1029 C C   . THR A 1 122 ? 2.238   -0.861  5.352   1.00 11.02  ? 122 THR A C   1 
ATOM   1030 O O   . THR A 1 122 ? 1.079   -0.941  4.922   1.00 14.31  ? 122 THR A O   1 
ATOM   1031 C CB  . THR A 1 122 ? 2.148   -0.183  7.781   1.00 13.92  ? 122 THR A CB  1 
ATOM   1032 O OG1 . THR A 1 122 ? 2.477   0.927   8.667   1.00 14.50  ? 122 THR A OG1 1 
ATOM   1033 C CG2 . THR A 1 122 ? 2.915   -1.411  8.295   1.00 17.19  ? 122 THR A CG2 1 
ATOM   1034 N N   . MET A 1 123 ? 3.195   -1.688  4.915   1.00 10.34  ? 123 MET A N   1 
ATOM   1035 C CA  A MET A 1 123 ? 2.887   -2.849  4.070   0.50 9.39   ? 123 MET A CA  1 
ATOM   1036 C CA  B MET A 1 123 ? 2.899   -2.842  4.052   0.50 10.19  ? 123 MET A CA  1 
ATOM   1037 C C   . MET A 1 123 ? 3.523   -4.042  4.748   1.00 9.64   ? 123 MET A C   1 
ATOM   1038 O O   . MET A 1 123 ? 4.642   -3.944  5.260   1.00 12.18  ? 123 MET A O   1 
ATOM   1039 C CB  A MET A 1 123 ? 3.484   -2.683  2.682   0.50 11.66  ? 123 MET A CB  1 
ATOM   1040 C CB  B MET A 1 123 ? 3.491   -2.649  2.664   0.50 11.75  ? 123 MET A CB  1 
ATOM   1041 C CG  A MET A 1 123 ? 3.007   -1.423  1.987   0.50 8.80   ? 123 MET A CG  1 
ATOM   1042 C CG  B MET A 1 123 ? 2.822   -1.596  1.801   0.50 17.14  ? 123 MET A CG  1 
ATOM   1043 S SD  A MET A 1 123 ? 3.902   -0.987  0.520   0.50 11.21  ? 123 MET A SD  1 
ATOM   1044 S SD  B MET A 1 123 ? 3.027   -1.797  0.018   0.50 26.31  ? 123 MET A SD  1 
ATOM   1045 C CE  A MET A 1 123 ? 3.386   -2.215  -0.715  0.50 14.66  ? 123 MET A CE  1 
ATOM   1046 C CE  B MET A 1 123 ? 4.749   -1.319  -0.133  0.50 21.90  ? 123 MET A CE  1 
ATOM   1047 N N   . THR A 1 124 ? 2.795   -5.154  4.777   1.00 9.66   ? 124 THR A N   1 
ATOM   1048 C CA  . THR A 1 124 ? 3.326   -6.331  5.453   1.00 11.34  ? 124 THR A CA  1 
ATOM   1049 C C   . THR A 1 124 ? 3.316   -7.525  4.509   1.00 10.48  ? 124 THR A C   1 
ATOM   1050 O O   . THR A 1 124 ? 2.435   -7.591  3.640   1.00 12.47  ? 124 THR A O   1 
ATOM   1051 C CB  . THR A 1 124 ? 2.479   -6.709  6.682   1.00 11.73  ? 124 THR A CB  1 
ATOM   1052 O OG1 . THR A 1 124 ? 1.175   -7.231  6.306   1.00 16.32  ? 124 THR A OG1 1 
ATOM   1053 C CG2 . THR A 1 124 ? 2.403   -5.507  7.640   1.00 13.10  ? 124 THR A CG2 1 
ATOM   1054 N N   . ALA A 1 125 ? 4.265   -8.411  4.692   1.00 10.55  ? 125 ALA A N   1 
ATOM   1055 C CA  . ALA A 1 125 ? 4.341   -9.673  3.892   1.00 11.19  ? 125 ALA A CA  1 
ATOM   1056 C C   . ALA A 1 125 ? 5.050   -10.651 4.816   1.00 11.20  ? 125 ALA A C   1 
ATOM   1057 O O   . ALA A 1 125 ? 6.179   -10.337 5.218   1.00 12.40  ? 125 ALA A O   1 
ATOM   1058 C CB  . ALA A 1 125 ? 5.155   -9.491  2.625   1.00 12.72  ? 125 ALA A CB  1 
ATOM   1059 N N   . ASP A 1 126 ? 4.361   -11.735 5.195   1.00 12.71  ? 126 ASP A N   1 
ATOM   1060 C CA  . ASP A 1 126 ? 4.982   -12.658 6.138   1.00 13.44  ? 126 ASP A CA  1 
ATOM   1061 C C   . ASP A 1 126 ? 5.463   -11.889 7.364   1.00 15.06  ? 126 ASP A C   1 
ATOM   1062 O O   . ASP A 1 126 ? 4.650   -11.097 7.876   1.00 16.34  ? 126 ASP A O   1 
ATOM   1063 C CB  . ASP A 1 126 ? 6.066   -13.496 5.425   1.00 15.14  ? 126 ASP A CB  1 
ATOM   1064 C CG  . ASP A 1 126 ? 6.306   -14.804 6.120   1.00 16.93  ? 126 ASP A CG  1 
ATOM   1065 O OD1 . ASP A 1 126 ? 6.167   -14.887 7.345   1.00 18.71  ? 126 ASP A OD1 1 
ATOM   1066 O OD2 . ASP A 1 126 ? 6.620   -15.800 5.438   1.00 18.95  ? 126 ASP A OD2 1 
ATOM   1067 N N   . ASP A 1 127 ? 6.704   -12.000 7.809   1.00 15.32  ? 127 ASP A N   1 
ATOM   1068 C CA  . ASP A 1 127 ? 7.157   -11.271 8.996   1.00 15.51  ? 127 ASP A CA  1 
ATOM   1069 C C   . ASP A 1 127 ? 7.833   -9.967  8.696   1.00 14.84  ? 127 ASP A C   1 
ATOM   1070 O O   . ASP A 1 127 ? 8.458   -9.377  9.588   1.00 20.83  ? 127 ASP A O   1 
ATOM   1071 C CB  . ASP A 1 127 ? 8.115   -12.188 9.812   1.00 21.66  ? 127 ASP A CB  1 
ATOM   1072 C CG  . ASP A 1 127 ? 9.346   -12.621 9.058   1.00 24.54  ? 127 ASP A CG  1 
ATOM   1073 O OD1 . ASP A 1 127 ? 9.290   -12.739 7.830   1.00 24.36  ? 127 ASP A OD1 1 
ATOM   1074 O OD2 . ASP A 1 127 ? 10.413  -12.898 9.686   1.00 33.01  ? 127 ASP A OD2 1 
ATOM   1075 N N   . VAL A 1 128 ? 7.749   -9.411  7.491   1.00 13.15  ? 128 VAL A N   1 
ATOM   1076 C CA  . VAL A 1 128 ? 8.398   -8.186  7.083   1.00 13.08  ? 128 VAL A CA  1 
ATOM   1077 C C   . VAL A 1 128 ? 7.385   -7.048  7.123   1.00 12.44  ? 128 VAL A C   1 
ATOM   1078 O O   . VAL A 1 128 ? 6.265   -7.194  6.605   1.00 12.85  ? 128 VAL A O   1 
ATOM   1079 C CB  . VAL A 1 128 ? 9.032   -8.257  5.677   1.00 13.08  ? 128 VAL A CB  1 
ATOM   1080 C CG1 . VAL A 1 128 ? 9.448   -6.831  5.229   1.00 14.80  ? 128 VAL A CG1 1 
ATOM   1081 C CG2 . VAL A 1 128 ? 10.210  -9.239  5.682   1.00 15.75  ? 128 VAL A CG2 1 
ATOM   1082 N N   . VAL A 1 129 ? 7.793   -5.921  7.663   1.00 12.03  ? 129 VAL A N   1 
ATOM   1083 C CA  . VAL A 1 129 ? 6.978   -4.720  7.742   1.00 12.67  ? 129 VAL A CA  1 
ATOM   1084 C C   . VAL A 1 129 ? 7.759   -3.588  7.090   1.00 12.35  ? 129 VAL A C   1 
ATOM   1085 O O   . VAL A 1 129 ? 8.849   -3.238  7.551   1.00 15.26  ? 129 VAL A O   1 
ATOM   1086 C CB  . VAL A 1 129 ? 6.695   -4.372  9.219   1.00 14.45  ? 129 VAL A CB  1 
ATOM   1087 C CG1 . VAL A 1 129 ? 5.886   -3.082  9.315   1.00 17.38  ? 129 VAL A CG1 1 
ATOM   1088 C CG2 . VAL A 1 129 ? 5.982   -5.503  9.926   1.00 15.01  ? 129 VAL A CG2 1 
ATOM   1089 N N   . CYS A 1 130 ? 7.151   -3.059  6.034   1.00 12.41  ? 130 CYS A N   1 
ATOM   1090 C CA  . CYS A 1 130 ? 7.665   -1.927  5.266   1.00 12.46  ? 130 CYS A CA  1 
ATOM   1091 C C   . CYS A 1 130 ? 6.885   -0.684  5.679   1.00 11.74  ? 130 CYS A C   1 
ATOM   1092 O O   . CYS A 1 130 ? 5.649   -0.731  5.831   1.00 12.94  ? 130 CYS A O   1 
ATOM   1093 C CB  . CYS A 1 130 ? 7.490   -2.229  3.772   1.00 13.04  ? 130 CYS A CB  1 
ATOM   1094 S SG  . CYS A 1 130 ? 7.581   -0.776  2.654   1.00 12.91  ? 130 CYS A SG  1 
ATOM   1095 N N   . THR A 1 131 ? 7.608   0.390   5.939   1.00 11.65  ? 131 THR A N   1 
ATOM   1096 C CA  . THR A 1 131 ? 7.008   1.669   6.332   1.00 11.55  ? 131 THR A CA  1 
ATOM   1097 C C   . THR A 1 131 ? 7.425   2.743   5.359   1.00 11.09  ? 131 THR A C   1 
ATOM   1098 O O   . THR A 1 131 ? 8.625   2.883   5.046   1.00 13.00  ? 131 THR A O   1 
ATOM   1099 C CB  . THR A 1 131 ? 7.500   2.096   7.724   1.00 12.86  ? 131 THR A CB  1 
ATOM   1100 O OG1 . THR A 1 131 ? 7.274   1.037   8.645   1.00 13.72  ? 131 THR A OG1 1 
ATOM   1101 C CG2 . THR A 1 131 ? 6.722   3.348   8.191   1.00 12.36  ? 131 THR A CG2 1 
ATOM   1102 N N   . LYS A 1 132 ? 6.492   3.535   4.851   1.00 10.45  ? 132 LYS A N   1 
ATOM   1103 C CA  . LYS A 1 132 ? 6.772   4.694   4.004   1.00 10.20  ? 132 LYS A CA  1 
ATOM   1104 C C   . LYS A 1 132 ? 6.060   5.873   4.662   1.00 10.21  ? 132 LYS A C   1 
ATOM   1105 O O   . LYS A 1 132 ? 4.912   5.738   5.122   1.00 12.31  ? 132 LYS A O   1 
ATOM   1106 C CB  . LYS A 1 132 ? 6.312   4.535   2.558   1.00 10.82  ? 132 LYS A CB  1 
ATOM   1107 C CG  . LYS A 1 132 ? 6.865   3.214   1.938   1.00 11.31  ? 132 LYS A CG  1 
ATOM   1108 C CD  . LYS A 1 132 ? 6.582   3.177   0.432   1.00 12.03  ? 132 LYS A CD  1 
ATOM   1109 C CE  . LYS A 1 132 ? 7.031   1.796   -0.079  1.00 13.21  ? 132 LYS A CE  1 
ATOM   1110 N NZ  . LYS A 1 132 ? 7.011   1.750   -1.549  1.00 14.46  ? 132 LYS A NZ  1 
ATOM   1111 N N   . VAL A 1 133 ? 6.717   7.030   4.691   1.00 9.09   ? 133 VAL A N   1 
ATOM   1112 C CA  . VAL A 1 133 ? 6.163   8.222   5.342   1.00 9.76   ? 133 VAL A CA  1 
ATOM   1113 C C   . VAL A 1 133 ? 6.081   9.339   4.353   1.00 8.59   ? 133 VAL A C   1 
ATOM   1114 O O   . VAL A 1 133 ? 7.022   9.486   3.551   1.00 9.75   ? 133 VAL A O   1 
ATOM   1115 C CB  . VAL A 1 133 ? 7.000   8.615   6.565   1.00 11.09  ? 133 VAL A CB  1 
ATOM   1116 C CG1 . VAL A 1 133 ? 6.326   9.763   7.310   1.00 12.40  ? 133 VAL A CG1 1 
ATOM   1117 C CG2 . VAL A 1 133 ? 7.216   7.417   7.498   1.00 12.58  ? 133 VAL A CG2 1 
ATOM   1118 N N   . TYR A 1 134 ? 5.030   10.112  4.390   1.00 9.65   ? 134 TYR A N   1 
ATOM   1119 C CA  . TYR A 1 134 ? 4.759   11.170  3.443   1.00 10.38  ? 134 TYR A CA  1 
ATOM   1120 C C   . TYR A 1 134 ? 4.313   12.458  4.125   1.00 9.70   ? 134 TYR A C   1 
ATOM   1121 O O   . TYR A 1 134 ? 3.707   12.447  5.241   1.00 10.61  ? 134 TYR A O   1 
ATOM   1122 C CB  . TYR A 1 134 ? 3.588   10.782  2.527   1.00 10.13  ? 134 TYR A CB  1 
ATOM   1123 C CG  . TYR A 1 134 ? 3.899   9.604   1.661   1.00 9.72   ? 134 TYR A CG  1 
ATOM   1124 C CD1 . TYR A 1 134 ? 3.837   8.297   2.128   1.00 10.58  ? 134 TYR A CD1 1 
ATOM   1125 C CD2 . TYR A 1 134 ? 4.245   9.814   0.333   1.00 10.38  ? 134 TYR A CD2 1 
ATOM   1126 C CE1 . TYR A 1 134 ? 4.117   7.216   1.313   1.00 11.50  ? 134 TYR A CE1 1 
ATOM   1127 C CE2 . TYR A 1 134 ? 4.556   8.724   -0.484  1.00 11.62  ? 134 TYR A CE2 1 
ATOM   1128 C CZ  . TYR A 1 134 ? 4.480   7.440   0.007   1.00 12.27  ? 134 TYR A CZ  1 
ATOM   1129 O OH  . TYR A 1 134 ? 4.821   6.374   -0.806  1.00 14.05  ? 134 TYR A OH  1 
ATOM   1130 N N   . VAL A 1 135 ? 4.559   13.581  3.424   1.00 10.56  ? 135 VAL A N   1 
ATOM   1131 C CA  . VAL A 1 135 ? 3.960   14.870  3.798   1.00 10.94  ? 135 VAL A CA  1 
ATOM   1132 C C   . VAL A 1 135 ? 3.214   15.445  2.613   1.00 10.43  ? 135 VAL A C   1 
ATOM   1133 O O   . VAL A 1 135 ? 3.479   15.119  1.470   1.00 11.90  ? 135 VAL A O   1 
ATOM   1134 C CB  . VAL A 1 135 ? 5.076   15.830  4.246   1.00 12.04  ? 135 VAL A CB  1 
ATOM   1135 C CG1 . VAL A 1 135 ? 5.790   15.281  5.466   1.00 16.92  ? 135 VAL A CG1 1 
ATOM   1136 C CG2 . VAL A 1 135 ? 6.009   16.051  3.090   1.00 16.00  ? 135 VAL A CG2 1 
ATOM   1137 N N   . ARG A 1 136 ? 2.229   16.321  2.838   1.00 11.43  ? 136 ARG A N   1 
ATOM   1138 C CA  A ARG A 1 136 ? 1.469   16.902  1.730   0.50 12.36  ? 136 ARG A CA  1 
ATOM   1139 C CA  B ARG A 1 136 ? 1.479   16.886  1.717   0.50 12.59  ? 136 ARG A CA  1 
ATOM   1140 C C   . ARG A 1 136 ? 2.320   17.894  0.929   1.00 12.60  ? 136 ARG A C   1 
ATOM   1141 O O   . ARG A 1 136 ? 3.006   18.738  1.560   1.00 16.47  ? 136 ARG A O   1 
ATOM   1142 C CB  A ARG A 1 136 ? 0.236   17.666  2.225   0.50 13.64  ? 136 ARG A CB  1 
ATOM   1143 C CB  B ARG A 1 136 ? 0.242   17.668  2.160   0.50 13.66  ? 136 ARG A CB  1 
ATOM   1144 C CG  A ARG A 1 136 ? -1.046  16.848  2.171   0.50 12.57  ? 136 ARG A CG  1 
ATOM   1145 C CG  B ARG A 1 136 ? -0.854  16.792  2.746   0.50 13.13  ? 136 ARG A CG  1 
ATOM   1146 C CD  A ARG A 1 136 ? -2.236  17.763  2.373   0.50 12.04  ? 136 ARG A CD  1 
ATOM   1147 C CD  B ARG A 1 136 ? -2.025  17.713  3.046   0.50 12.55  ? 136 ARG A CD  1 
ATOM   1148 N NE  A ARG A 1 136 ? -3.482  17.104  2.676   0.50 14.83  ? 136 ARG A NE  1 
ATOM   1149 N NE  B ARG A 1 136 ? -3.298  17.041  3.046   0.50 12.67  ? 136 ARG A NE  1 
ATOM   1150 C CZ  A ARG A 1 136 ? -4.270  17.334  3.719   0.50 14.25  ? 136 ARG A CZ  1 
ATOM   1151 C CZ  B ARG A 1 136 ? -3.999  16.686  4.102   0.50 13.28  ? 136 ARG A CZ  1 
ATOM   1152 N NH1 A ARG A 1 136 ? -3.994  18.225  4.658   0.50 16.53  ? 136 ARG A NH1 1 
ATOM   1153 N NH1 B ARG A 1 136 ? -3.506  16.934  5.300   0.50 17.36  ? 136 ARG A NH1 1 
ATOM   1154 N NH2 A ARG A 1 136 ? -5.399  16.646  3.856   0.50 17.49  ? 136 ARG A NH2 1 
ATOM   1155 N NH2 B ARG A 1 136 ? -5.173  16.075  4.008   0.50 13.80  ? 136 ARG A NH2 1 
ATOM   1156 N N   . GLU A 1 137 ? 2.254   17.827  -0.391  1.00 13.29  ? 137 GLU A N   1 
ATOM   1157 C CA  . GLU A 1 137 ? 2.867   18.859  -1.271  1.00 14.94  ? 137 GLU A CA  1 
ATOM   1158 C C   . GLU A 1 137 ? 1.928   20.079  -1.385  1.00 17.80  ? 137 GLU A C   1 
ATOM   1159 O O   . GLU A 1 137 ? 0.721   19.886  -1.625  1.00 22.32  ? 137 GLU A O   1 
ATOM   1160 C CB  . GLU A 1 137 ? 3.239   18.294  -2.655  1.00 18.95  ? 137 GLU A CB  1 
ATOM   1161 C CG  . GLU A 1 137 ? 3.918   19.245  -3.639  1.00 22.86  ? 137 GLU A CG  1 
ATOM   1162 C CD  . GLU A 1 137 ? 3.841   18.878  -5.110  1.00 19.92  ? 137 GLU A CD  1 
ATOM   1163 O OE1 . GLU A 1 137 ? 2.878   18.195  -5.555  1.00 23.17  ? 137 GLU A OE1 1 
ATOM   1164 O OE2 . GLU A 1 137 ? 4.845   19.279  -5.813  1.00 20.09  ? 137 GLU A OE2 1 
ATOM   1165 O OXT . GLU A 1 137 ? 2.304   21.259  -1.179  1.00 18.64  ? 137 GLU A OXT 1 
HETATM 1166 C CAF . LSR B 2 .   ? 6.045   1.438   -2.313  1.00 15.13  ? 138 LSR A CAF 1 
HETATM 1167 C CAE . LSR B 2 .   ? 4.708   1.398   -1.992  1.00 16.17  ? 138 LSR A CAE 1 
HETATM 1168 C CAD . LSR B 2 .   ? 3.720   1.020   -2.947  1.00 15.38  ? 138 LSR A CAD 1 
HETATM 1169 C CAA . LSR B 2 .   ? 4.119   0.657   -4.339  1.00 19.74  ? 138 LSR A CAA 1 
HETATM 1170 C CAC . LSR B 2 .   ? 2.395   0.971   -2.435  1.00 15.95  ? 138 LSR A CAC 1 
HETATM 1171 C CAB . LSR B 2 .   ? 1.295   0.811   -3.275  1.00 19.54  ? 138 LSR A CAB 1 
HETATM 1172 C CAK . LSR B 2 .   ? -0.075  0.981   -3.049  1.00 16.32  ? 138 LSR A CAK 1 
HETATM 1173 C CAJ . LSR B 2 .   ? -0.903  0.809   -4.102  1.00 20.14  ? 138 LSR A CAJ 1 
HETATM 1174 C CAI . LSR B 2 .   ? -0.465  0.399   -5.476  1.00 22.61  ? 138 LSR A CAI 1 
HETATM 1175 C CAN . LSR B 2 .   ? -2.392  0.890   -3.957  1.00 28.20  ? 138 LSR A CAN 1 
HETATM 1176 C CAO . LSR B 2 .   ? -2.615  2.101   -2.992  1.00 22.88  ? 138 LSR A CAO 1 
HETATM 1177 C CAP . LSR B 2 .   ? -2.227  1.405   -1.678  1.00 23.55  ? 138 LSR A CAP 1 
HETATM 1178 C CAL . LSR B 2 .   ? -0.696  1.336   -1.692  1.00 17.11  ? 138 LSR A CAL 1 
HETATM 1179 C CAH . LSR B 2 .   ? -0.268  0.352   -0.581  1.00 23.33  ? 138 LSR A CAH 1 
HETATM 1180 C CAM . LSR B 2 .   ? -0.261  2.742   -1.259  1.00 16.54  ? 138 LSR A CAM 1 
HETATM 1181 O O   . HOH C 3 .   ? 0.613   -6.747  -0.953  1.00 15.71  ? 139 HOH A O   1 
HETATM 1182 O O   . HOH C 3 .   ? 0.346   2.711   8.552   1.00 14.98  ? 140 HOH A O   1 
HETATM 1183 O O   . HOH C 3 .   ? 7.329   11.602  -3.654  1.00 15.99  ? 141 HOH A O   1 
HETATM 1184 O O   . HOH C 3 .   ? -12.771 -1.771  0.894   1.00 12.29  ? 142 HOH A O   1 
HETATM 1185 O O   . HOH C 3 .   ? 2.893   -14.605 -2.501  1.00 17.31  ? 143 HOH A O   1 
HETATM 1186 O O   . HOH C 3 .   ? -10.216 -9.239  1.355   1.00 16.58  ? 144 HOH A O   1 
HETATM 1187 O O   . HOH C 3 .   ? 9.456   -0.481  8.333   1.00 15.53  ? 145 HOH A O   1 
HETATM 1188 O O   . HOH C 3 .   ? 3.537   -0.809  -8.025  1.00 19.14  ? 146 HOH A O   1 
HETATM 1189 O O   . HOH C 3 .   ? -4.490  -9.419  4.856   1.00 16.84  ? 147 HOH A O   1 
HETATM 1190 O O   . HOH C 3 .   ? 0.761   9.768   -7.450  1.00 20.46  ? 148 HOH A O   1 
HETATM 1191 O O   . HOH C 3 .   ? 11.187  -0.998  -13.641 1.00 14.84  ? 149 HOH A O   1 
HETATM 1192 O O   . HOH C 3 .   ? 13.219  -13.868 -2.767  1.00 16.42  ? 150 HOH A O   1 
HETATM 1193 O O   . HOH C 3 .   ? 4.982   3.394   -9.228  1.00 14.43  ? 151 HOH A O   1 
HETATM 1194 O O   . HOH C 3 .   ? 0.820   -14.077 -0.601  1.00 23.19  ? 152 HOH A O   1 
HETATM 1195 O O   . HOH C 3 .   ? 5.122   -16.055 -1.755  1.00 16.26  ? 153 HOH A O   1 
HETATM 1196 O O   . HOH C 3 .   ? 5.874   -4.158  -6.125  1.00 20.51  ? 154 HOH A O   1 
HETATM 1197 O O   . HOH C 3 .   ? -1.260  17.924  -1.190  1.00 16.38  ? 155 HOH A O   1 
HETATM 1198 O O   . HOH C 3 .   ? -2.820  -12.230 2.203   1.00 20.94  ? 156 HOH A O   1 
HETATM 1199 O O   . HOH C 3 .   ? 0.445   19.031  -4.658  1.00 21.14  ? 157 HOH A O   1 
HETATM 1200 O O   . HOH C 3 .   ? -1.756  -16.186 -7.473  1.00 26.73  ? 158 HOH A O   1 
HETATM 1201 O O   . HOH C 3 .   ? 12.890  4.383   -12.358 1.00 21.54  ? 159 HOH A O   1 
HETATM 1202 O O   . HOH C 3 .   ? -12.847 -9.709  1.902   1.00 31.18  ? 160 HOH A O   1 
HETATM 1203 O O   . HOH C 3 .   ? 11.011  4.621   -6.797  1.00 22.29  ? 161 HOH A O   1 
HETATM 1204 O O   . HOH C 3 .   ? 10.541  -14.835 -8.371  1.00 21.80  ? 162 HOH A O   1 
HETATM 1205 O O   . HOH C 3 .   ? -4.954  -15.269 0.777   1.00 18.55  ? 163 HOH A O   1 
HETATM 1206 O O   . HOH C 3 .   ? 8.391   9.808   -5.510  1.00 19.58  ? 164 HOH A O   1 
HETATM 1207 O O   . HOH C 3 .   ? 9.028   -7.373  -11.394 1.00 21.41  ? 165 HOH A O   1 
HETATM 1208 O O   . HOH C 3 .   ? -5.374  -12.237 4.589   1.00 28.86  ? 166 HOH A O   1 
HETATM 1209 O O   . HOH C 3 .   ? 13.258  -10.236 3.123   1.00 21.54  ? 167 HOH A O   1 
HETATM 1210 O O   . HOH C 3 .   ? -10.969 14.922  1.932   1.00 19.12  ? 168 HOH A O   1 
HETATM 1211 O O   . HOH C 3 .   ? -4.797  16.227  -4.784  1.00 23.74  ? 169 HOH A O   1 
HETATM 1212 O O   . HOH C 3 .   ? 1.804   16.920  5.642   1.00 23.80  ? 170 HOH A O   1 
HETATM 1213 O O   A HOH C 3 .   ? 2.841   1.823   -8.461  0.50 11.99  ? 171 HOH A O   1 
HETATM 1214 O O   B HOH C 3 .   ? 3.505   2.222   -7.396  0.50 21.20  ? 171 HOH A O   1 
HETATM 1215 O O   . HOH C 3 .   ? -3.557  0.982   -12.229 1.00 22.10  ? 172 HOH A O   1 
HETATM 1216 O O   . HOH C 3 .   ? 4.213   -17.396 5.644   1.00 25.47  ? 173 HOH A O   1 
HETATM 1217 O O   . HOH C 3 .   ? 2.238   3.009   -15.610 1.00 25.55  ? 174 HOH A O   1 
HETATM 1218 O O   . HOH C 3 .   ? -4.214  -14.975 -7.059  1.00 22.24  ? 175 HOH A O   1 
HETATM 1219 O O   . HOH C 3 .   ? 4.857   0.825   10.078  1.00 20.32  ? 176 HOH A O   1 
HETATM 1220 O O   . HOH C 3 .   ? 7.060   -3.271  -14.703 1.00 28.54  ? 177 HOH A O   1 
HETATM 1221 O O   . HOH C 3 .   ? -13.459 13.289  2.905   1.00 19.99  ? 178 HOH A O   1 
HETATM 1222 O O   . HOH C 3 .   ? 12.469  0.730   1.232   1.00 21.93  ? 179 HOH A O   1 
HETATM 1223 O O   . HOH C 3 .   ? -1.309  -12.445 -0.325  1.00 23.47  ? 180 HOH A O   1 
HETATM 1224 O O   . HOH C 3 .   ? 11.011  -14.694 6.936   1.00 23.38  ? 181 HOH A O   1 
HETATM 1225 O O   . HOH C 3 .   ? -0.430  -3.287  7.108   1.00 23.97  ? 182 HOH A O   1 
HETATM 1226 O O   . HOH C 3 .   ? -16.526 -10.635 0.047   0.50 12.57  ? 183 HOH A O   1 
HETATM 1227 O O   . HOH C 3 .   ? -6.745  14.480  -4.423  1.00 21.62  ? 184 HOH A O   1 
HETATM 1228 O O   . HOH C 3 .   ? 2.120   -15.449 6.558   1.00 26.03  ? 185 HOH A O   1 
HETATM 1229 O O   . HOH C 3 .   ? 4.152   7.030   -14.300 1.00 32.81  ? 186 HOH A O   1 
HETATM 1230 O O   . HOH C 3 .   ? -2.169  -25.364 0.736   1.00 27.69  ? 187 HOH A O   1 
HETATM 1231 O O   . HOH C 3 .   ? -15.330 8.362   6.865   1.00 28.09  ? 188 HOH A O   1 
HETATM 1232 O O   . HOH C 3 .   ? 14.201  -0.476  8.756   1.00 27.30  ? 189 HOH A O   1 
HETATM 1233 O O   . HOH C 3 .   ? -10.738 -5.827  6.205   1.00 31.93  ? 190 HOH A O   1 
HETATM 1234 O O   . HOH C 3 .   ? -18.017 14.042  -5.527  1.00 27.59  ? 191 HOH A O   1 
HETATM 1235 O O   . HOH C 3 .   ? -13.035 6.164   -6.020  1.00 20.91  ? 192 HOH A O   1 
HETATM 1236 O O   . HOH C 3 .   ? -12.886 15.951  -3.420  1.00 29.39  ? 193 HOH A O   1 
HETATM 1237 O O   . HOH C 3 .   ? 4.687   -8.549  8.822   0.50 11.64  ? 194 HOH A O   1 
HETATM 1238 O O   . HOH C 3 .   ? -21.147 0.273   2.102   1.00 32.97  ? 195 HOH A O   1 
HETATM 1239 O O   . HOH C 3 .   ? 14.015  -1.242  -0.184  1.00 22.42  ? 196 HOH A O   1 
HETATM 1240 O O   . HOH C 3 .   ? 1.785   -5.028  -7.418  1.00 28.60  ? 197 HOH A O   1 
HETATM 1241 O O   . HOH C 3 .   ? 9.650   -13.621 -15.051 1.00 65.39  ? 198 HOH A O   1 
HETATM 1242 O O   A HOH C 3 .   ? 16.310  -1.354  -8.537  0.50 13.22  ? 199 HOH A O   1 
HETATM 1243 O O   B HOH C 3 .   ? 16.317  -1.478  -9.587  0.50 22.38  ? 199 HOH A O   1 
HETATM 1244 O O   . HOH C 3 .   ? 11.543  -8.445  9.964   1.00 27.97  ? 200 HOH A O   1 
HETATM 1245 O O   . HOH C 3 .   ? 1.086   -9.704  6.562   1.00 32.14  ? 201 HOH A O   1 
HETATM 1246 O O   . HOH C 3 .   ? -11.200 15.244  -1.603  1.00 30.91  ? 202 HOH A O   1 
HETATM 1247 O O   . HOH C 3 .   ? 5.454   -7.541  -8.202  1.00 28.37  ? 203 HOH A O   1 
HETATM 1248 O O   . HOH C 3 .   ? -14.647 0.039   8.994   1.00 23.55  ? 204 HOH A O   1 
HETATM 1249 O O   . HOH C 3 .   ? -7.908  8.335   -13.337 1.00 29.44  ? 205 HOH A O   1 
HETATM 1250 O O   . HOH C 3 .   ? -2.592  20.578  5.403   1.00 24.80  ? 206 HOH A O   1 
HETATM 1251 O O   . HOH C 3 .   ? 22.902  -5.434  -7.504  1.00 35.23  ? 207 HOH A O   1 
HETATM 1252 O O   . HOH C 3 .   ? -14.019 -0.546  -5.920  1.00 43.37  ? 208 HOH A O   1 
HETATM 1253 O O   . HOH C 3 .   ? 0.775   12.282  -7.421  1.00 31.05  ? 209 HOH A O   1 
HETATM 1254 O O   . HOH C 3 .   ? -10.365 5.583   17.104  1.00 30.49  ? 210 HOH A O   1 
HETATM 1255 O O   . HOH C 3 .   ? -6.380  6.165   14.906  1.00 34.50  ? 211 HOH A O   1 
HETATM 1256 O O   . HOH C 3 .   ? -14.543 -0.942  -2.803  1.00 14.49  ? 212 HOH A O   1 
HETATM 1257 O O   . HOH C 3 .   ? -12.729 -4.669  -8.219  1.00 46.79  ? 213 HOH A O   1 
HETATM 1258 O O   . HOH C 3 .   ? -9.062  -4.905  7.469   1.00 24.55  ? 214 HOH A O   1 
HETATM 1259 O O   . HOH C 3 .   ? 0.641   19.721  14.914  1.00 28.73  ? 215 HOH A O   1 
HETATM 1260 O O   . HOH C 3 .   ? -17.609 -5.902  -4.405  1.00 33.38  ? 216 HOH A O   1 
HETATM 1261 O O   . HOH C 3 .   ? -18.471 10.287  -1.060  1.00 27.96  ? 217 HOH A O   1 
HETATM 1262 O O   . HOH C 3 .   ? -4.278  13.929  12.091  1.00 26.56  ? 218 HOH A O   1 
HETATM 1263 O O   . HOH C 3 .   ? -5.146  -17.975 -0.125  1.00 27.54  ? 219 HOH A O   1 
HETATM 1264 O O   . HOH C 3 .   ? 15.151  -0.117  3.799   1.00 27.94  ? 220 HOH A O   1 
HETATM 1265 O O   . HOH C 3 .   ? -12.771 9.570   -3.600  1.00 26.88  ? 221 HOH A O   1 
HETATM 1266 O O   . HOH C 3 .   ? 4.709   -14.360 9.472   1.00 26.16  ? 222 HOH A O   1 
HETATM 1267 O O   . HOH C 3 .   ? -5.829  16.804  7.072   1.00 24.62  ? 223 HOH A O   1 
HETATM 1268 O O   . HOH C 3 .   ? 3.198   19.705  3.946   1.00 25.69  ? 224 HOH A O   1 
HETATM 1269 O O   . HOH C 3 .   ? 3.937   -5.433  -9.370  1.00 35.04  ? 225 HOH A O   1 
HETATM 1270 O O   . HOH C 3 .   ? -9.481  -0.362  -8.104  1.00 25.65  ? 226 HOH A O   1 
HETATM 1271 O O   . HOH C 3 .   ? -7.690  -2.284  -8.609  1.00 26.91  ? 227 HOH A O   1 
HETATM 1272 O O   . HOH C 3 .   ? 7.296   -15.106 -5.386  1.00 29.03  ? 228 HOH A O   1 
HETATM 1273 O O   . HOH C 3 .   ? -6.273  -8.049  -9.937  1.00 29.79  ? 229 HOH A O   1 
HETATM 1274 O O   . HOH C 3 .   ? 14.374  6.117   11.781  1.00 35.79  ? 230 HOH A O   1 
HETATM 1275 O O   . HOH C 3 .   ? 2.065   -11.135 8.070   1.00 33.34  ? 231 HOH A O   1 
HETATM 1276 O O   . HOH C 3 .   ? -6.484  12.187  12.753  1.00 36.54  ? 232 HOH A O   1 
HETATM 1277 O O   . HOH C 3 .   ? -1.374  16.750  6.549   1.00 27.58  ? 233 HOH A O   1 
HETATM 1278 O O   . HOH C 3 .   ? -15.177 -2.553  -5.693  1.00 31.38  ? 234 HOH A O   1 
HETATM 1279 O O   . HOH C 3 .   ? -7.024  -18.427 -3.155  1.00 29.25  ? 235 HOH A O   1 
HETATM 1280 O O   . HOH C 3 .   ? -2.446  -14.895 1.855   1.00 28.57  ? 236 HOH A O   1 
HETATM 1281 O O   . HOH C 3 .   ? 2.096   15.518  17.683  1.00 45.12  ? 237 HOH A O   1 
HETATM 1282 O O   . HOH C 3 .   ? -6.926  13.120  -7.006  1.00 25.64  ? 238 HOH A O   1 
HETATM 1283 O O   . HOH C 3 .   ? 4.692   22.160  -1.106  1.00 31.57  ? 239 HOH A O   1 
HETATM 1284 O O   . HOH C 3 .   ? -17.329 -0.554  -3.995  1.00 28.22  ? 240 HOH A O   1 
HETATM 1285 O O   . HOH C 3 .   ? -3.079  -18.237 1.406   1.00 30.99  ? 241 HOH A O   1 
HETATM 1286 O O   . HOH C 3 .   ? -17.238 4.480   8.349   1.00 28.99  ? 242 HOH A O   1 
HETATM 1287 O O   . HOH C 3 .   ? 10.848  7.582   -7.115  1.00 28.33  ? 243 HOH A O   1 
HETATM 1288 O O   . HOH C 3 .   ? -21.990 -1.144  3.864   1.00 49.48  ? 244 HOH A O   1 
HETATM 1289 O O   . HOH C 3 .   ? -5.106  -1.181  -9.494  1.00 40.57  ? 245 HOH A O   1 
HETATM 1290 O O   . HOH C 3 .   ? -14.068 -8.551  -5.283  1.00 35.89  ? 246 HOH A O   1 
HETATM 1291 O O   . HOH C 3 .   ? -8.615  -9.063  -10.476 1.00 37.62  ? 247 HOH A O   1 
HETATM 1292 O O   . HOH C 3 .   ? -2.787  -2.972  -6.575  1.00 28.90  ? 248 HOH A O   1 
HETATM 1293 O O   . HOH C 3 .   ? -12.010 7.503   10.087  1.00 32.52  ? 249 HOH A O   1 
HETATM 1294 O O   . HOH C 3 .   ? 3.870   -0.691  11.842  1.00 22.21  ? 250 HOH A O   1 
HETATM 1295 O O   . HOH C 3 .   ? 5.528   -4.009  13.426  1.00 25.26  ? 251 HOH A O   1 
HETATM 1296 O O   . HOH C 3 .   ? -7.275  -6.621  8.405   1.00 23.80  ? 252 HOH A O   1 
HETATM 1297 O O   . HOH C 3 .   ? -4.921  -8.116  7.261   1.00 28.62  ? 253 HOH A O   1 
HETATM 1298 O O   . HOH C 3 .   ? -11.671 8.034   -9.654  1.00 30.85  ? 254 HOH A O   1 
HETATM 1299 O O   . HOH C 3 .   ? -3.637  15.238  9.458   1.00 30.74  ? 255 HOH A O   1 
HETATM 1300 O O   . HOH C 3 .   ? 0.138   -3.550  9.887   1.00 26.22  ? 256 HOH A O   1 
HETATM 1301 O O   . HOH C 3 .   ? 4.194   -2.339  -5.789  1.00 25.90  ? 257 HOH A O   1 
HETATM 1302 O O   . HOH C 3 .   ? -0.406  -14.966 -9.526  1.00 28.17  ? 258 HOH A O   1 
HETATM 1303 O O   . HOH C 3 .   ? 7.671   10.642  -7.881  1.00 34.87  ? 259 HOH A O   1 
HETATM 1304 O O   . HOH C 3 .   ? -3.735  -4.706  14.995  1.00 30.36  ? 260 HOH A O   1 
HETATM 1305 O O   . HOH C 3 .   ? 2.086   -14.058 8.657   1.00 33.53  ? 261 HOH A O   1 
HETATM 1306 O O   . HOH C 3 .   ? -6.858  -4.336  12.308  1.00 30.36  ? 262 HOH A O   1 
HETATM 1307 O O   . HOH C 3 .   ? -5.384  1.539   15.860  1.00 31.94  ? 263 HOH A O   1 
HETATM 1308 O O   . HOH C 3 .   ? 20.724  -3.269  -10.323 1.00 41.35  ? 264 HOH A O   1 
HETATM 1309 O O   . HOH C 3 .   ? 7.498   -8.804  -9.454  1.00 34.64  ? 265 HOH A O   1 
HETATM 1310 O O   . HOH C 3 .   ? 3.624   -19.582 3.413   1.00 29.13  ? 266 HOH A O   1 
HETATM 1311 O O   . HOH C 3 .   ? -13.557 9.079   -5.897  1.00 44.75  ? 267 HOH A O   1 
HETATM 1312 O O   . HOH C 3 .   ? -22.065 2.348   -0.516  1.00 31.03  ? 268 HOH A O   1 
HETATM 1313 O O   . HOH C 3 .   ? 2.842   -7.711  10.774  1.00 36.72  ? 269 HOH A O   1 
HETATM 1314 O O   . HOH C 3 .   ? -12.350 10.076  -8.468  1.00 30.74  ? 270 HOH A O   1 
HETATM 1315 O O   . HOH C 3 .   ? 15.118  -8.902  3.612   1.00 40.17  ? 271 HOH A O   1 
HETATM 1316 O O   . HOH C 3 .   ? -15.565 -12.415 -3.312  0.50 24.75  ? 272 HOH A O   1 
HETATM 1317 O O   . HOH C 3 .   ? -5.144  12.052  -11.057 1.00 44.95  ? 273 HOH A O   1 
HETATM 1318 O O   . HOH C 3 .   ? 9.784   13.905  -11.654 1.00 37.53  ? 274 HOH A O   1 
HETATM 1319 O O   . HOH C 3 .   ? -14.126 6.345   10.915  1.00 31.01  ? 275 HOH A O   1 
HETATM 1320 O O   . HOH C 3 .   ? -1.673  7.086   13.660  1.00 34.62  ? 276 HOH A O   1 
HETATM 1321 O O   . HOH C 3 .   ? -16.030 -1.406  7.357   1.00 36.79  ? 277 HOH A O   1 
HETATM 1322 O O   . HOH C 3 .   ? 2.901   17.005  -7.882  1.00 26.39  ? 278 HOH A O   1 
HETATM 1323 O O   . HOH C 3 .   ? -4.372  -3.316  -9.099  1.00 38.40  ? 279 HOH A O   1 
HETATM 1324 O O   . HOH C 3 .   ? -9.276  15.659  -3.603  1.00 38.62  ? 280 HOH A O   1 
HETATM 1325 O O   . HOH C 3 .   ? 6.781   -11.257 -8.675  1.00 33.48  ? 281 HOH A O   1 
HETATM 1326 O O   . HOH C 3 .   ? 5.317   -14.108 -6.190  1.00 35.14  ? 282 HOH A O   1 
HETATM 1327 O O   . HOH C 3 .   ? -17.955 10.479  -3.732  1.00 35.82  ? 283 HOH A O   1 
HETATM 1328 O O   . HOH C 3 .   ? -10.000 1.325   -10.123 1.00 33.71  ? 284 HOH A O   1 
HETATM 1329 O O   . HOH C 3 .   ? -2.170  18.936  7.670   1.00 36.40  ? 285 HOH A O   1 
HETATM 1330 O O   . HOH C 3 .   ? 6.970   11.479  -9.984  1.00 49.76  ? 286 HOH A O   1 
HETATM 1331 O O   . HOH C 3 .   ? -0.135  -3.365  -8.241  1.00 35.19  ? 287 HOH A O   1 
HETATM 1332 O O   . HOH C 3 .   ? -10.514 -16.698 -5.324  1.00 48.85  ? 288 HOH A O   1 
HETATM 1333 O O   . HOH C 3 .   ? -10.952 11.750  7.220   1.00 29.75  ? 289 HOH A O   1 
HETATM 1334 O O   . HOH C 3 .   ? -2.100  -2.561  10.537  1.00 38.51  ? 290 HOH A O   1 
HETATM 1335 O O   . HOH C 3 .   ? 8.139   12.123  -12.113 1.00 36.99  ? 291 HOH A O   1 
HETATM 1336 O O   . HOH C 3 .   ? -11.422 -12.457 6.724   1.00 42.73  ? 292 HOH A O   1 
HETATM 1337 O O   . HOH C 3 .   ? -10.816 10.602  18.868  1.00 61.32  ? 293 HOH A O   1 
HETATM 1338 O O   . HOH C 3 .   ? -8.068  6.951   17.913  1.00 32.71  ? 294 HOH A O   1 
HETATM 1339 O O   . HOH C 3 .   ? 5.784   22.085  -5.312  1.00 32.58  ? 295 HOH A O   1 
HETATM 1340 O O   . HOH C 3 .   ? -12.245 13.807  15.202  1.00 37.52  ? 296 HOH A O   1 
HETATM 1341 O O   . HOH C 3 .   ? -13.124 -10.863 -6.384  1.00 39.05  ? 297 HOH A O   1 
HETATM 1342 O O   . HOH C 3 .   ? -2.232  -2.389  12.821  1.00 44.86  ? 298 HOH A O   1 
HETATM 1343 O O   . HOH C 3 .   ? -18.633 7.327   0.560   1.00 41.43  ? 299 HOH A O   1 
HETATM 1344 O O   . HOH C 3 .   ? 18.558  -8.257  -1.171  1.00 42.86  ? 300 HOH A O   1 
HETATM 1345 O O   . HOH C 3 .   ? -19.011 11.716  -5.352  1.00 42.16  ? 301 HOH A O   1 
HETATM 1346 O O   . HOH C 3 .   ? -6.959  -21.785 -4.866  1.00 53.41  ? 302 HOH A O   1 
HETATM 1347 O O   . HOH C 3 .   ? 15.550  9.431   -2.144  1.00 35.72  ? 303 HOH A O   1 
HETATM 1348 O O   . HOH C 3 .   ? 0.648   -0.750  -12.491 1.00 42.20  ? 304 HOH A O   1 
HETATM 1349 O O   . HOH C 3 .   ? -5.811  10.243  13.765  1.00 47.03  ? 305 HOH A O   1 
HETATM 1350 O O   . HOH C 3 .   ? -7.505  4.751   18.918  1.00 44.54  ? 306 HOH A O   1 
HETATM 1351 O O   . HOH C 3 .   ? -5.925  -6.435  10.885  1.00 33.81  ? 307 HOH A O   1 
HETATM 1352 O O   . HOH C 3 .   ? -9.658  5.505   -11.385 1.00 42.51  ? 308 HOH A O   1 
HETATM 1353 O O   . HOH C 3 .   ? 22.421  -1.635  -10.675 1.00 30.93  ? 309 HOH A O   1 
HETATM 1354 O O   . HOH C 3 .   ? -24.135 2.967   0.275   1.00 40.24  ? 310 HOH A O   1 
HETATM 1355 O O   . HOH C 3 .   ? -3.122  -5.226  10.850  1.00 32.75  ? 311 HOH A O   1 
HETATM 1356 O O   . HOH C 3 .   ? -13.612 14.856  16.985  1.00 50.25  ? 312 HOH A O   1 
HETATM 1357 O O   . HOH C 3 .   ? 2.447   -3.275  11.429  1.00 36.27  ? 313 HOH A O   1 
HETATM 1358 O O   . HOH C 3 .   ? 3.298   -4.932  12.765  1.00 42.73  ? 314 HOH A O   1 
HETATM 1359 O O   . HOH C 3 .   ? 9.434   -14.331 12.211  1.00 43.38  ? 315 HOH A O   1 
HETATM 1360 O O   . HOH C 3 .   ? -9.088  12.361  -8.981  1.00 47.66  ? 316 HOH A O   1 
HETATM 1361 O O   . HOH C 3 .   ? 17.428  -4.377  0.168   1.00 44.94  ? 317 HOH A O   1 
HETATM 1362 O O   . HOH C 3 .   ? -14.240 -12.236 5.558   1.00 42.99  ? 318 HOH A O   1 
HETATM 1363 O O   . HOH C 3 .   ? 1.598   -8.880  -11.794 1.00 46.03  ? 319 HOH A O   1 
HETATM 1364 O O   . HOH C 3 .   ? -5.968  5.737   -15.849 1.00 33.19  ? 320 HOH A O   1 
HETATM 1365 O O   . HOH C 3 .   ? 2.339   -3.034  -11.635 1.00 42.20  ? 321 HOH A O   1 
HETATM 1366 O O   . HOH C 3 .   ? -1.753  -1.060  -12.662 1.00 45.81  ? 322 HOH A O   1 
HETATM 1367 O O   . HOH C 3 .   ? 16.821  -1.025  9.766   1.00 35.72  ? 323 HOH A O   1 
HETATM 1368 O O   . HOH C 3 .   ? -11.259 -8.506  10.152  1.00 42.43  ? 324 HOH A O   1 
HETATM 1369 O O   . HOH C 3 .   ? -18.590 2.255   -4.574  1.00 58.72  ? 325 HOH A O   1 
HETATM 1370 O O   . HOH C 3 .   ? 8.086   -13.878 -7.858  1.00 40.59  ? 326 HOH A O   1 
HETATM 1371 O O   . HOH C 3 .   ? 1.118   9.348   -13.299 1.00 49.59  ? 327 HOH A O   1 
HETATM 1372 O O   . HOH C 3 .   ? -1.352  -5.194  13.990  1.00 38.16  ? 328 HOH A O   1 
HETATM 1373 O O   . HOH C 3 .   ? 11.833  -14.291 -13.649 1.00 34.48  ? 329 HOH A O   1 
HETATM 1374 O O   . HOH C 3 .   ? 2.526   -15.547 -8.770  1.00 51.45  ? 330 HOH A O   1 
HETATM 1375 O O   . HOH C 3 .   ? 6.083   19.463  0.880   1.00 41.49  ? 331 HOH A O   1 
HETATM 1376 O O   . HOH C 3 .   ? -1.473  -10.185 -11.505 1.00 33.74  ? 332 HOH A O   1 
HETATM 1377 O O   . HOH C 3 .   ? 16.938  1.947   6.181   1.00 58.34  ? 333 HOH A O   1 
HETATM 1378 O O   . HOH C 3 .   ? 6.262   -13.994 -10.421 1.00 49.31  ? 334 HOH A O   1 
HETATM 1379 O O   . HOH C 3 .   ? -1.574  -8.262  9.583   1.00 60.81  ? 335 HOH A O   1 
HETATM 1380 O O   . HOH C 3 .   ? -1.317  -5.552  8.933   1.00 41.97  ? 336 HOH A O   1 
HETATM 1381 O O   . HOH C 3 .   ? 17.401  -7.176  0.486   1.00 44.69  ? 337 HOH A O   1 
HETATM 1382 O O   . HOH C 3 .   ? -18.054 0.670   6.578   1.00 48.18  ? 338 HOH A O   1 
HETATM 1383 O O   . HOH C 3 .   ? -0.927  -18.216 5.241   1.00 63.47  ? 339 HOH A O   1 
HETATM 1384 O O   . HOH C 3 .   ? -4.018  12.666  16.285  1.00 47.45  ? 340 HOH A O   1 
HETATM 1385 O O   . HOH C 3 .   ? 20.050  -2.965  -7.561  1.00 43.39  ? 341 HOH A O   1 
HETATM 1386 O O   . HOH C 3 .   ? -21.095 6.682   -1.754  1.00 47.30  ? 342 HOH A O   1 
HETATM 1387 O O   . HOH C 3 .   ? 10.380  8.643   -9.736  1.00 31.54  ? 343 HOH A O   1 
HETATM 1388 O O   . HOH C 3 .   ? -0.554  9.893   -15.832 1.00 67.73  ? 344 HOH A O   1 
HETATM 1389 O O   . HOH C 3 .   ? -14.751 -12.230 -1.173  0.50 21.31  ? 345 HOH A O   1 
HETATM 1390 O O   . HOH C 3 .   ? -9.310  -4.528  10.485  1.00 35.64  ? 346 HOH A O   1 
HETATM 1391 O O   . HOH C 3 .   ? 6.469   11.187  10.730  0.50 14.31  ? 347 HOH A O   1 
HETATM 1392 O O   . HOH C 3 .   ? 1.234   12.920  -5.061  1.00 27.13  ? 348 HOH A O   1 
HETATM 1393 O O   . HOH C 3 .   ? 1.916   -5.925  1.347   1.00 19.62  ? 349 HOH A O   1 
HETATM 1394 O O   . HOH C 3 .   ? -2.445  -1.974  -4.426  1.00 38.44  ? 350 HOH A O   1 
HETATM 1395 O O   . HOH C 3 .   ? 1.646   -2.042  -9.421  1.00 37.40  ? 351 HOH A O   1 
HETATM 1396 O O   . HOH C 3 .   ? -3.744  15.176  7.060   1.00 27.98  ? 352 HOH A O   1 
HETATM 1397 O O   . HOH C 3 .   ? 10.798  12.616  -2.026  1.00 37.71  ? 353 HOH A O   1 
HETATM 1398 O O   . HOH C 3 .   ? 16.092  -1.971  -2.492  1.00 38.66  ? 354 HOH A O   1 
HETATM 1399 O O   . HOH C 3 .   ? -15.202 14.779  -6.396  1.00 43.61  ? 355 HOH A O   1 
HETATM 1400 O O   . HOH C 3 .   ? -18.297 2.380   4.483   1.00 35.96  ? 356 HOH A O   1 
HETATM 1401 O O   . HOH C 3 .   ? 8.317   -8.029  12.565  1.00 51.60  ? 357 HOH A O   1 
HETATM 1402 O O   . HOH C 3 .   ? 9.497   13.421  -3.767  1.00 47.28  ? 358 HOH A O   1 
HETATM 1403 O O   . HOH C 3 .   ? 12.145  2.267   -0.756  1.00 31.69  ? 359 HOH A O   1 
HETATM 1404 O O   . HOH C 3 .   ? -17.808 -5.849  4.756   1.00 24.83  ? 360 HOH A O   1 
HETATM 1405 O O   . HOH C 3 .   ? -19.807 -2.471  4.406   1.00 36.96  ? 361 HOH A O   1 
HETATM 1406 O O   . HOH C 3 .   ? 3.452   -17.829 -2.591  1.00 43.62  ? 362 HOH A O   1 
HETATM 1407 O O   . HOH C 3 .   ? 8.049   19.174  2.146   1.00 41.29  ? 363 HOH A O   1 
HETATM 1408 O O   . HOH C 3 .   ? 0.228   -1.244  12.818  1.00 38.86  ? 364 HOH A O   1 
HETATM 1409 O O   . HOH C 3 .   ? 2.748   22.000  0.950   1.00 66.03  ? 365 HOH A O   1 
HETATM 1410 O O   . HOH C 3 .   ? -4.134  16.089  -7.394  1.00 35.84  ? 366 HOH A O   1 
HETATM 1411 O O   . HOH C 3 .   ? 3.391   -13.155 -9.108  1.00 39.41  ? 367 HOH A O   1 
HETATM 1412 O O   . HOH C 3 .   ? -4.038  2.660   -13.710 1.00 49.20  ? 368 HOH A O   1 
HETATM 1413 O O   . HOH C 3 .   ? 15.892  7.815   11.635  1.00 39.57  ? 369 HOH A O   1 
HETATM 1414 O O   . HOH C 3 .   ? -14.514 4.278   -4.530  1.00 47.42  ? 370 HOH A O   1 
HETATM 1415 O O   . HOH C 3 .   ? -14.149 -0.991  11.487  1.00 48.12  ? 371 HOH A O   1 
HETATM 1416 O O   . HOH C 3 .   ? 1.801   -2.556  -3.693  1.00 46.21  ? 372 HOH A O   1 
HETATM 1417 O O   . HOH C 3 .   ? 0.683   -3.606  -1.947  1.00 36.80  ? 373 HOH A O   1 
HETATM 1418 O O   A HOH C 3 .   ? -1.844  -3.487  -2.806  0.50 19.21  ? 374 HOH A O   1 
HETATM 1419 O O   B HOH C 3 .   ? -1.357  -4.298  -2.865  0.50 21.94  ? 374 HOH A O   1 
HETATM 1420 O O   . HOH C 3 .   ? 17.404  -2.733  -6.544  1.00 30.45  ? 375 HOH A O   1 
HETATM 1421 O O   . HOH C 3 .   ? -4.004  -14.364 4.331   1.00 40.41  ? 376 HOH A O   1 
HETATM 1422 O O   . HOH C 3 .   ? 10.642  4.394   -9.724  1.00 35.03  ? 377 HOH A O   1 
HETATM 1423 O O   . HOH C 3 .   ? -15.674 10.491  -5.454  1.00 45.85  ? 378 HOH A O   1 
HETATM 1424 O O   . HOH C 3 .   ? 5.458   -11.300 -11.318 1.00 49.47  ? 379 HOH A O   1 
HETATM 1425 O O   . HOH C 3 .   ? 9.564   -15.931 -11.119 1.00 43.76  ? 380 HOH A O   1 
HETATM 1426 O O   . HOH C 3 .   ? -6.485  -13.717 3.230   1.00 49.17  ? 381 HOH A O   1 
HETATM 1427 O O   . HOH C 3 .   ? -5.812  -25.935 -0.243  1.00 55.27  ? 382 HOH A O   1 
HETATM 1428 O O   . HOH C 3 .   ? 11.418  19.308  -1.975  1.00 81.80  ? 383 HOH A O   1 
HETATM 1429 O O   . HOH C 3 .   ? -4.629  7.835   12.819  1.00 32.90  ? 384 HOH A O   1 
HETATM 1430 O O   . HOH C 3 .   ? -17.723 -8.529  -4.739  1.00 74.63  ? 385 HOH A O   1 
HETATM 1431 O O   . HOH C 3 .   ? -18.349 4.693   -3.555  1.00 47.12  ? 386 HOH A O   1 
HETATM 1432 O O   . HOH C 3 .   ? -11.443 -3.019  11.675  1.00 37.58  ? 387 HOH A O   1 
HETATM 1433 O O   . HOH C 3 .   ? -8.577  -8.470  8.800   1.00 49.86  ? 388 HOH A O   1 
HETATM 1434 O O   . HOH C 3 .   ? -6.466  0.339   -12.321 1.00 49.00  ? 389 HOH A O   1 
HETATM 1435 O O   . HOH C 3 .   ? 0.922   11.241  -11.095 1.00 38.95  ? 390 HOH A O   1 
HETATM 1436 O O   . HOH C 3 .   ? -3.975  6.369   15.257  1.00 48.52  ? 391 HOH A O   1 
HETATM 1437 O O   . HOH C 3 .   ? -12.756 -10.209 5.604   1.00 45.15  ? 392 HOH A O   1 
HETATM 1438 O O   . HOH C 3 .   ? 4.293   6.606   -16.644 1.00 46.56  ? 393 HOH A O   1 
HETATM 1439 O O   . HOH C 3 .   ? -3.824  -27.443 1.860   1.00 46.81  ? 394 HOH A O   1 
HETATM 1440 O O   . HOH C 3 .   ? -4.267  16.203  13.569  1.00 38.16  ? 395 HOH A O   1 
HETATM 1441 O O   . HOH C 3 .   ? 11.253  20.833  -3.678  1.00 65.01  ? 396 HOH A O   1 
HETATM 1442 O O   . HOH C 3 .   ? -1.423  -8.282  -13.951 1.00 40.66  ? 397 HOH A O   1 
HETATM 1443 O O   . HOH C 3 .   ? -12.148 13.987  9.545   1.00 53.29  ? 398 HOH A O   1 
HETATM 1444 O O   . HOH C 3 .   ? 4.318   -11.753 11.338  1.00 47.09  ? 399 HOH A O   1 
HETATM 1445 O O   . HOH C 3 .   ? 5.936   -16.769 -7.493  1.00 70.99  ? 400 HOH A O   1 
HETATM 1446 O O   . HOH C 3 .   ? 0.568   -11.706 9.839   1.00 55.34  ? 401 HOH A O   1 
HETATM 1447 O O   . HOH C 3 .   ? -7.852  12.583  -11.619 1.00 45.46  ? 402 HOH A O   1 
HETATM 1448 O O   . HOH C 3 .   ? -9.561  -6.733  11.428  1.00 50.00  ? 403 HOH A O   1 
HETATM 1449 O O   . HOH C 3 .   ? -7.892  3.856   -13.228 1.00 41.30  ? 404 HOH A O   1 
HETATM 1450 O O   . HOH C 3 .   ? -9.528  14.421  14.288  1.00 44.98  ? 405 HOH A O   1 
HETATM 1451 O O   . HOH C 3 .   ? 16.458  -5.362  5.748   1.00 97.73  ? 406 HOH A O   1 
HETATM 1452 O O   . HOH C 3 .   ? 15.119  2.103   -3.261  1.00 56.34  ? 407 HOH A O   1 
HETATM 1453 O O   . HOH C 3 .   ? -0.097  -20.514 3.329   1.00 62.81  ? 408 HOH A O   1 
HETATM 1454 O O   . HOH C 3 .   ? 12.675  17.384  -1.963  1.00 47.54  ? 409 HOH A O   1 
HETATM 1455 O O   . HOH C 3 .   ? -0.381  19.254  5.626   1.00 56.36  ? 410 HOH A O   1 
HETATM 1456 O O   . HOH C 3 .   ? 1.081   -4.989  -13.010 1.00 67.42  ? 411 HOH A O   1 
HETATM 1457 O O   . HOH C 3 .   ? -20.691 8.984   -1.216  1.00 43.28  ? 412 HOH A O   1 
HETATM 1458 O O   . HOH C 3 .   ? -9.420  -3.400  -10.915 1.00 48.25  ? 413 HOH A O   1 
HETATM 1459 O O   . HOH C 3 .   ? 5.557   23.851  -3.211  1.00 45.65  ? 414 HOH A O   1 
HETATM 1460 O O   . HOH C 3 .   ? -3.277  9.803   -13.456 1.00 50.29  ? 415 HOH A O   1 
HETATM 1461 O O   . HOH C 3 .   ? 5.395   10.606  -16.287 1.00 66.26  ? 416 HOH A O   1 
HETATM 1462 O O   . HOH C 3 .   ? -3.283  10.504  17.152  1.00 61.61  ? 417 HOH A O   1 
HETATM 1463 O O   . HOH C 3 .   ? -1.490  -2.873  -11.070 1.00 71.48  ? 418 HOH A O   1 
HETATM 1464 O O   . HOH C 3 .   ? 12.494  8.979   -6.192  1.00 66.07  ? 419 HOH A O   1 
HETATM 1465 O O   . HOH C 3 .   ? 18.478  0.986   8.677   1.00 75.97  ? 420 HOH A O   1 
HETATM 1466 O O   . HOH C 3 .   ? -22.565 2.035   2.460   1.00 73.58  ? 421 HOH A O   1 
HETATM 1467 O O   . HOH C 3 .   ? 12.871  9.931   -2.293  1.00 50.82  ? 422 HOH A O   1 
HETATM 1468 O O   . HOH C 3 .   ? -2.893  -24.612 3.032   1.00 61.51  ? 423 HOH A O   1 
HETATM 1469 O O   . HOH C 3 .   ? -1.175  -5.260  -13.344 1.00 75.55  ? 424 HOH A O   1 
HETATM 1470 O O   . HOH C 3 .   ? -0.158  -3.430  -5.119  1.00 106.97 ? 425 HOH A O   1 
HETATM 1471 O O   . HOH C 3 .   ? 9.236   11.187  -9.817  1.00 62.36  ? 426 HOH A O   1 
HETATM 1472 O O   . HOH C 3 .   ? -10.994 11.715  9.934   1.00 58.86  ? 427 HOH A O   1 
HETATM 1473 O O   . HOH C 3 .   ? -14.105 10.436  7.496   1.00 77.90  ? 428 HOH A O   1 
HETATM 1474 O O   . HOH C 3 .   ? -10.197 -20.825 -6.793  1.00 76.41  ? 429 HOH A O   1 
HETATM 1475 O O   . HOH C 3 .   ? -7.995  14.712  -8.257  1.00 52.08  ? 430 HOH A O   1 
HETATM 1476 O O   . HOH C 3 .   ? 7.916   20.456  -1.860  1.00 69.42  ? 431 HOH A O   1 
HETATM 1477 O O   . HOH C 3 .   ? -15.965 -4.294  -7.566  1.00 99.14  ? 432 HOH A O   1 
HETATM 1478 O O   . HOH C 3 .   ? -2.829  3.079   -6.542  1.00 57.91  ? 433 HOH A O   1 
HETATM 1479 O O   . HOH C 3 .   ? 11.001  -17.101 -12.975 1.00 74.51  ? 434 HOH A O   1 
HETATM 1480 O O   . HOH C 3 .   ? 2.851   17.814  8.857   1.00 62.08  ? 435 HOH A O   1 
HETATM 1481 O O   . HOH C 3 .   ? -0.793  -7.586  12.895  1.00 50.00  ? 436 HOH A O   1 
HETATM 1482 O O   . HOH C 3 .   ? -1.222  16.196  -9.198  1.00 50.00  ? 437 HOH A O   1 
HETATM 1483 O O   . HOH C 3 .   ? -20.679 4.867   -3.501  1.00 50.00  ? 438 HOH A O   1 
HETATM 1484 O O   . HOH C 3 .   ? 17.238  -13.488 -10.522 1.00 50.00  ? 439 HOH A O   1 
HETATM 1485 O O   . HOH C 3 .   ? 18.281  -1.087  5.964   1.00 50.00  ? 440 HOH A O   1 
HETATM 1486 O O   . HOH C 3 .   ? 17.715  -5.886  -6.161  1.00 50.00  ? 441 HOH A O   1 
HETATM 1487 O O   . HOH C 3 .   ? 8.005   -6.430  14.287  1.00 50.00  ? 442 HOH A O   1 
HETATM 1488 O O   . HOH C 3 .   ? -2.236  -16.694 4.029   1.00 50.00  ? 443 HOH A O   1 
HETATM 1489 O O   . HOH C 3 .   ? 15.718  -2.706  5.366   1.00 50.00  ? 444 HOH A O   1 
HETATM 1490 O O   . HOH C 3 .   ? 1.502   -0.513  -14.923 1.00 50.00  ? 445 HOH A O   1 
HETATM 1491 O O   . HOH C 3 .   ? 6.984   12.268  -14.234 1.00 50.00  ? 446 HOH A O   1 
HETATM 1492 O O   . HOH C 3 .   ? -7.598  12.678  15.392  1.00 50.00  ? 447 HOH A O   1 
HETATM 1493 O O   . HOH C 3 .   ? -1.652  -15.600 8.847   1.00 50.00  ? 448 HOH A O   1 
# 
